data_3AUJ
#
_entry.id   3AUJ
#
_cell.length_a   190.610
_cell.length_b   196.800
_cell.length_c   77.360
_cell.angle_alpha   90.00
_cell.angle_beta   95.03
_cell.angle_gamma   90.00
#
_symmetry.space_group_name_H-M   'C 1 2 1'
#
loop_
_entity.id
_entity.type
_entity.pdbx_description
1 polymer 'Diol dehydrase alpha subunit'
2 polymer 'Diol dehydrase beta subunit'
3 polymer 'Diol dehydrase gamma subunit'
4 non-polymer GLYCEROL
5 non-polymer 'CALCIUM ION'
6 non-polymer 'PHOSPHATE ION'
7 non-polymer COBALAMIN
8 water water
#
loop_
_entity_poly.entity_id
_entity_poly.type
_entity_poly.pdbx_seq_one_letter_code
_entity_poly.pdbx_strand_id
1 'polypeptide(L)'
;MRSKRFEALAKRPVNQDGFVKEWIEEGFIAMESPNDPKPSIKIVNGAVTELDGKPVSDFDLIDHFIARYGINLNRAEEVM
AMDSVKLANMLCDPNVKRSEIVPLTTAMTPAKIVEVVSHMNVVEMMMAMQKMRARRTPSQQAHVTNVKDNPVQIAADAAE
GAWRGFDEQETTVAVARYAPFNAIALLVGSQVGRPGVLTQCSLEEATELKLGMLGHTCYAETISVYGTEPVFTDGDDTPW
SKGFLASSYASRGLKMRFTSGSGSEVQMGYAEGKSMLYLEARCIYITKAAGVQGLQNGSVSCIGVPSAVPSGIRAVLAEN
LICSSLDLECASSNDQTFTHSDMRRTARLLMQFLPGTDFISSGYSAVPNYDNMFAGSNEDAEDFDDYNVIQRDLKVDGGL
RPVREEDVIAIRNKAARALQAVFAGMGLPPITDEEVEAATYAHGSKDMPERNIVEDIKFAQEIINKNRNGLEVVKALAQG
GFTDVAQDMLNIQKAKLTGDYLHTSAIIVGDGQVLSAVNDVNDYAGPATGYRLQGERWEEIKNIPGALDPNEID
;
A,L
2 'polypeptide(L)'
;MEINEKLLRQIIEDVLSEMKGSDKPVSFNAPAASAAPQATPPAGDGFLTEVGEARQGTQQDEVIIAVGPAFGLAQTVNIV
GIPHKSILREVIAGIEEEGIKARVIRCFKSSDVAFVAVEGNRLSGSGISIGIQSKGTTVIHQQGLPPLSNLELFPQAPLL
TLETYRQIGKNAARYAKRESPQPVPTLNDQMARPKYQAKSAILHIKETKYVVTGKNPQELRVAL
;
B,E
3 'polypeptide(L)'
;MNTDAIESMVRDVLSRMNSLQGEAPAAAPAAGGASRSARVSDYPLANKHPEWVKTATNKTLDDFTLENVLSNKVTAQDMR
ITPETLRLQASIAKDAGRDRLAMNFERAAELTAVPDDRILEIYNALRPYRSTKEELLAIADDLESRYQAKICAAFVREAA
TLYVERKKLKGDD
;
G,M
#
loop_
_chem_comp.id
_chem_comp.type
_chem_comp.name
_chem_comp.formula
B12 non-polymer COBALAMIN 'C62 H89 Co N13 O14 P 2'
CA non-polymer 'CALCIUM ION' 'Ca 2'
GOL non-polymer GLYCEROL 'C3 H8 O3'
PO4 non-polymer 'PHOSPHATE ION' 'O4 P -3'
#
# COMPACT_ATOMS: atom_id res chain seq x y z
N MET A 1 -6.05 -12.16 34.35
CA MET A 1 -6.58 -10.83 33.93
C MET A 1 -6.00 -10.46 32.57
N ARG A 2 -6.87 -10.43 31.55
CA ARG A 2 -6.45 -10.12 30.20
C ARG A 2 -6.54 -8.64 29.85
N SER A 3 -5.61 -8.20 29.02
CA SER A 3 -5.58 -6.82 28.55
C SER A 3 -6.60 -6.74 27.42
N LYS A 4 -7.53 -5.80 27.52
CA LYS A 4 -8.55 -5.64 26.49
C LYS A 4 -7.91 -5.14 25.19
N ARG A 5 -6.77 -4.49 25.31
CA ARG A 5 -6.04 -3.99 24.16
C ARG A 5 -5.55 -5.16 23.31
N PHE A 6 -5.08 -6.22 23.98
CA PHE A 6 -4.59 -7.38 23.25
C PHE A 6 -5.70 -8.32 22.79
N GLU A 7 -6.83 -8.29 23.49
CA GLU A 7 -7.95 -9.12 23.09
C GLU A 7 -8.49 -8.56 21.79
N ALA A 8 -8.36 -7.24 21.62
CA ALA A 8 -8.81 -6.57 20.41
C ALA A 8 -7.87 -6.93 19.27
N LEU A 9 -6.57 -6.90 19.55
CA LEU A 9 -5.57 -7.23 18.55
C LEU A 9 -5.65 -8.70 18.13
N ALA A 10 -5.92 -9.58 19.11
CA ALA A 10 -6.01 -11.02 18.82
C ALA A 10 -7.12 -11.36 17.83
N LYS A 11 -8.17 -10.53 17.79
CA LYS A 11 -9.28 -10.77 16.88
C LYS A 11 -9.00 -10.25 15.48
N ARG A 12 -7.92 -9.48 15.31
CA ARG A 12 -7.60 -8.95 13.99
C ARG A 12 -7.36 -10.04 12.96
N PRO A 13 -7.93 -9.88 11.75
CA PRO A 13 -7.78 -10.86 10.68
C PRO A 13 -6.33 -11.24 10.37
N VAL A 14 -5.41 -10.28 10.43
CA VAL A 14 -4.01 -10.59 10.13
C VAL A 14 -3.50 -11.72 11.01
N ASN A 15 -4.03 -11.82 12.23
CA ASN A 15 -3.58 -12.88 13.12
C ASN A 15 -4.06 -14.28 12.75
N GLN A 16 -4.83 -14.38 11.67
CA GLN A 16 -5.31 -15.68 11.18
C GLN A 16 -4.33 -16.16 10.11
N ASP A 17 -3.46 -15.27 9.65
CA ASP A 17 -2.47 -15.61 8.62
C ASP A 17 -1.45 -16.61 9.17
N GLY A 18 -0.78 -17.32 8.26
CA GLY A 18 0.22 -18.28 8.68
C GLY A 18 1.61 -17.67 8.62
N PHE A 19 2.32 -17.71 9.74
CA PHE A 19 3.67 -17.18 9.83
C PHE A 19 4.56 -18.26 10.41
N VAL A 20 5.83 -18.27 10.04
CA VAL A 20 6.77 -19.25 10.59
C VAL A 20 8.16 -18.62 10.67
N LYS A 21 8.99 -19.13 11.57
CA LYS A 21 10.35 -18.65 11.72
C LYS A 21 11.15 -19.33 10.62
N GLU A 22 12.21 -18.67 10.17
CA GLU A 22 13.04 -19.21 9.11
C GLU A 22 13.56 -20.62 9.42
N TRP A 23 13.56 -21.48 8.42
CA TRP A 23 14.02 -22.86 8.55
C TRP A 23 14.90 -23.13 7.33
N ILE A 24 16.15 -22.67 7.41
CA ILE A 24 17.09 -22.80 6.31
C ILE A 24 17.23 -24.20 5.73
N GLU A 25 17.39 -25.19 6.58
CA GLU A 25 17.56 -26.57 6.13
C GLU A 25 16.51 -27.01 5.12
N GLU A 26 15.28 -26.53 5.26
CA GLU A 26 14.22 -26.92 4.34
C GLU A 26 13.82 -25.82 3.35
N GLY A 27 14.69 -24.84 3.18
CA GLY A 27 14.43 -23.76 2.24
C GLY A 27 13.40 -22.73 2.68
N PHE A 28 13.02 -22.76 3.96
CA PHE A 28 12.04 -21.80 4.45
C PHE A 28 12.72 -20.48 4.84
N ILE A 29 13.21 -19.78 3.83
CA ILE A 29 13.87 -18.49 3.98
C ILE A 29 13.70 -17.84 2.61
N ALA A 30 13.09 -16.66 2.59
CA ALA A 30 12.79 -15.97 1.34
C ALA A 30 14.00 -15.61 0.49
N MET A 31 14.99 -14.98 1.10
CA MET A 31 16.18 -14.57 0.37
C MET A 31 17.33 -14.30 1.33
N GLU A 32 18.50 -14.05 0.74
CA GLU A 32 19.68 -13.76 1.53
C GLU A 32 19.92 -14.86 2.55
N SER A 33 20.05 -16.08 2.05
CA SER A 33 20.32 -17.24 2.88
C SER A 33 21.82 -17.50 2.87
N PRO A 34 22.39 -17.92 4.01
CA PRO A 34 23.84 -18.19 4.08
C PRO A 34 24.14 -19.53 3.42
N ASN A 35 23.08 -20.21 2.98
CA ASN A 35 23.19 -21.50 2.32
C ASN A 35 23.31 -21.37 0.81
N ASP A 36 22.85 -20.24 0.27
CA ASP A 36 22.90 -20.02 -1.16
C ASP A 36 24.35 -19.96 -1.67
N PRO A 37 24.57 -20.45 -2.91
CA PRO A 37 25.90 -20.46 -3.50
C PRO A 37 26.46 -19.07 -3.80
N LYS A 38 27.77 -18.94 -3.69
CA LYS A 38 28.43 -17.68 -3.98
C LYS A 38 28.45 -17.59 -5.52
N PRO A 39 28.22 -16.40 -6.07
CA PRO A 39 28.23 -16.31 -7.53
C PRO A 39 29.61 -16.58 -8.14
N SER A 40 29.63 -17.29 -9.26
CA SER A 40 30.89 -17.59 -9.94
C SER A 40 30.62 -18.22 -11.29
N ILE A 41 31.64 -18.25 -12.14
CA ILE A 41 31.51 -18.84 -13.45
C ILE A 41 32.88 -19.01 -14.10
N LYS A 42 33.12 -20.18 -14.66
CA LYS A 42 34.39 -20.46 -15.34
C LYS A 42 34.03 -20.94 -16.73
N ILE A 43 34.69 -20.38 -17.74
CA ILE A 43 34.42 -20.73 -19.13
C ILE A 43 35.67 -21.22 -19.85
N VAL A 44 35.57 -22.41 -20.43
CA VAL A 44 36.66 -23.01 -21.17
C VAL A 44 36.17 -23.41 -22.57
N ASN A 45 36.82 -22.88 -23.59
CA ASN A 45 36.45 -23.16 -24.98
C ASN A 45 35.02 -22.75 -25.28
N GLY A 46 34.57 -21.68 -24.63
CA GLY A 46 33.22 -21.19 -24.87
C GLY A 46 32.13 -21.97 -24.16
N ALA A 47 32.51 -22.87 -23.27
CA ALA A 47 31.55 -23.68 -22.53
C ALA A 47 31.79 -23.53 -21.03
N VAL A 48 30.71 -23.56 -20.26
CA VAL A 48 30.80 -23.41 -18.81
C VAL A 48 31.29 -24.68 -18.11
N THR A 49 32.33 -24.53 -17.30
CA THR A 49 32.90 -25.64 -16.54
C THR A 49 32.53 -25.52 -15.07
N GLU A 50 32.04 -24.36 -14.68
CA GLU A 50 31.63 -24.11 -13.30
C GLU A 50 30.54 -23.04 -13.27
N LEU A 51 29.49 -23.29 -12.50
CA LEU A 51 28.38 -22.35 -12.40
C LEU A 51 28.03 -22.13 -10.93
N ASP A 52 28.32 -20.93 -10.44
CA ASP A 52 28.04 -20.58 -9.05
C ASP A 52 28.59 -21.61 -8.07
N GLY A 53 29.90 -21.84 -8.15
CA GLY A 53 30.56 -22.77 -7.27
C GLY A 53 30.42 -24.24 -7.59
N LYS A 54 29.50 -24.60 -8.49
CA LYS A 54 29.30 -26.00 -8.83
C LYS A 54 30.02 -26.40 -10.13
N PRO A 55 30.86 -27.46 -10.07
CA PRO A 55 31.60 -27.92 -11.24
C PRO A 55 30.64 -28.58 -12.24
N VAL A 56 30.93 -28.47 -13.52
CA VAL A 56 30.08 -29.05 -14.56
C VAL A 56 29.81 -30.54 -14.31
N SER A 57 30.70 -31.20 -13.57
CA SER A 57 30.53 -32.62 -13.28
C SER A 57 29.36 -32.90 -12.35
N ASP A 58 28.92 -31.90 -11.60
CA ASP A 58 27.80 -32.07 -10.66
C ASP A 58 26.51 -31.41 -11.13
N PHE A 59 26.52 -30.86 -12.33
CA PHE A 59 25.35 -30.19 -12.87
C PHE A 59 24.11 -31.09 -12.93
N ASP A 60 22.95 -30.55 -12.53
CA ASP A 60 21.71 -31.31 -12.65
C ASP A 60 21.12 -30.81 -13.98
N LEU A 61 19.95 -31.28 -14.38
CA LEU A 61 19.38 -30.84 -15.65
C LEU A 61 19.23 -29.32 -15.75
N ILE A 62 18.93 -28.68 -14.63
CA ILE A 62 18.74 -27.23 -14.58
C ILE A 62 20.06 -26.49 -14.80
N ASP A 63 21.12 -26.93 -14.14
CA ASP A 63 22.43 -26.30 -14.31
C ASP A 63 22.85 -26.41 -15.78
N HIS A 64 22.66 -27.59 -16.35
CA HIS A 64 23.03 -27.81 -17.75
C HIS A 64 22.28 -26.87 -18.67
N PHE A 65 20.97 -26.85 -18.55
CA PHE A 65 20.13 -26.00 -19.38
C PHE A 65 20.56 -24.53 -19.29
N ILE A 66 20.70 -24.03 -18.06
CA ILE A 66 21.10 -22.64 -17.86
C ILE A 66 22.53 -22.36 -18.35
N ALA A 67 23.44 -23.28 -18.06
CA ALA A 67 24.84 -23.13 -18.45
C ALA A 67 25.01 -23.10 -19.97
N ARG A 68 24.21 -23.89 -20.67
CA ARG A 68 24.32 -23.97 -22.11
C ARG A 68 23.48 -22.98 -22.90
N TYR A 69 22.33 -22.56 -22.34
CA TYR A 69 21.45 -21.63 -23.06
C TYR A 69 20.98 -20.37 -22.33
N GLY A 70 21.06 -20.34 -21.00
CA GLY A 70 20.54 -19.19 -20.28
C GLY A 70 21.40 -17.99 -19.93
N ILE A 71 22.71 -18.06 -20.18
CA ILE A 71 23.61 -16.97 -19.85
C ILE A 71 24.35 -16.43 -21.06
N ASN A 72 24.49 -15.11 -21.13
CA ASN A 72 25.22 -14.45 -22.23
C ASN A 72 26.70 -14.59 -21.88
N LEU A 73 27.29 -15.70 -22.32
CA LEU A 73 28.68 -16.01 -22.03
C LEU A 73 29.72 -15.02 -22.51
N ASN A 74 29.41 -14.29 -23.58
CA ASN A 74 30.37 -13.33 -24.12
C ASN A 74 30.80 -12.33 -23.06
N ARG A 75 29.88 -11.95 -22.18
CA ARG A 75 30.19 -10.98 -21.14
C ARG A 75 30.00 -11.49 -19.72
N ALA A 76 29.88 -12.80 -19.56
CA ALA A 76 29.68 -13.39 -18.23
C ALA A 76 30.80 -13.07 -17.23
N GLU A 77 32.05 -13.28 -17.64
CA GLU A 77 33.19 -13.02 -16.76
C GLU A 77 33.33 -11.54 -16.44
N GLU A 78 33.03 -10.70 -17.44
CA GLU A 78 33.12 -9.26 -17.27
C GLU A 78 32.16 -8.79 -16.17
N VAL A 79 30.88 -9.14 -16.30
CA VAL A 79 29.90 -8.70 -15.32
C VAL A 79 30.08 -9.41 -13.96
N MET A 80 30.65 -10.60 -13.97
CA MET A 80 30.88 -11.32 -12.72
C MET A 80 31.92 -10.54 -11.89
N ALA A 81 32.84 -9.89 -12.58
CA ALA A 81 33.89 -9.12 -11.93
C ALA A 81 33.40 -7.76 -11.45
N MET A 82 32.26 -7.30 -11.95
CA MET A 82 31.72 -6.03 -11.53
C MET A 82 31.12 -6.10 -10.12
N ASP A 83 31.27 -5.02 -9.35
CA ASP A 83 30.74 -4.96 -7.99
C ASP A 83 29.21 -5.01 -8.00
N SER A 84 28.65 -5.97 -7.27
CA SER A 84 27.20 -6.14 -7.22
C SER A 84 26.44 -4.91 -6.72
N VAL A 85 27.08 -4.13 -5.84
CA VAL A 85 26.45 -2.92 -5.31
C VAL A 85 26.33 -1.88 -6.40
N LYS A 86 27.39 -1.75 -7.19
CA LYS A 86 27.39 -0.79 -8.28
C LYS A 86 26.36 -1.23 -9.31
N LEU A 87 26.23 -2.55 -9.46
CA LEU A 87 25.26 -3.11 -10.40
C LEU A 87 23.83 -2.79 -9.95
N ALA A 88 23.56 -2.97 -8.66
CA ALA A 88 22.23 -2.68 -8.11
C ALA A 88 21.96 -1.18 -8.25
N ASN A 89 23.01 -0.38 -8.12
CA ASN A 89 22.87 1.07 -8.24
C ASN A 89 22.44 1.39 -9.67
N MET A 90 23.11 0.78 -10.64
CA MET A 90 22.78 0.99 -12.05
C MET A 90 21.33 0.65 -12.36
N LEU A 91 20.82 -0.43 -11.76
CA LEU A 91 19.44 -0.84 -12.00
C LEU A 91 18.41 0.24 -11.65
N CYS A 92 18.57 0.92 -10.52
CA CYS A 92 17.61 1.95 -10.13
C CYS A 92 17.98 3.36 -10.57
N ASP A 93 19.19 3.54 -11.07
CA ASP A 93 19.65 4.85 -11.55
C ASP A 93 18.83 5.23 -12.78
N PRO A 94 18.02 6.29 -12.69
CA PRO A 94 17.20 6.70 -13.84
C PRO A 94 18.00 7.07 -15.08
N ASN A 95 19.28 7.35 -14.91
CA ASN A 95 20.10 7.77 -16.05
C ASN A 95 20.97 6.70 -16.70
N VAL A 96 20.77 5.45 -16.31
CA VAL A 96 21.48 4.34 -16.91
C VAL A 96 20.40 3.59 -17.68
N LYS A 97 20.40 3.76 -19.01
CA LYS A 97 19.39 3.14 -19.86
C LYS A 97 19.21 1.64 -19.73
N ARG A 98 17.99 1.19 -19.98
CA ARG A 98 17.64 -0.22 -19.92
C ARG A 98 18.50 -0.96 -20.96
N SER A 99 18.64 -0.36 -22.13
CA SER A 99 19.42 -0.95 -23.22
C SER A 99 20.88 -1.16 -22.83
N GLU A 100 21.37 -0.40 -21.86
CA GLU A 100 22.75 -0.55 -21.40
C GLU A 100 22.85 -1.61 -20.32
N ILE A 101 21.72 -1.91 -19.68
CA ILE A 101 21.72 -2.88 -18.61
C ILE A 101 21.51 -4.32 -19.08
N VAL A 102 20.50 -4.53 -19.92
CA VAL A 102 20.17 -5.86 -20.42
C VAL A 102 21.38 -6.69 -20.85
N PRO A 103 22.29 -6.12 -21.65
CA PRO A 103 23.45 -6.90 -22.08
C PRO A 103 24.24 -7.45 -20.89
N LEU A 104 24.28 -6.68 -19.81
CA LEU A 104 25.00 -7.10 -18.62
C LEU A 104 24.21 -8.06 -17.72
N THR A 105 22.93 -7.77 -17.48
CA THR A 105 22.12 -8.63 -16.63
C THR A 105 21.97 -10.02 -17.22
N THR A 106 21.82 -10.10 -18.54
CA THR A 106 21.66 -11.39 -19.21
C THR A 106 22.97 -12.18 -19.20
N ALA A 107 24.06 -11.53 -18.78
CA ALA A 107 25.36 -12.17 -18.70
C ALA A 107 25.65 -12.63 -17.27
N MET A 108 24.77 -12.27 -16.34
CA MET A 108 24.95 -12.65 -14.94
C MET A 108 24.48 -14.07 -14.71
N THR A 109 25.07 -14.75 -13.74
CA THR A 109 24.66 -16.10 -13.40
C THR A 109 23.48 -15.90 -12.44
N PRO A 110 22.68 -16.94 -12.21
CA PRO A 110 21.54 -16.77 -11.30
C PRO A 110 21.95 -16.23 -9.92
N ALA A 111 23.03 -16.77 -9.35
CA ALA A 111 23.46 -16.30 -8.03
C ALA A 111 23.89 -14.84 -8.09
N LYS A 112 24.57 -14.47 -9.19
CA LYS A 112 25.03 -13.10 -9.34
C LYS A 112 23.90 -12.08 -9.32
N ILE A 113 22.86 -12.31 -10.12
CA ILE A 113 21.76 -11.35 -10.19
C ILE A 113 20.97 -11.31 -8.88
N VAL A 114 20.92 -12.42 -8.17
CA VAL A 114 20.22 -12.45 -6.88
C VAL A 114 21.04 -11.61 -5.89
N GLU A 115 22.36 -11.70 -5.98
CA GLU A 115 23.22 -10.92 -5.09
C GLU A 115 22.99 -9.44 -5.37
N VAL A 116 22.90 -9.09 -6.65
CA VAL A 116 22.68 -7.72 -7.04
C VAL A 116 21.38 -7.13 -6.46
N VAL A 117 20.25 -7.74 -6.77
CA VAL A 117 18.98 -7.21 -6.28
C VAL A 117 18.80 -7.32 -4.76
N SER A 118 19.57 -8.18 -4.12
CA SER A 118 19.45 -8.33 -2.67
C SER A 118 20.01 -7.13 -1.91
N HIS A 119 20.74 -6.27 -2.61
CA HIS A 119 21.32 -5.06 -2.02
C HIS A 119 20.29 -3.94 -2.01
N MET A 120 19.14 -4.17 -2.66
CA MET A 120 18.12 -3.14 -2.79
C MET A 120 16.94 -3.21 -1.81
N ASN A 121 16.38 -2.03 -1.49
CA ASN A 121 15.20 -1.98 -0.63
C ASN A 121 14.04 -1.91 -1.61
N VAL A 122 12.81 -2.07 -1.12
CA VAL A 122 11.68 -2.07 -2.04
C VAL A 122 11.51 -0.81 -2.90
N VAL A 123 11.83 0.36 -2.36
CA VAL A 123 11.70 1.59 -3.12
C VAL A 123 12.64 1.57 -4.32
N GLU A 124 13.89 1.18 -4.08
CA GLU A 124 14.88 1.11 -5.14
C GLU A 124 14.46 0.07 -6.18
N MET A 125 13.87 -1.03 -5.71
CA MET A 125 13.41 -2.07 -6.62
C MET A 125 12.32 -1.55 -7.54
N MET A 126 11.37 -0.81 -6.97
CA MET A 126 10.28 -0.26 -7.77
C MET A 126 10.84 0.77 -8.74
N MET A 127 11.78 1.57 -8.28
CA MET A 127 12.40 2.59 -9.11
C MET A 127 13.05 1.92 -10.32
N ALA A 128 13.67 0.76 -10.09
CA ALA A 128 14.31 0.01 -11.17
C ALA A 128 13.27 -0.69 -12.05
N MET A 129 12.22 -1.22 -11.44
CA MET A 129 11.19 -1.93 -12.19
C MET A 129 10.55 -1.07 -13.28
N GLN A 130 10.20 0.17 -12.96
CA GLN A 130 9.57 1.05 -13.93
C GLN A 130 10.45 1.25 -15.16
N LYS A 131 11.76 1.05 -14.99
CA LYS A 131 12.70 1.21 -16.09
C LYS A 131 12.94 -0.09 -16.86
N MET A 132 13.11 -1.20 -16.13
CA MET A 132 13.38 -2.50 -16.74
C MET A 132 12.16 -3.16 -17.40
N ARG A 133 10.96 -2.73 -17.04
CA ARG A 133 9.74 -3.30 -17.62
C ARG A 133 9.85 -3.27 -19.15
N ALA A 134 9.72 -4.44 -19.77
CA ALA A 134 9.82 -4.56 -21.23
C ALA A 134 8.87 -3.67 -22.01
N ARG A 135 7.56 -3.82 -21.79
CA ARG A 135 6.59 -3.00 -22.53
C ARG A 135 6.45 -1.63 -21.88
N ARG A 136 6.44 -0.59 -22.71
CA ARG A 136 6.32 0.78 -22.23
C ARG A 136 5.00 0.96 -21.48
N THR A 137 3.92 0.46 -22.06
CA THR A 137 2.59 0.56 -21.47
C THR A 137 2.28 -0.63 -20.57
N PRO A 138 1.93 -0.37 -19.30
CA PRO A 138 1.61 -1.48 -18.40
C PRO A 138 0.23 -2.04 -18.75
N SER A 139 -0.05 -3.27 -18.32
CA SER A 139 -1.33 -3.91 -18.62
C SER A 139 -1.88 -4.71 -17.42
N GLN A 140 -2.92 -5.49 -17.67
CA GLN A 140 -3.57 -6.27 -16.62
C GLN A 140 -4.19 -7.59 -17.11
N GLN A 141 -4.16 -8.60 -16.24
CA GLN A 141 -4.72 -9.91 -16.55
C GLN A 141 -5.68 -10.33 -15.43
N ALA A 142 -6.81 -10.91 -15.81
CA ALA A 142 -7.81 -11.34 -14.84
C ALA A 142 -8.17 -12.81 -14.89
N HIS A 143 -8.73 -13.29 -13.78
CA HIS A 143 -9.22 -14.67 -13.67
C HIS A 143 -10.72 -14.59 -13.94
N VAL A 144 -11.24 -15.54 -14.71
CA VAL A 144 -12.68 -15.63 -14.97
C VAL A 144 -13.04 -17.08 -14.77
N THR A 145 -13.63 -17.38 -13.61
CA THR A 145 -14.01 -18.75 -13.26
C THR A 145 -15.21 -18.73 -12.34
N ASN A 146 -15.66 -19.92 -11.93
CA ASN A 146 -16.74 -20.07 -10.97
C ASN A 146 -16.76 -21.54 -10.52
N VAL A 147 -17.16 -21.78 -9.27
CA VAL A 147 -17.17 -23.14 -8.73
C VAL A 147 -17.99 -24.20 -9.47
N LYS A 148 -18.83 -23.77 -10.41
CA LYS A 148 -19.65 -24.71 -11.17
C LYS A 148 -19.17 -24.91 -12.60
N ASP A 149 -18.17 -24.14 -13.01
CA ASP A 149 -17.67 -24.20 -14.38
C ASP A 149 -18.85 -23.87 -15.30
N ASN A 150 -19.74 -23.02 -14.81
CA ASN A 150 -20.92 -22.60 -15.56
C ASN A 150 -20.44 -21.74 -16.74
N PRO A 151 -20.65 -22.24 -17.98
CA PRO A 151 -20.23 -21.54 -19.20
C PRO A 151 -20.87 -20.18 -19.43
N VAL A 152 -22.16 -20.06 -19.11
CA VAL A 152 -22.88 -18.81 -19.31
C VAL A 152 -22.31 -17.71 -18.43
N GLN A 153 -22.02 -18.04 -17.18
CA GLN A 153 -21.46 -17.06 -16.25
C GLN A 153 -20.07 -16.63 -16.69
N ILE A 154 -19.25 -17.60 -17.11
CA ILE A 154 -17.90 -17.30 -17.56
C ILE A 154 -17.94 -16.30 -18.70
N ALA A 155 -18.78 -16.55 -19.71
CA ALA A 155 -18.89 -15.64 -20.85
C ALA A 155 -19.25 -14.23 -20.41
N ALA A 156 -20.23 -14.10 -19.52
CA ALA A 156 -20.65 -12.79 -19.03
C ALA A 156 -19.55 -12.08 -18.25
N ASP A 157 -18.95 -12.79 -17.27
CA ASP A 157 -17.88 -12.20 -16.47
C ASP A 157 -16.67 -11.83 -17.31
N ALA A 158 -16.42 -12.62 -18.36
CA ALA A 158 -15.29 -12.35 -19.24
C ALA A 158 -15.53 -11.06 -20.02
N ALA A 159 -16.79 -10.84 -20.41
CA ALA A 159 -17.15 -9.64 -21.14
C ALA A 159 -16.96 -8.42 -20.25
N GLU A 160 -17.37 -8.52 -18.98
CA GLU A 160 -17.23 -7.41 -18.06
C GLU A 160 -15.76 -7.12 -17.81
N GLY A 161 -14.99 -8.18 -17.57
CA GLY A 161 -13.58 -8.00 -17.35
C GLY A 161 -12.93 -7.27 -18.50
N ALA A 162 -13.19 -7.72 -19.72
CA ALA A 162 -12.62 -7.10 -20.91
C ALA A 162 -13.04 -5.63 -20.99
N TRP A 163 -14.30 -5.37 -20.66
CA TRP A 163 -14.84 -4.01 -20.68
C TRP A 163 -14.15 -3.11 -19.66
N ARG A 164 -13.79 -3.67 -18.50
CA ARG A 164 -13.13 -2.88 -17.46
C ARG A 164 -11.67 -2.59 -17.79
N GLY A 165 -11.10 -3.29 -18.78
CA GLY A 165 -9.72 -3.00 -19.14
C GLY A 165 -8.69 -4.11 -19.20
N PHE A 166 -9.05 -5.33 -18.79
CA PHE A 166 -8.09 -6.44 -18.83
C PHE A 166 -7.76 -6.82 -20.27
N ASP A 167 -6.48 -7.01 -20.55
CA ASP A 167 -6.04 -7.37 -21.89
C ASP A 167 -5.74 -8.85 -22.05
N GLU A 168 -5.77 -9.57 -20.93
CA GLU A 168 -5.55 -11.00 -20.90
C GLU A 168 -6.51 -11.54 -19.84
N GLN A 169 -7.18 -12.63 -20.14
CA GLN A 169 -8.08 -13.24 -19.19
C GLN A 169 -7.86 -14.75 -19.18
N GLU A 170 -7.89 -15.31 -17.97
CA GLU A 170 -7.62 -16.71 -17.76
C GLU A 170 -8.70 -17.45 -16.96
N THR A 171 -8.99 -18.68 -17.38
CA THR A 171 -9.97 -19.51 -16.68
C THR A 171 -9.29 -20.83 -16.37
N THR A 172 -9.96 -21.65 -15.56
CA THR A 172 -9.47 -22.97 -15.24
C THR A 172 -10.68 -23.78 -14.81
N VAL A 173 -10.48 -25.02 -14.41
CA VAL A 173 -11.63 -25.87 -14.08
C VAL A 173 -11.72 -26.58 -12.73
N ALA A 174 -12.95 -26.70 -12.23
CA ALA A 174 -13.21 -27.42 -10.99
C ALA A 174 -13.21 -28.90 -11.39
N VAL A 175 -13.86 -29.20 -12.52
CA VAL A 175 -13.91 -30.56 -13.07
C VAL A 175 -13.19 -30.47 -14.41
N ALA A 176 -12.03 -31.12 -14.50
CA ALA A 176 -11.21 -31.07 -15.70
C ALA A 176 -11.91 -31.31 -17.04
N ARG A 177 -12.85 -32.25 -17.08
CA ARG A 177 -13.57 -32.56 -18.32
C ARG A 177 -14.38 -31.39 -18.89
N TYR A 178 -14.56 -30.35 -18.07
CA TYR A 178 -15.32 -29.17 -18.48
C TYR A 178 -14.51 -28.20 -19.35
N ALA A 179 -13.18 -28.30 -19.26
CA ALA A 179 -12.27 -27.40 -19.98
C ALA A 179 -12.72 -26.82 -21.32
N PRO A 180 -13.01 -27.67 -22.31
CA PRO A 180 -13.43 -27.08 -23.59
C PRO A 180 -14.53 -26.03 -23.47
N PHE A 181 -15.50 -26.28 -22.61
CA PHE A 181 -16.60 -25.32 -22.41
C PHE A 181 -16.09 -24.02 -21.78
N ASN A 182 -15.28 -24.14 -20.74
CA ASN A 182 -14.74 -22.95 -20.07
C ASN A 182 -13.95 -22.10 -21.05
N ALA A 183 -13.06 -22.74 -21.81
CA ALA A 183 -12.21 -22.05 -22.77
C ALA A 183 -13.03 -21.30 -23.81
N ILE A 184 -13.98 -22.00 -24.43
CA ILE A 184 -14.82 -21.38 -25.45
C ILE A 184 -15.63 -20.23 -24.87
N ALA A 185 -16.22 -20.44 -23.69
CA ALA A 185 -17.01 -19.39 -23.05
C ALA A 185 -16.12 -18.19 -22.74
N LEU A 186 -14.89 -18.44 -22.33
CA LEU A 186 -13.97 -17.37 -22.01
C LEU A 186 -13.66 -16.54 -23.26
N LEU A 187 -13.29 -17.23 -24.33
CA LEU A 187 -12.95 -16.59 -25.60
C LEU A 187 -14.10 -15.77 -26.19
N VAL A 188 -15.28 -16.36 -26.26
CA VAL A 188 -16.44 -15.66 -26.81
C VAL A 188 -16.75 -14.40 -26.00
N GLY A 189 -16.85 -14.57 -24.68
CA GLY A 189 -17.15 -13.45 -23.82
C GLY A 189 -16.10 -12.35 -23.87
N SER A 190 -14.83 -12.73 -23.96
CA SER A 190 -13.75 -11.76 -24.02
C SER A 190 -13.83 -10.92 -25.28
N GLN A 191 -14.07 -11.58 -26.42
CA GLN A 191 -14.13 -10.84 -27.67
C GLN A 191 -15.31 -9.89 -27.70
N VAL A 192 -16.36 -10.21 -26.94
CA VAL A 192 -17.54 -9.34 -26.88
C VAL A 192 -17.25 -8.10 -26.04
N GLY A 193 -16.48 -8.27 -24.95
CA GLY A 193 -16.13 -7.14 -24.11
C GLY A 193 -15.20 -6.20 -24.85
N ARG A 194 -14.18 -6.76 -25.49
CA ARG A 194 -13.22 -5.99 -26.28
C ARG A 194 -12.47 -6.91 -27.22
N PRO A 195 -12.76 -6.82 -28.53
CA PRO A 195 -12.06 -7.67 -29.49
C PRO A 195 -10.56 -7.46 -29.36
N GLY A 196 -9.82 -8.55 -29.18
CA GLY A 196 -8.38 -8.44 -29.03
C GLY A 196 -7.89 -8.97 -27.70
N VAL A 197 -8.78 -9.09 -26.72
CA VAL A 197 -8.39 -9.62 -25.41
C VAL A 197 -7.96 -11.07 -25.58
N LEU A 198 -6.77 -11.41 -25.08
CA LEU A 198 -6.24 -12.77 -25.19
C LEU A 198 -6.77 -13.68 -24.07
N THR A 199 -7.08 -14.94 -24.41
CA THR A 199 -7.60 -15.87 -23.43
C THR A 199 -6.83 -17.18 -23.33
N GLN A 200 -6.82 -17.75 -22.13
CA GLN A 200 -6.12 -19.00 -21.86
C GLN A 200 -6.96 -19.86 -20.93
N CYS A 201 -6.68 -21.17 -20.91
CA CYS A 201 -7.36 -22.11 -20.04
C CYS A 201 -6.26 -22.99 -19.45
N SER A 202 -5.96 -22.78 -18.16
CA SER A 202 -4.89 -23.49 -17.48
C SER A 202 -5.22 -24.91 -17.05
N LEU A 203 -4.55 -25.88 -17.67
CA LEU A 203 -4.78 -27.29 -17.41
C LEU A 203 -3.46 -28.06 -17.34
N GLU A 204 -3.56 -29.38 -17.37
CA GLU A 204 -2.37 -30.24 -17.37
C GLU A 204 -1.74 -29.88 -18.73
N GLU A 205 -0.40 -29.95 -18.82
CA GLU A 205 0.29 -29.56 -20.05
C GLU A 205 -0.19 -30.13 -21.37
N ALA A 206 -0.16 -31.44 -21.52
CA ALA A 206 -0.60 -32.06 -22.77
C ALA A 206 -2.03 -31.67 -23.08
N THR A 207 -2.88 -31.63 -22.04
CA THR A 207 -4.27 -31.27 -22.24
C THR A 207 -4.41 -29.84 -22.77
N GLU A 208 -3.60 -28.93 -22.24
CA GLU A 208 -3.68 -27.54 -22.67
C GLU A 208 -3.15 -27.35 -24.10
N LEU A 209 -2.05 -28.01 -24.44
CA LEU A 209 -1.52 -27.89 -25.79
C LEU A 209 -2.58 -28.36 -26.79
N LYS A 210 -3.21 -29.50 -26.50
CA LYS A 210 -4.24 -30.05 -27.36
C LYS A 210 -5.41 -29.08 -27.52
N LEU A 211 -5.82 -28.47 -26.42
CA LEU A 211 -6.94 -27.52 -26.48
C LEU A 211 -6.52 -26.32 -27.33
N GLY A 212 -5.24 -25.98 -27.28
CA GLY A 212 -4.74 -24.88 -28.08
C GLY A 212 -4.70 -25.24 -29.54
N MET A 213 -4.30 -26.46 -29.85
CA MET A 213 -4.25 -26.92 -31.24
C MET A 213 -5.64 -26.90 -31.86
N LEU A 214 -6.66 -27.13 -31.04
CA LEU A 214 -8.04 -27.11 -31.52
C LEU A 214 -8.53 -25.69 -31.74
N GLY A 215 -7.72 -24.72 -31.34
CA GLY A 215 -8.07 -23.32 -31.54
C GLY A 215 -9.08 -22.69 -30.59
N HIS A 216 -9.14 -23.18 -29.36
CA HIS A 216 -10.09 -22.62 -28.39
C HIS A 216 -9.45 -21.70 -27.36
N THR A 217 -8.19 -21.35 -27.59
CA THR A 217 -7.47 -20.44 -26.71
C THR A 217 -6.60 -19.52 -27.57
N CYS A 218 -6.11 -18.44 -26.98
CA CYS A 218 -5.26 -17.48 -27.69
C CYS A 218 -3.80 -17.59 -27.24
N TYR A 219 -3.59 -18.13 -26.04
CA TYR A 219 -2.23 -18.28 -25.52
C TYR A 219 -2.22 -19.21 -24.32
N ALA A 220 -1.03 -19.52 -23.83
CA ALA A 220 -0.89 -20.38 -22.66
C ALA A 220 0.10 -19.71 -21.71
N GLU A 221 -0.21 -19.70 -20.42
CA GLU A 221 0.65 -19.07 -19.43
C GLU A 221 1.25 -20.00 -18.38
N THR A 222 0.40 -20.85 -17.80
CA THR A 222 0.82 -21.75 -16.76
C THR A 222 1.67 -22.92 -17.24
N ILE A 223 2.65 -22.63 -18.10
CA ILE A 223 3.56 -23.65 -18.61
C ILE A 223 4.71 -23.64 -17.61
N SER A 224 4.56 -24.46 -16.58
CA SER A 224 5.49 -24.54 -15.45
C SER A 224 6.94 -24.98 -15.58
N VAL A 225 7.78 -24.37 -14.73
CA VAL A 225 9.19 -24.71 -14.62
C VAL A 225 9.46 -24.62 -13.13
N TYR A 226 10.43 -25.39 -12.64
CA TYR A 226 10.74 -25.39 -11.21
C TYR A 226 12.21 -25.23 -10.88
N GLY A 227 12.48 -24.75 -9.67
CA GLY A 227 13.84 -24.49 -9.22
C GLY A 227 14.77 -25.63 -8.85
N THR A 228 14.24 -26.84 -8.64
CA THR A 228 15.09 -27.98 -8.32
C THR A 228 14.65 -29.17 -9.16
N GLU A 229 15.60 -30.05 -9.47
CA GLU A 229 15.32 -31.21 -10.30
C GLU A 229 14.24 -32.15 -9.78
N PRO A 230 14.24 -32.46 -8.47
CA PRO A 230 13.21 -33.34 -7.95
C PRO A 230 11.81 -32.75 -8.09
N VAL A 231 11.69 -31.45 -7.81
CA VAL A 231 10.42 -30.78 -7.91
C VAL A 231 9.98 -30.70 -9.36
N PHE A 232 10.92 -30.41 -10.25
CA PHE A 232 10.60 -30.33 -11.67
C PHE A 232 10.07 -31.71 -12.08
N THR A 233 10.69 -32.76 -11.56
CA THR A 233 10.28 -34.13 -11.88
C THR A 233 8.84 -34.41 -11.43
N ASP A 234 8.48 -34.03 -10.20
CA ASP A 234 7.12 -34.24 -9.73
C ASP A 234 6.18 -33.31 -10.52
N GLY A 235 6.76 -32.30 -11.15
CA GLY A 235 6.00 -31.37 -11.97
C GLY A 235 5.75 -32.01 -13.32
N ASP A 236 6.29 -33.22 -13.50
CA ASP A 236 6.18 -34.01 -14.72
C ASP A 236 6.79 -33.39 -15.98
N ASP A 237 7.98 -32.82 -15.83
CA ASP A 237 8.72 -32.21 -16.94
C ASP A 237 10.19 -32.09 -16.59
N THR A 238 10.97 -31.63 -17.57
CA THR A 238 12.40 -31.39 -17.40
C THR A 238 12.59 -30.13 -18.21
N PRO A 239 13.77 -29.47 -18.10
CA PRO A 239 13.94 -28.26 -18.90
C PRO A 239 13.76 -28.50 -20.40
N TRP A 240 14.18 -29.68 -20.87
CA TRP A 240 14.07 -29.98 -22.29
C TRP A 240 12.64 -30.24 -22.76
N SER A 241 11.83 -30.90 -21.93
CA SER A 241 10.45 -31.15 -22.35
C SER A 241 9.70 -29.83 -22.40
N LYS A 242 9.97 -28.94 -21.44
CA LYS A 242 9.30 -27.64 -21.44
C LYS A 242 9.83 -26.76 -22.56
N GLY A 243 11.12 -26.90 -22.87
CA GLY A 243 11.70 -26.13 -23.96
C GLY A 243 11.03 -26.56 -25.26
N PHE A 244 10.88 -27.87 -25.45
CA PHE A 244 10.23 -28.42 -26.64
C PHE A 244 8.77 -27.97 -26.70
N LEU A 245 8.12 -27.94 -25.54
CA LEU A 245 6.72 -27.53 -25.47
C LEU A 245 6.59 -26.06 -25.89
N ALA A 246 7.52 -25.22 -25.44
CA ALA A 246 7.49 -23.80 -25.77
C ALA A 246 7.49 -23.59 -27.28
N SER A 247 8.40 -24.27 -27.97
CA SER A 247 8.50 -24.16 -29.42
C SER A 247 7.31 -24.80 -30.11
N SER A 248 6.69 -25.79 -29.48
CA SER A 248 5.52 -26.43 -30.06
C SER A 248 4.41 -25.40 -30.16
N TYR A 249 4.21 -24.65 -29.08
CA TYR A 249 3.18 -23.61 -29.05
C TYR A 249 3.44 -22.58 -30.15
N ALA A 250 4.67 -22.12 -30.25
CA ALA A 250 5.03 -21.13 -31.27
C ALA A 250 4.84 -21.73 -32.67
N SER A 251 5.16 -23.01 -32.82
CA SER A 251 5.01 -23.67 -34.12
C SER A 251 3.55 -23.66 -34.55
N ARG A 252 2.65 -23.42 -33.60
CA ARG A 252 1.22 -23.34 -33.92
C ARG A 252 0.76 -21.90 -33.88
N GLY A 253 1.72 -20.98 -33.81
CA GLY A 253 1.43 -19.56 -33.79
C GLY A 253 0.76 -19.02 -32.55
N LEU A 254 0.93 -19.73 -31.44
CA LEU A 254 0.32 -19.33 -30.17
C LEU A 254 1.31 -18.71 -29.21
N LYS A 255 0.96 -17.55 -28.68
CA LYS A 255 1.78 -16.83 -27.71
C LYS A 255 1.83 -17.67 -26.43
N MET A 256 2.96 -17.65 -25.74
CA MET A 256 3.04 -18.38 -24.48
C MET A 256 4.15 -17.85 -23.60
N ARG A 257 4.03 -18.12 -22.30
CA ARG A 257 5.04 -17.72 -21.34
C ARG A 257 5.11 -18.87 -20.35
N PHE A 258 6.16 -18.89 -19.55
CA PHE A 258 6.30 -19.92 -18.54
C PHE A 258 5.74 -19.34 -17.23
N THR A 259 5.61 -20.18 -16.23
CA THR A 259 5.15 -19.76 -14.92
C THR A 259 6.07 -20.40 -13.90
N SER A 260 6.36 -19.66 -12.83
CA SER A 260 7.19 -20.15 -11.75
C SER A 260 6.70 -19.39 -10.52
N GLY A 261 7.58 -19.13 -9.57
CA GLY A 261 7.14 -18.41 -8.40
C GLY A 261 7.83 -18.93 -7.16
N SER A 262 8.35 -18.00 -6.37
CA SER A 262 9.04 -18.34 -5.14
C SER A 262 8.18 -19.19 -4.20
N GLY A 263 8.80 -20.19 -3.59
CA GLY A 263 8.11 -21.05 -2.66
C GLY A 263 7.59 -22.39 -3.17
N SER A 264 7.53 -22.55 -4.49
CA SER A 264 7.04 -23.80 -5.07
C SER A 264 7.87 -25.01 -4.67
N GLU A 265 9.18 -24.85 -4.63
CA GLU A 265 10.04 -25.98 -4.26
C GLU A 265 9.86 -26.38 -2.80
N VAL A 266 9.55 -25.42 -1.94
CA VAL A 266 9.32 -25.71 -0.53
C VAL A 266 7.98 -26.42 -0.45
N GLN A 267 6.98 -25.89 -1.15
CA GLN A 267 5.63 -26.45 -1.14
C GLN A 267 5.63 -27.89 -1.65
N MET A 268 6.55 -28.18 -2.58
CA MET A 268 6.62 -29.51 -3.15
C MET A 268 7.64 -30.46 -2.54
N GLY A 269 8.18 -30.10 -1.38
CA GLY A 269 9.10 -30.98 -0.68
C GLY A 269 10.60 -31.03 -0.90
N TYR A 270 11.14 -30.33 -1.89
CA TYR A 270 12.58 -30.37 -2.12
C TYR A 270 13.19 -29.02 -2.46
N ALA A 271 13.53 -28.23 -1.44
CA ALA A 271 14.12 -26.92 -1.69
C ALA A 271 15.65 -26.99 -1.70
N GLU A 272 16.17 -28.19 -1.42
CA GLU A 272 17.61 -28.44 -1.38
C GLU A 272 18.38 -27.38 -0.58
N GLY A 273 17.80 -27.00 0.55
CA GLY A 273 18.41 -26.03 1.45
C GLY A 273 18.70 -24.64 0.90
N LYS A 274 18.07 -24.27 -0.21
CA LYS A 274 18.31 -22.96 -0.80
C LYS A 274 17.16 -21.99 -0.54
N SER A 275 17.45 -20.69 -0.60
CA SER A 275 16.42 -19.68 -0.38
C SER A 275 15.45 -19.68 -1.56
N MET A 276 14.24 -19.17 -1.32
CA MET A 276 13.21 -19.11 -2.33
C MET A 276 13.63 -18.27 -3.55
N LEU A 277 14.23 -17.12 -3.30
CA LEU A 277 14.67 -16.24 -4.37
C LEU A 277 15.73 -16.88 -5.27
N TYR A 278 16.70 -17.56 -4.67
CA TYR A 278 17.73 -18.20 -5.46
C TYR A 278 17.12 -19.27 -6.37
N LEU A 279 16.24 -20.10 -5.83
CA LEU A 279 15.62 -21.13 -6.63
C LEU A 279 14.72 -20.52 -7.73
N GLU A 280 14.10 -19.39 -7.43
CA GLU A 280 13.23 -18.72 -8.41
C GLU A 280 14.12 -18.16 -9.52
N ALA A 281 15.30 -17.68 -9.16
CA ALA A 281 16.24 -17.14 -10.14
C ALA A 281 16.56 -18.22 -11.16
N ARG A 282 16.77 -19.45 -10.69
CA ARG A 282 17.05 -20.55 -11.60
C ARG A 282 15.88 -20.72 -12.57
N CYS A 283 14.66 -20.59 -12.05
CA CYS A 283 13.47 -20.72 -12.88
C CYS A 283 13.46 -19.63 -13.95
N ILE A 284 13.80 -18.41 -13.56
CA ILE A 284 13.81 -17.31 -14.51
C ILE A 284 14.81 -17.56 -15.64
N TYR A 285 15.97 -18.14 -15.29
CA TYR A 285 17.00 -18.45 -16.28
C TYR A 285 16.61 -19.64 -17.16
N ILE A 286 15.83 -20.56 -16.60
CA ILE A 286 15.35 -21.70 -17.38
C ILE A 286 14.45 -21.12 -18.46
N THR A 287 13.66 -20.13 -18.08
CA THR A 287 12.75 -19.46 -18.99
C THR A 287 13.53 -18.73 -20.09
N LYS A 288 14.58 -18.03 -19.68
CA LYS A 288 15.40 -17.30 -20.65
C LYS A 288 16.03 -18.29 -21.63
N ALA A 289 16.67 -19.32 -21.06
CA ALA A 289 17.35 -20.36 -21.84
C ALA A 289 16.45 -21.04 -22.86
N ALA A 290 15.19 -21.27 -22.49
CA ALA A 290 14.25 -21.93 -23.37
C ALA A 290 13.88 -21.04 -24.57
N GLY A 291 14.16 -19.74 -24.47
CA GLY A 291 13.81 -18.86 -25.54
C GLY A 291 12.37 -18.38 -25.41
N VAL A 292 11.80 -18.55 -24.22
CA VAL A 292 10.43 -18.12 -23.97
C VAL A 292 10.47 -16.60 -23.73
N GLN A 293 9.48 -15.90 -24.28
CA GLN A 293 9.44 -14.44 -24.21
C GLN A 293 9.07 -13.82 -22.88
N GLY A 294 8.22 -14.50 -22.11
CA GLY A 294 7.81 -13.94 -20.83
C GLY A 294 7.70 -14.97 -19.73
N LEU A 295 7.40 -14.49 -18.53
CA LEU A 295 7.26 -15.36 -17.36
C LEU A 295 6.26 -14.81 -16.38
N GLN A 296 5.45 -15.69 -15.81
CA GLN A 296 4.48 -15.29 -14.79
C GLN A 296 5.17 -15.63 -13.47
N ASN A 297 5.50 -14.63 -12.66
CA ASN A 297 6.13 -14.94 -11.39
C ASN A 297 5.84 -13.92 -10.30
N GLY A 298 6.37 -14.16 -9.11
CA GLY A 298 6.12 -13.30 -7.97
C GLY A 298 5.38 -14.19 -6.99
N SER A 299 5.95 -15.38 -6.78
CA SER A 299 5.41 -16.42 -5.91
C SER A 299 4.15 -17.07 -6.52
N VAL A 300 3.27 -16.26 -7.08
CA VAL A 300 2.06 -16.77 -7.71
C VAL A 300 1.23 -17.67 -6.78
N SER A 301 0.97 -18.91 -7.19
CA SER A 301 0.15 -19.82 -6.40
C SER A 301 0.67 -20.24 -5.03
N CYS A 302 1.97 -20.12 -4.80
CA CYS A 302 2.54 -20.51 -3.51
C CYS A 302 2.88 -19.33 -2.59
N ILE A 303 2.18 -18.22 -2.78
CA ILE A 303 2.38 -17.00 -2.00
C ILE A 303 2.35 -17.20 -0.47
N GLY A 304 1.65 -18.24 -0.02
CA GLY A 304 1.59 -18.50 1.40
C GLY A 304 2.94 -18.89 1.99
N VAL A 305 3.85 -19.34 1.14
CA VAL A 305 5.18 -19.74 1.58
C VAL A 305 6.11 -18.56 1.87
N PRO A 306 6.47 -17.76 0.85
CA PRO A 306 7.35 -16.64 1.17
C PRO A 306 6.74 -15.64 2.15
N SER A 307 5.43 -15.41 2.05
CA SER A 307 4.79 -14.44 2.93
C SER A 307 4.87 -14.85 4.39
N ALA A 308 5.02 -16.16 4.64
CA ALA A 308 5.09 -16.67 6.01
C ALA A 308 6.41 -16.28 6.69
N VAL A 309 7.44 -15.98 5.89
CA VAL A 309 8.74 -15.64 6.45
C VAL A 309 9.14 -14.19 6.23
N PRO A 310 10.21 -13.73 6.93
CA PRO A 310 10.69 -12.35 6.80
C PRO A 310 11.13 -11.97 5.40
N SER A 311 10.89 -10.70 5.03
CA SER A 311 11.25 -10.17 3.73
C SER A 311 10.70 -11.00 2.58
N GLY A 312 9.60 -11.70 2.83
CA GLY A 312 9.00 -12.51 1.79
C GLY A 312 8.37 -11.70 0.66
N ILE A 313 7.58 -10.69 1.01
CA ILE A 313 6.92 -9.84 0.01
C ILE A 313 7.97 -9.02 -0.74
N ARG A 314 9.08 -8.71 -0.07
CA ARG A 314 10.18 -7.98 -0.69
C ARG A 314 10.84 -8.91 -1.72
N ALA A 315 10.96 -10.19 -1.36
CA ALA A 315 11.57 -11.18 -2.25
C ALA A 315 10.71 -11.32 -3.51
N VAL A 316 9.40 -11.28 -3.31
CA VAL A 316 8.46 -11.38 -4.42
C VAL A 316 8.72 -10.27 -5.44
N LEU A 317 8.87 -9.03 -4.96
CA LEU A 317 9.15 -7.93 -5.89
C LEU A 317 10.51 -8.17 -6.56
N ALA A 318 11.48 -8.64 -5.77
CA ALA A 318 12.80 -8.92 -6.27
C ALA A 318 12.80 -9.90 -7.44
N GLU A 319 12.02 -10.97 -7.34
CA GLU A 319 11.98 -11.97 -8.40
C GLU A 319 11.35 -11.36 -9.64
N ASN A 320 10.41 -10.43 -9.45
CA ASN A 320 9.77 -9.76 -10.57
C ASN A 320 10.83 -8.91 -11.27
N LEU A 321 11.60 -8.15 -10.49
CA LEU A 321 12.64 -7.30 -11.04
C LEU A 321 13.70 -8.12 -11.77
N ILE A 322 14.04 -9.29 -11.24
CA ILE A 322 15.02 -10.12 -11.93
C ILE A 322 14.46 -10.49 -13.30
N CYS A 323 13.19 -10.89 -13.32
CA CYS A 323 12.53 -11.27 -14.56
C CYS A 323 12.67 -10.18 -15.63
N SER A 324 12.24 -8.96 -15.30
CA SER A 324 12.32 -7.85 -16.24
C SER A 324 13.77 -7.46 -16.56
N SER A 325 14.66 -7.56 -15.58
CA SER A 325 16.06 -7.20 -15.79
C SER A 325 16.70 -8.15 -16.80
N LEU A 326 16.15 -9.36 -16.90
CA LEU A 326 16.65 -10.34 -17.85
C LEU A 326 15.95 -10.19 -19.19
N ASP A 327 15.30 -9.04 -19.38
CA ASP A 327 14.61 -8.73 -20.62
C ASP A 327 13.52 -9.74 -20.99
N LEU A 328 12.70 -10.07 -20.00
CA LEU A 328 11.59 -11.00 -20.18
C LEU A 328 10.32 -10.28 -19.74
N GLU A 329 9.23 -10.55 -20.45
CA GLU A 329 7.93 -9.97 -20.11
C GLU A 329 7.61 -10.51 -18.72
N CYS A 330 7.05 -9.68 -17.85
CA CYS A 330 6.73 -10.14 -16.50
C CYS A 330 5.27 -9.99 -16.12
N ALA A 331 4.58 -11.11 -15.93
CA ALA A 331 3.18 -11.09 -15.48
C ALA A 331 3.37 -11.26 -13.98
N SER A 332 3.40 -10.14 -13.27
CA SER A 332 3.69 -10.12 -11.83
C SER A 332 2.72 -10.55 -10.76
N SER A 333 2.21 -11.77 -10.86
CA SER A 333 1.33 -12.34 -9.84
C SER A 333 0.20 -11.44 -9.30
N ASN A 334 0.19 -11.18 -7.98
CA ASN A 334 -0.87 -10.38 -7.36
C ASN A 334 -2.20 -11.00 -7.78
N ASP A 335 -2.21 -12.32 -7.80
CA ASP A 335 -3.36 -13.10 -8.26
C ASP A 335 -3.78 -14.20 -7.30
N GLN A 336 -3.14 -14.25 -6.14
CA GLN A 336 -3.42 -15.30 -5.18
C GLN A 336 -3.51 -14.80 -3.75
N THR A 337 -4.47 -15.31 -3.01
CA THR A 337 -4.68 -14.93 -1.62
C THR A 337 -3.59 -15.46 -0.70
N PHE A 338 -3.15 -14.65 0.25
CA PHE A 338 -2.15 -15.09 1.21
C PHE A 338 -2.46 -14.52 2.59
N THR A 339 -3.45 -13.64 2.65
CA THR A 339 -3.80 -13.01 3.92
C THR A 339 -5.29 -12.72 4.10
N HIS A 340 -5.70 -12.56 5.36
CA HIS A 340 -7.08 -12.23 5.69
C HIS A 340 -7.20 -10.71 5.84
N SER A 341 -6.05 -10.03 5.77
CA SER A 341 -6.00 -8.58 5.96
C SER A 341 -5.96 -7.71 4.70
N ASP A 342 -6.84 -6.71 4.64
CA ASP A 342 -6.86 -5.80 3.49
C ASP A 342 -5.61 -4.91 3.50
N MET A 343 -5.14 -4.52 4.68
CA MET A 343 -3.96 -3.67 4.73
C MET A 343 -2.77 -4.41 4.14
N ARG A 344 -2.61 -5.66 4.55
CA ARG A 344 -1.49 -6.46 4.11
C ARG A 344 -1.51 -6.81 2.61
N ARG A 345 -2.67 -7.17 2.08
CA ARG A 345 -2.72 -7.51 0.66
C ARG A 345 -2.52 -6.27 -0.20
N THR A 346 -2.85 -5.10 0.34
CA THR A 346 -2.68 -3.87 -0.40
C THR A 346 -1.19 -3.52 -0.52
N ALA A 347 -0.45 -3.74 0.56
CA ALA A 347 0.98 -3.45 0.55
C ALA A 347 1.69 -4.36 -0.46
N ARG A 348 1.26 -5.61 -0.53
CA ARG A 348 1.86 -6.57 -1.45
C ARG A 348 1.59 -6.19 -2.91
N LEU A 349 0.39 -5.70 -3.18
CA LEU A 349 0.00 -5.29 -4.53
C LEU A 349 0.74 -4.05 -5.04
N LEU A 350 0.83 -3.03 -4.20
CA LEU A 350 1.47 -1.78 -4.58
C LEU A 350 2.91 -1.93 -5.04
N MET A 351 3.58 -3.00 -4.62
CA MET A 351 4.97 -3.21 -5.03
C MET A 351 5.11 -3.25 -6.55
N GLN A 352 4.10 -3.80 -7.24
CA GLN A 352 4.12 -3.90 -8.70
C GLN A 352 3.24 -2.82 -9.32
N PHE A 353 2.11 -2.54 -8.67
CA PHE A 353 1.14 -1.56 -9.13
C PHE A 353 1.73 -0.16 -9.28
N LEU A 354 2.51 0.28 -8.30
CA LEU A 354 3.12 1.61 -8.35
C LEU A 354 4.06 1.83 -9.54
N PRO A 355 5.08 0.96 -9.72
CA PRO A 355 6.01 1.12 -10.84
C PRO A 355 5.39 0.71 -12.16
N GLY A 356 4.54 -0.32 -12.10
CA GLY A 356 3.90 -0.83 -13.29
C GLY A 356 4.72 -1.98 -13.89
N THR A 357 4.04 -3.02 -14.35
CA THR A 357 4.72 -4.16 -14.97
C THR A 357 3.96 -4.50 -16.24
N ASP A 358 4.46 -5.46 -17.01
CA ASP A 358 3.81 -5.86 -18.25
C ASP A 358 2.35 -6.22 -17.95
N PHE A 359 2.15 -6.88 -16.80
CA PHE A 359 0.82 -7.23 -16.32
C PHE A 359 0.91 -7.08 -14.81
N ILE A 360 0.45 -5.93 -14.32
CA ILE A 360 0.48 -5.59 -12.89
C ILE A 360 0.06 -6.80 -12.06
N SER A 361 -1.04 -7.43 -12.47
CA SER A 361 -1.46 -8.64 -11.78
C SER A 361 -1.65 -9.67 -12.89
N SER A 362 -1.24 -10.91 -12.61
CA SER A 362 -1.39 -11.97 -13.60
C SER A 362 -2.56 -12.83 -13.14
N GLY A 363 -3.66 -12.16 -12.80
CA GLY A 363 -4.81 -12.90 -12.34
C GLY A 363 -5.67 -12.17 -11.32
N TYR A 364 -6.00 -10.92 -11.59
CA TYR A 364 -6.87 -10.15 -10.71
C TYR A 364 -8.18 -10.94 -10.89
N SER A 365 -8.91 -11.21 -9.81
CA SER A 365 -10.15 -11.98 -9.97
C SER A 365 -11.33 -11.12 -10.45
N ALA A 366 -11.80 -11.39 -11.66
CA ALA A 366 -12.92 -10.64 -12.22
C ALA A 366 -14.26 -11.15 -11.70
N VAL A 367 -14.20 -12.10 -10.76
CA VAL A 367 -15.40 -12.66 -10.14
C VAL A 367 -15.19 -12.60 -8.63
N PRO A 368 -16.27 -12.67 -7.85
CA PRO A 368 -16.07 -12.63 -6.39
C PRO A 368 -15.20 -13.83 -6.04
N ASN A 369 -14.33 -13.69 -5.03
CA ASN A 369 -13.42 -14.78 -4.69
C ASN A 369 -14.00 -16.16 -4.40
N TYR A 370 -15.24 -16.25 -3.91
CA TYR A 370 -15.80 -17.57 -3.63
C TYR A 370 -15.89 -18.37 -4.93
N ASP A 371 -15.85 -17.66 -6.07
CA ASP A 371 -15.92 -18.28 -7.38
C ASP A 371 -14.53 -18.44 -8.01
N ASN A 372 -13.50 -17.92 -7.36
CA ASN A 372 -12.17 -18.02 -7.92
C ASN A 372 -11.59 -19.43 -7.80
N MET A 373 -11.52 -20.12 -8.94
CA MET A 373 -11.02 -21.49 -8.95
C MET A 373 -9.52 -21.66 -8.81
N PHE A 374 -8.82 -20.55 -8.57
CA PHE A 374 -7.39 -20.58 -8.34
C PHE A 374 -7.24 -20.40 -6.83
N ALA A 375 -8.33 -20.70 -6.13
CA ALA A 375 -8.41 -20.62 -4.67
C ALA A 375 -8.34 -19.20 -4.11
N GLY A 376 -8.80 -18.23 -4.91
CA GLY A 376 -8.81 -16.85 -4.47
C GLY A 376 -7.65 -15.99 -4.95
N SER A 377 -7.95 -14.78 -5.39
CA SER A 377 -6.93 -13.85 -5.88
C SER A 377 -6.65 -12.74 -4.86
N ASN A 378 -5.50 -12.07 -5.01
CA ASN A 378 -5.14 -10.99 -4.11
C ASN A 378 -6.14 -9.84 -4.20
N GLU A 379 -6.87 -9.77 -5.32
CA GLU A 379 -7.91 -8.76 -5.51
C GLU A 379 -9.06 -9.47 -6.23
N ASP A 380 -10.29 -9.03 -6.01
CA ASP A 380 -11.42 -9.66 -6.70
C ASP A 380 -12.47 -8.63 -7.15
N ALA A 381 -13.56 -9.12 -7.73
CA ALA A 381 -14.62 -8.26 -8.25
C ALA A 381 -15.11 -7.17 -7.29
N GLU A 382 -15.09 -7.46 -6.00
CA GLU A 382 -15.57 -6.49 -5.02
C GLU A 382 -14.58 -5.36 -4.74
N ASP A 383 -13.38 -5.49 -5.29
CA ASP A 383 -12.34 -4.46 -5.09
C ASP A 383 -12.24 -3.49 -6.27
N PHE A 384 -13.06 -3.68 -7.31
CA PHE A 384 -12.97 -2.81 -8.48
C PHE A 384 -13.02 -1.32 -8.22
N ASP A 385 -13.91 -0.90 -7.31
CA ASP A 385 -14.01 0.53 -7.01
C ASP A 385 -12.79 1.05 -6.26
N ASP A 386 -12.29 0.26 -5.31
CA ASP A 386 -11.12 0.66 -4.55
C ASP A 386 -9.92 0.81 -5.50
N TYR A 387 -9.83 -0.13 -6.43
CA TYR A 387 -8.73 -0.12 -7.39
C TYR A 387 -8.76 1.16 -8.22
N ASN A 388 -9.92 1.54 -8.73
CA ASN A 388 -10.03 2.74 -9.53
C ASN A 388 -9.75 3.99 -8.70
N VAL A 389 -10.16 3.97 -7.44
CA VAL A 389 -9.94 5.11 -6.56
C VAL A 389 -8.45 5.34 -6.31
N ILE A 390 -7.72 4.25 -6.06
CA ILE A 390 -6.29 4.36 -5.81
C ILE A 390 -5.56 4.85 -7.06
N GLN A 391 -6.05 4.46 -8.23
CA GLN A 391 -5.45 4.92 -9.48
C GLN A 391 -5.57 6.44 -9.52
N ARG A 392 -6.74 6.92 -9.14
CA ARG A 392 -7.06 8.35 -9.13
C ARG A 392 -6.27 9.08 -8.03
N ASP A 393 -6.18 8.47 -6.85
CA ASP A 393 -5.46 9.08 -5.73
C ASP A 393 -3.99 9.36 -6.04
N LEU A 394 -3.33 8.38 -6.62
CA LEU A 394 -1.90 8.45 -6.91
C LEU A 394 -1.51 8.79 -8.35
N LYS A 395 -2.51 9.00 -9.20
CA LYS A 395 -2.29 9.27 -10.62
C LYS A 395 -1.39 8.16 -11.16
N VAL A 396 -1.84 6.92 -10.97
CA VAL A 396 -1.09 5.76 -11.44
C VAL A 396 -2.00 4.95 -12.35
N ASP A 397 -1.49 4.59 -13.52
CA ASP A 397 -2.26 3.80 -14.47
C ASP A 397 -2.19 2.34 -14.06
N GLY A 398 -3.29 1.83 -13.52
CA GLY A 398 -3.34 0.44 -13.10
C GLY A 398 -3.94 -0.48 -14.15
N GLY A 399 -4.17 0.05 -15.35
CA GLY A 399 -4.72 -0.76 -16.43
C GLY A 399 -6.23 -0.91 -16.47
N LEU A 400 -6.93 -0.44 -15.43
CA LEU A 400 -8.38 -0.57 -15.41
C LEU A 400 -9.09 0.79 -15.45
N ARG A 401 -10.41 0.78 -15.60
CA ARG A 401 -11.17 2.02 -15.68
C ARG A 401 -12.55 1.93 -15.06
N PRO A 402 -13.10 3.08 -14.66
CA PRO A 402 -14.44 3.07 -14.07
C PRO A 402 -15.40 2.71 -15.21
N VAL A 403 -16.53 2.11 -14.90
CA VAL A 403 -17.50 1.73 -15.92
C VAL A 403 -18.94 1.96 -15.46
N ARG A 404 -19.84 2.12 -16.42
CA ARG A 404 -21.25 2.34 -16.08
C ARG A 404 -22.00 1.02 -15.98
N GLU A 405 -22.91 0.93 -15.01
CA GLU A 405 -23.68 -0.28 -14.82
C GLU A 405 -24.45 -0.67 -16.09
N GLU A 406 -25.06 0.30 -16.74
CA GLU A 406 -25.83 0.06 -17.96
C GLU A 406 -24.98 -0.56 -19.07
N ASP A 407 -23.75 -0.09 -19.23
CA ASP A 407 -22.87 -0.64 -20.25
C ASP A 407 -22.49 -2.08 -19.92
N VAL A 408 -22.15 -2.33 -18.66
CA VAL A 408 -21.77 -3.66 -18.24
C VAL A 408 -22.93 -4.63 -18.41
N ILE A 409 -24.12 -4.20 -18.03
CA ILE A 409 -25.30 -5.06 -18.16
C ILE A 409 -25.49 -5.43 -19.63
N ALA A 410 -25.38 -4.44 -20.51
CA ALA A 410 -25.55 -4.69 -21.94
C ALA A 410 -24.46 -5.61 -22.48
N ILE A 411 -23.22 -5.40 -22.05
CA ILE A 411 -22.13 -6.23 -22.54
C ILE A 411 -22.24 -7.67 -22.01
N ARG A 412 -22.62 -7.81 -20.74
CA ARG A 412 -22.76 -9.14 -20.15
C ARG A 412 -23.87 -9.87 -20.87
N ASN A 413 -24.97 -9.16 -21.13
CA ASN A 413 -26.12 -9.75 -21.80
C ASN A 413 -25.79 -10.20 -23.21
N LYS A 414 -25.03 -9.38 -23.95
CA LYS A 414 -24.67 -9.77 -25.31
C LYS A 414 -23.73 -10.96 -25.31
N ALA A 415 -22.84 -11.04 -24.33
CA ALA A 415 -21.90 -12.15 -24.23
C ALA A 415 -22.66 -13.46 -23.97
N ALA A 416 -23.63 -13.40 -23.07
CA ALA A 416 -24.43 -14.58 -22.73
C ALA A 416 -25.27 -15.03 -23.93
N ARG A 417 -25.84 -14.06 -24.64
CA ARG A 417 -26.65 -14.38 -25.81
C ARG A 417 -25.77 -14.95 -26.93
N ALA A 418 -24.56 -14.42 -27.07
CA ALA A 418 -23.65 -14.89 -28.09
C ALA A 418 -23.29 -16.35 -27.81
N LEU A 419 -23.08 -16.68 -26.54
CA LEU A 419 -22.72 -18.05 -26.20
C LEU A 419 -23.93 -18.96 -26.40
N GLN A 420 -25.11 -18.44 -26.13
CA GLN A 420 -26.34 -19.20 -26.31
C GLN A 420 -26.44 -19.63 -27.77
N ALA A 421 -26.09 -18.72 -28.67
CA ALA A 421 -26.13 -19.01 -30.10
C ALA A 421 -25.05 -20.03 -30.47
N VAL A 422 -23.91 -19.97 -29.78
CA VAL A 422 -22.82 -20.93 -30.04
C VAL A 422 -23.24 -22.34 -29.64
N PHE A 423 -23.81 -22.46 -28.44
CA PHE A 423 -24.24 -23.77 -27.96
C PHE A 423 -25.34 -24.35 -28.86
N ALA A 424 -26.26 -23.49 -29.29
CA ALA A 424 -27.34 -23.92 -30.17
C ALA A 424 -26.74 -24.35 -31.50
N GLY A 425 -25.84 -23.53 -32.04
CA GLY A 425 -25.23 -23.85 -33.31
C GLY A 425 -24.36 -25.11 -33.30
N MET A 426 -23.64 -25.34 -32.20
CA MET A 426 -22.78 -26.51 -32.11
C MET A 426 -23.46 -27.74 -31.54
N GLY A 427 -24.75 -27.63 -31.25
CA GLY A 427 -25.50 -28.75 -30.73
C GLY A 427 -25.08 -29.18 -29.33
N LEU A 428 -24.89 -28.21 -28.45
CA LEU A 428 -24.47 -28.47 -27.08
C LEU A 428 -25.68 -28.29 -26.14
N PRO A 429 -25.59 -28.80 -24.90
CA PRO A 429 -26.73 -28.63 -23.99
C PRO A 429 -27.12 -27.15 -23.96
N PRO A 430 -28.38 -26.85 -24.32
CA PRO A 430 -28.91 -25.49 -24.36
C PRO A 430 -28.69 -24.56 -23.17
N ILE A 431 -28.57 -23.28 -23.48
CA ILE A 431 -28.44 -22.22 -22.50
C ILE A 431 -29.79 -21.54 -22.65
N THR A 432 -30.62 -21.61 -21.62
CA THR A 432 -31.96 -21.02 -21.68
C THR A 432 -31.96 -19.51 -21.54
N ASP A 433 -33.06 -18.89 -21.92
CA ASP A 433 -33.17 -17.44 -21.80
C ASP A 433 -33.07 -17.04 -20.34
N GLU A 434 -33.52 -17.93 -19.46
CA GLU A 434 -33.46 -17.66 -18.03
C GLU A 434 -32.00 -17.57 -17.61
N GLU A 435 -31.16 -18.43 -18.16
CA GLU A 435 -29.74 -18.44 -17.84
C GLU A 435 -29.08 -17.17 -18.38
N VAL A 436 -29.54 -16.70 -19.53
CA VAL A 436 -29.01 -15.50 -20.14
C VAL A 436 -29.27 -14.32 -19.21
N GLU A 437 -30.49 -14.24 -18.68
CA GLU A 437 -30.84 -13.15 -17.77
C GLU A 437 -30.07 -13.28 -16.47
N ALA A 438 -29.97 -14.50 -15.95
CA ALA A 438 -29.24 -14.73 -14.71
C ALA A 438 -27.78 -14.25 -14.85
N ALA A 439 -27.12 -14.67 -15.92
CA ALA A 439 -25.73 -14.29 -16.17
C ALA A 439 -25.59 -12.78 -16.35
N THR A 440 -26.60 -12.17 -16.95
CA THR A 440 -26.60 -10.73 -17.18
C THR A 440 -26.49 -9.92 -15.89
N TYR A 441 -27.30 -10.29 -14.90
CA TYR A 441 -27.35 -9.56 -13.63
C TYR A 441 -26.66 -10.21 -12.45
N ALA A 442 -25.96 -11.32 -12.69
CA ALA A 442 -25.30 -12.03 -11.61
C ALA A 442 -24.05 -11.36 -11.08
N HIS A 443 -23.69 -11.74 -9.85
CA HIS A 443 -22.47 -11.28 -9.22
C HIS A 443 -21.57 -12.51 -9.20
N GLY A 444 -22.19 -13.66 -8.92
CA GLY A 444 -21.45 -14.92 -8.87
C GLY A 444 -22.33 -16.12 -9.19
N SER A 445 -21.77 -17.33 -9.07
CA SER A 445 -22.52 -18.54 -9.37
C SER A 445 -23.74 -18.75 -8.45
N LYS A 446 -23.77 -18.05 -7.32
CA LYS A 446 -24.88 -18.16 -6.40
C LYS A 446 -26.14 -17.57 -7.04
N ASP A 447 -25.96 -16.83 -8.14
CA ASP A 447 -27.10 -16.22 -8.80
C ASP A 447 -27.44 -16.95 -10.10
N MET A 448 -26.73 -18.03 -10.37
CA MET A 448 -26.94 -18.81 -11.59
C MET A 448 -27.73 -20.08 -11.33
N PRO A 449 -28.65 -20.42 -12.25
CA PRO A 449 -29.43 -21.65 -12.05
C PRO A 449 -28.49 -22.83 -12.29
N GLU A 450 -28.70 -23.92 -11.57
CA GLU A 450 -27.84 -25.10 -11.73
C GLU A 450 -27.98 -25.74 -13.10
N ARG A 451 -26.86 -26.17 -13.67
CA ARG A 451 -26.86 -26.81 -14.97
C ARG A 451 -26.65 -28.32 -14.80
N ASN A 452 -26.96 -29.07 -15.84
CA ASN A 452 -26.76 -30.51 -15.82
C ASN A 452 -25.27 -30.71 -16.13
N ILE A 453 -24.46 -30.83 -15.09
CA ILE A 453 -23.02 -30.98 -15.26
C ILE A 453 -22.63 -32.26 -16.00
N VAL A 454 -23.26 -33.37 -15.66
CA VAL A 454 -22.94 -34.63 -16.32
C VAL A 454 -23.11 -34.50 -17.82
N GLU A 455 -24.20 -33.86 -18.24
CA GLU A 455 -24.47 -33.69 -19.66
C GLU A 455 -23.49 -32.73 -20.31
N ASP A 456 -23.14 -31.64 -19.61
CA ASP A 456 -22.20 -30.68 -20.15
C ASP A 456 -20.83 -31.29 -20.41
N ILE A 457 -20.27 -31.98 -19.42
CA ILE A 457 -18.95 -32.57 -19.62
C ILE A 457 -18.95 -33.66 -20.69
N LYS A 458 -20.10 -34.29 -20.92
CA LYS A 458 -20.18 -35.31 -21.96
C LYS A 458 -19.90 -34.67 -23.31
N PHE A 459 -20.62 -33.59 -23.61
CA PHE A 459 -20.42 -32.87 -24.88
C PHE A 459 -19.09 -32.14 -24.92
N ALA A 460 -18.65 -31.66 -23.77
CA ALA A 460 -17.37 -30.94 -23.71
C ALA A 460 -16.26 -31.86 -24.18
N GLN A 461 -16.30 -33.12 -23.75
CA GLN A 461 -15.28 -34.07 -24.16
C GLN A 461 -15.43 -34.48 -25.62
N GLU A 462 -16.64 -34.43 -26.16
CA GLU A 462 -16.83 -34.77 -27.56
C GLU A 462 -16.11 -33.72 -28.41
N ILE A 463 -15.98 -32.51 -27.90
CA ILE A 463 -15.29 -31.45 -28.64
C ILE A 463 -13.83 -31.86 -28.81
N ILE A 464 -13.23 -32.39 -27.74
CA ILE A 464 -11.85 -32.83 -27.78
C ILE A 464 -11.67 -34.10 -28.59
N ASN A 465 -12.43 -35.13 -28.24
CA ASN A 465 -12.33 -36.43 -28.89
C ASN A 465 -12.73 -36.46 -30.36
N LYS A 466 -13.56 -35.52 -30.80
CA LYS A 466 -13.96 -35.48 -32.20
C LYS A 466 -13.21 -34.37 -32.92
N ASN A 467 -12.32 -33.69 -32.19
CA ASN A 467 -11.53 -32.58 -32.74
C ASN A 467 -12.35 -31.46 -33.36
N ARG A 468 -13.39 -31.02 -32.65
CA ARG A 468 -14.20 -29.92 -33.14
C ARG A 468 -13.38 -28.66 -32.87
N ASN A 469 -12.93 -28.00 -33.93
CA ASN A 469 -12.08 -26.83 -33.80
C ASN A 469 -12.79 -25.48 -33.70
N GLY A 470 -11.99 -24.43 -33.48
CA GLY A 470 -12.52 -23.09 -33.32
C GLY A 470 -13.41 -22.57 -34.44
N LEU A 471 -13.18 -22.99 -35.68
CA LEU A 471 -14.01 -22.52 -36.78
C LEU A 471 -15.48 -22.88 -36.61
N GLU A 472 -15.76 -23.93 -35.83
CA GLU A 472 -17.15 -24.31 -35.61
C GLU A 472 -17.81 -23.25 -34.73
N VAL A 473 -17.00 -22.58 -33.92
CA VAL A 473 -17.51 -21.52 -33.05
C VAL A 473 -17.82 -20.29 -33.90
N VAL A 474 -16.94 -20.00 -34.86
CA VAL A 474 -17.12 -18.86 -35.75
C VAL A 474 -18.41 -19.03 -36.55
N LYS A 475 -18.59 -20.20 -37.15
CA LYS A 475 -19.78 -20.49 -37.93
C LYS A 475 -21.07 -20.40 -37.10
N ALA A 476 -21.05 -20.96 -35.89
CA ALA A 476 -22.22 -20.90 -35.02
C ALA A 476 -22.64 -19.45 -34.77
N LEU A 477 -21.65 -18.59 -34.51
CA LEU A 477 -21.89 -17.18 -34.27
C LEU A 477 -22.41 -16.50 -35.53
N ALA A 478 -21.76 -16.78 -36.65
CA ALA A 478 -22.13 -16.18 -37.93
C ALA A 478 -23.53 -16.57 -38.36
N GLN A 479 -23.91 -17.82 -38.10
CA GLN A 479 -25.23 -18.31 -38.49
C GLN A 479 -26.27 -18.11 -37.41
N GLY A 480 -25.83 -17.69 -36.22
CA GLY A 480 -26.76 -17.49 -35.12
C GLY A 480 -27.14 -16.06 -34.83
N GLY A 481 -26.85 -15.16 -35.77
CA GLY A 481 -27.18 -13.76 -35.58
C GLY A 481 -26.08 -12.91 -34.99
N PHE A 482 -24.85 -13.42 -34.99
CA PHE A 482 -23.75 -12.66 -34.43
C PHE A 482 -22.57 -12.59 -35.40
N THR A 483 -22.82 -11.97 -36.55
CA THR A 483 -21.82 -11.81 -37.59
C THR A 483 -20.64 -10.97 -37.07
N ASP A 484 -20.94 -9.94 -36.29
CA ASP A 484 -19.90 -9.09 -35.74
C ASP A 484 -18.95 -9.87 -34.83
N VAL A 485 -19.50 -10.55 -33.82
CA VAL A 485 -18.67 -11.34 -32.90
C VAL A 485 -17.90 -12.40 -33.67
N ALA A 486 -18.56 -13.02 -34.65
CA ALA A 486 -17.92 -14.06 -35.46
C ALA A 486 -16.67 -13.51 -36.14
N GLN A 487 -16.78 -12.32 -36.70
CA GLN A 487 -15.66 -11.68 -37.39
C GLN A 487 -14.55 -11.37 -36.39
N ASP A 488 -14.93 -10.95 -35.18
CA ASP A 488 -13.93 -10.65 -34.17
C ASP A 488 -13.24 -11.94 -33.76
N MET A 489 -14.00 -13.03 -33.70
CA MET A 489 -13.44 -14.33 -33.36
C MET A 489 -12.45 -14.76 -34.44
N LEU A 490 -12.86 -14.60 -35.70
CA LEU A 490 -11.99 -14.97 -36.81
C LEU A 490 -10.72 -14.12 -36.81
N ASN A 491 -10.87 -12.83 -36.47
CA ASN A 491 -9.73 -11.94 -36.44
C ASN A 491 -8.70 -12.38 -35.40
N ILE A 492 -9.17 -12.81 -34.23
CA ILE A 492 -8.28 -13.25 -33.17
C ILE A 492 -7.54 -14.52 -33.63
N GLN A 493 -8.21 -15.34 -34.43
CA GLN A 493 -7.60 -16.57 -34.93
C GLN A 493 -6.52 -16.22 -35.96
N LYS A 494 -6.79 -15.21 -36.79
CA LYS A 494 -5.83 -14.80 -37.80
C LYS A 494 -4.54 -14.26 -37.19
N ALA A 495 -4.61 -13.82 -35.94
CA ALA A 495 -3.43 -13.31 -35.26
C ALA A 495 -2.42 -14.42 -35.08
N LYS A 496 -2.88 -15.65 -35.07
CA LYS A 496 -2.00 -16.79 -34.89
C LYS A 496 -1.20 -17.12 -36.16
N LEU A 497 -1.49 -16.41 -37.25
CA LEU A 497 -0.82 -16.65 -38.52
C LEU A 497 0.37 -15.73 -38.81
N THR A 498 0.39 -14.57 -38.17
CA THR A 498 1.44 -13.59 -38.42
C THR A 498 2.68 -13.68 -37.55
N GLY A 499 2.56 -14.31 -36.38
CA GLY A 499 3.69 -14.42 -35.48
C GLY A 499 4.00 -13.12 -34.75
N ASP A 500 3.25 -12.06 -35.02
CA ASP A 500 3.51 -10.78 -34.37
C ASP A 500 3.32 -10.74 -32.86
N TYR A 501 2.24 -11.36 -32.36
CA TYR A 501 1.99 -11.32 -30.93
C TYR A 501 2.76 -12.40 -30.15
N LEU A 502 3.74 -13.01 -30.80
CA LEU A 502 4.58 -14.04 -30.18
C LEU A 502 5.75 -13.36 -29.47
N HIS A 503 5.97 -12.10 -29.82
CA HIS A 503 7.04 -11.32 -29.26
C HIS A 503 6.82 -10.84 -27.83
N THR A 504 7.92 -10.53 -27.17
CA THR A 504 7.95 -10.04 -25.79
C THR A 504 6.84 -9.06 -25.40
N SER A 505 6.05 -9.47 -24.41
CA SER A 505 4.97 -8.65 -23.83
C SER A 505 3.80 -8.31 -24.75
N ALA A 506 3.70 -8.98 -25.88
CA ALA A 506 2.64 -8.69 -26.83
C ALA A 506 1.19 -8.88 -26.38
N ILE A 507 0.37 -7.87 -26.68
CA ILE A 507 -1.06 -7.89 -26.42
C ILE A 507 -1.68 -7.29 -27.68
N ILE A 508 -2.99 -7.30 -27.80
CA ILE A 508 -3.63 -6.75 -29.00
C ILE A 508 -4.64 -5.70 -28.58
N VAL A 509 -4.44 -4.48 -29.06
CA VAL A 509 -5.31 -3.36 -28.72
C VAL A 509 -5.91 -2.66 -29.93
N GLY A 510 -6.83 -1.73 -29.67
CA GLY A 510 -7.47 -1.01 -30.75
C GLY A 510 -8.05 -1.95 -31.79
N ASP A 511 -7.81 -1.65 -33.05
CA ASP A 511 -8.32 -2.44 -34.15
C ASP A 511 -7.33 -3.55 -34.52
N GLY A 512 -7.24 -4.57 -33.68
CA GLY A 512 -6.34 -5.68 -33.94
C GLY A 512 -4.89 -5.29 -34.09
N GLN A 513 -4.47 -4.26 -33.37
CA GLN A 513 -3.10 -3.78 -33.44
C GLN A 513 -2.24 -4.39 -32.33
N VAL A 514 -1.18 -5.10 -32.71
CA VAL A 514 -0.29 -5.70 -31.72
C VAL A 514 0.49 -4.59 -31.01
N LEU A 515 0.72 -4.76 -29.72
CA LEU A 515 1.48 -3.81 -28.92
C LEU A 515 2.42 -4.63 -28.06
N SER A 516 3.68 -4.68 -28.44
CA SER A 516 4.65 -5.47 -27.68
C SER A 516 5.86 -4.63 -27.34
N ALA A 517 6.87 -5.26 -26.74
CA ALA A 517 8.09 -4.57 -26.36
C ALA A 517 8.89 -4.17 -27.60
N VAL A 518 8.54 -4.73 -28.75
CA VAL A 518 9.24 -4.41 -29.99
C VAL A 518 8.80 -3.07 -30.57
N ASN A 519 7.49 -2.80 -30.57
CA ASN A 519 7.00 -1.54 -31.12
C ASN A 519 6.47 -0.57 -30.05
N ASP A 520 6.62 -0.94 -28.79
CA ASP A 520 6.20 -0.09 -27.66
C ASP A 520 7.33 -0.19 -26.64
N VAL A 521 8.52 0.20 -27.10
CA VAL A 521 9.75 0.18 -26.31
C VAL A 521 9.72 1.08 -25.09
N ASN A 522 10.12 0.54 -23.94
CA ASN A 522 10.16 1.34 -22.71
C ASN A 522 11.40 2.21 -22.79
N ASP A 523 11.21 3.51 -22.66
CA ASP A 523 12.31 4.46 -22.77
C ASP A 523 12.45 5.36 -21.55
N TYR A 524 12.33 4.76 -20.36
CA TYR A 524 12.42 5.52 -19.12
C TYR A 524 13.79 6.20 -18.94
N ALA A 525 13.77 7.47 -18.55
CA ALA A 525 15.00 8.23 -18.32
C ALA A 525 14.76 9.24 -17.20
N GLY A 526 13.98 8.83 -16.20
CA GLY A 526 13.71 9.70 -15.07
C GLY A 526 12.42 10.49 -15.22
N PRO A 527 12.16 11.44 -14.31
CA PRO A 527 10.95 12.28 -14.34
C PRO A 527 10.62 12.84 -15.73
N ALA A 528 9.32 12.91 -16.01
CA ALA A 528 8.81 13.45 -17.26
C ALA A 528 9.23 12.68 -18.52
N THR A 529 9.65 11.43 -18.35
CA THR A 529 10.04 10.60 -19.50
C THR A 529 9.43 9.21 -19.33
N GLY A 530 9.38 8.45 -20.42
CA GLY A 530 8.80 7.12 -20.35
C GLY A 530 7.29 7.24 -20.28
N TYR A 531 6.61 6.14 -19.97
CA TYR A 531 5.16 6.17 -19.89
C TYR A 531 4.68 7.11 -18.77
N ARG A 532 3.73 7.98 -19.09
CA ARG A 532 3.17 8.92 -18.13
C ARG A 532 1.65 8.95 -18.28
N LEU A 533 0.94 8.82 -17.16
CA LEU A 533 -0.52 8.84 -17.20
C LEU A 533 -0.93 10.27 -17.50
N GLN A 534 -1.72 10.47 -18.54
CA GLN A 534 -2.14 11.82 -18.93
C GLN A 534 -3.24 11.76 -19.97
N GLY A 535 -3.56 12.93 -20.53
CA GLY A 535 -4.58 13.00 -21.56
C GLY A 535 -5.90 12.33 -21.26
N GLU A 536 -6.48 11.70 -22.27
CA GLU A 536 -7.77 11.03 -22.13
C GLU A 536 -7.77 9.89 -21.14
N ARG A 537 -6.65 9.17 -21.07
CA ARG A 537 -6.54 8.06 -20.14
C ARG A 537 -6.63 8.58 -18.71
N TRP A 538 -6.04 9.74 -18.46
CA TRP A 538 -6.08 10.34 -17.12
C TRP A 538 -7.51 10.80 -16.82
N GLU A 539 -8.15 11.42 -17.82
CA GLU A 539 -9.53 11.87 -17.66
C GLU A 539 -10.43 10.69 -17.35
N GLU A 540 -10.20 9.59 -18.06
CA GLU A 540 -10.97 8.38 -17.87
C GLU A 540 -10.82 7.84 -16.45
N ILE A 541 -9.60 7.91 -15.93
CA ILE A 541 -9.31 7.45 -14.58
C ILE A 541 -9.88 8.37 -13.50
N LYS A 542 -9.96 9.67 -13.78
CA LYS A 542 -10.50 10.63 -12.83
C LYS A 542 -12.00 10.44 -12.58
N ASN A 543 -12.72 10.13 -13.67
CA ASN A 543 -14.17 9.98 -13.62
C ASN A 543 -14.70 8.74 -12.92
N ILE A 544 -14.51 8.69 -11.60
CA ILE A 544 -14.98 7.57 -10.80
C ILE A 544 -16.40 7.81 -10.27
N PRO A 545 -17.09 6.74 -9.85
CA PRO A 545 -18.45 6.90 -9.33
C PRO A 545 -18.45 7.68 -8.01
N GLY A 546 -19.31 8.68 -7.92
CA GLY A 546 -19.39 9.47 -6.71
C GLY A 546 -18.63 10.79 -6.78
N ALA A 547 -17.87 10.98 -7.85
CA ALA A 547 -17.14 12.23 -8.03
C ALA A 547 -18.12 13.27 -8.55
N LEU A 548 -18.81 13.92 -7.62
CA LEU A 548 -19.80 14.93 -7.96
C LEU A 548 -19.24 16.35 -8.06
N ASP A 549 -19.82 17.16 -8.94
CA ASP A 549 -19.39 18.53 -9.13
C ASP A 549 -19.68 19.35 -7.88
N PRO A 550 -18.64 19.86 -7.22
CA PRO A 550 -18.77 20.67 -6.00
C PRO A 550 -19.41 22.03 -6.24
N ASN A 551 -19.04 22.65 -7.35
CA ASN A 551 -19.55 23.97 -7.72
C ASN A 551 -21.06 24.09 -7.53
N GLU A 552 -21.80 23.13 -8.09
CA GLU A 552 -23.26 23.10 -8.00
C GLU A 552 -23.88 24.30 -8.71
N GLY B 46 -1.43 -48.89 14.66
CA GLY B 46 -0.99 -49.50 13.37
C GLY B 46 -2.08 -50.32 12.72
N PHE B 47 -2.99 -49.64 12.03
CA PHE B 47 -4.10 -50.31 11.37
C PHE B 47 -3.80 -50.72 9.93
N LEU B 48 -2.54 -50.56 9.51
CA LEU B 48 -2.16 -50.92 8.15
C LEU B 48 -0.95 -51.84 8.13
N THR B 49 -1.15 -53.04 7.61
CA THR B 49 -0.08 -54.04 7.53
C THR B 49 0.20 -54.42 6.08
N GLU B 50 1.48 -54.47 5.72
CA GLU B 50 1.87 -54.84 4.37
C GLU B 50 1.66 -56.33 4.17
N VAL B 51 1.10 -56.70 3.01
CA VAL B 51 0.86 -58.10 2.72
C VAL B 51 1.60 -58.54 1.45
N GLY B 52 2.62 -57.77 1.08
CA GLY B 52 3.40 -58.08 -0.11
C GLY B 52 3.24 -57.04 -1.21
N GLU B 53 4.11 -57.08 -2.22
CA GLU B 53 4.05 -56.13 -3.33
C GLU B 53 2.67 -56.14 -3.98
N ALA B 54 2.10 -54.96 -4.20
CA ALA B 54 0.79 -54.85 -4.84
C ALA B 54 0.95 -55.22 -6.31
N ARG B 55 0.01 -55.98 -6.85
CA ARG B 55 0.08 -56.39 -8.24
C ARG B 55 -1.22 -56.13 -9.00
N GLN B 56 -1.17 -56.39 -10.30
CA GLN B 56 -2.32 -56.20 -11.18
C GLN B 56 -3.56 -56.89 -10.61
N GLY B 57 -4.68 -56.18 -10.58
CA GLY B 57 -5.91 -56.75 -10.04
C GLY B 57 -6.32 -58.07 -10.65
N THR B 58 -6.96 -58.92 -9.85
CA THR B 58 -7.42 -60.23 -10.31
C THR B 58 -8.88 -60.20 -10.72
N GLN B 59 -9.51 -59.04 -10.58
CA GLN B 59 -10.90 -58.89 -10.98
C GLN B 59 -11.17 -57.42 -11.33
N GLN B 60 -12.07 -57.23 -12.29
CA GLN B 60 -12.43 -55.91 -12.81
C GLN B 60 -13.11 -54.98 -11.81
N ASP B 61 -14.09 -55.50 -11.07
CA ASP B 61 -14.84 -54.69 -10.12
C ASP B 61 -14.13 -54.29 -8.83
N GLU B 62 -13.05 -53.52 -8.96
CA GLU B 62 -12.30 -53.07 -7.80
C GLU B 62 -11.78 -51.65 -8.04
N VAL B 63 -11.55 -50.93 -6.96
CA VAL B 63 -10.98 -49.59 -7.00
C VAL B 63 -9.81 -49.60 -6.03
N ILE B 64 -8.66 -49.13 -6.48
CA ILE B 64 -7.49 -49.08 -5.60
C ILE B 64 -7.36 -47.73 -4.91
N ILE B 65 -7.17 -47.76 -3.59
CA ILE B 65 -6.96 -46.55 -2.82
C ILE B 65 -5.46 -46.56 -2.57
N ALA B 66 -4.75 -45.60 -3.14
CA ALA B 66 -3.30 -45.51 -2.97
C ALA B 66 -2.97 -44.36 -2.02
N VAL B 67 -2.23 -44.68 -0.94
CA VAL B 67 -1.88 -43.67 0.04
C VAL B 67 -0.39 -43.33 0.05
N GLY B 68 -0.07 -42.14 0.55
CA GLY B 68 1.30 -41.68 0.62
C GLY B 68 2.15 -42.57 1.50
N PRO B 69 3.48 -42.46 1.41
CA PRO B 69 4.41 -43.27 2.22
C PRO B 69 4.37 -43.09 3.73
N ALA B 70 3.68 -42.05 4.21
CA ALA B 70 3.61 -41.81 5.65
C ALA B 70 2.19 -41.97 6.20
N PHE B 71 1.24 -42.23 5.31
CA PHE B 71 -0.16 -42.39 5.70
C PHE B 71 -0.38 -43.52 6.69
N GLY B 72 -0.92 -43.17 7.86
CA GLY B 72 -1.17 -44.18 8.88
C GLY B 72 0.11 -44.57 9.62
N LEU B 73 1.22 -43.94 9.26
CA LEU B 73 2.51 -44.22 9.89
C LEU B 73 3.03 -42.99 10.63
N ALA B 74 4.02 -42.31 10.05
CA ALA B 74 4.59 -41.13 10.67
C ALA B 74 3.54 -40.05 10.89
N GLN B 75 2.50 -40.09 10.08
CA GLN B 75 1.40 -39.13 10.20
C GLN B 75 0.14 -39.98 10.33
N THR B 76 -0.75 -39.59 11.24
CA THR B 76 -1.98 -40.36 11.47
C THR B 76 -3.28 -39.58 11.31
N VAL B 77 -3.17 -38.27 11.09
CA VAL B 77 -4.34 -37.41 10.88
C VAL B 77 -4.05 -36.49 9.69
N ASN B 78 -5.10 -35.98 9.06
CA ASN B 78 -4.89 -35.10 7.91
C ASN B 78 -4.65 -33.67 8.38
N ILE B 79 -4.57 -32.74 7.45
CA ILE B 79 -4.29 -31.35 7.77
C ILE B 79 -5.20 -30.70 8.83
N VAL B 80 -6.46 -31.09 8.89
CA VAL B 80 -7.37 -30.52 9.90
C VAL B 80 -7.70 -31.50 11.03
N GLY B 81 -6.81 -32.46 11.28
CA GLY B 81 -7.03 -33.40 12.37
C GLY B 81 -7.90 -34.63 12.20
N ILE B 82 -8.46 -34.85 11.01
CA ILE B 82 -9.29 -36.03 10.80
C ILE B 82 -8.38 -37.25 10.73
N PRO B 83 -8.66 -38.28 11.54
CA PRO B 83 -7.86 -39.51 11.57
C PRO B 83 -7.80 -40.27 10.25
N HIS B 84 -6.59 -40.71 9.89
CA HIS B 84 -6.42 -41.48 8.66
C HIS B 84 -7.29 -42.73 8.72
N LYS B 85 -7.40 -43.31 9.91
CA LYS B 85 -8.20 -44.51 10.08
C LYS B 85 -9.64 -44.25 9.68
N SER B 86 -10.19 -43.12 10.12
CA SER B 86 -11.55 -42.75 9.80
C SER B 86 -11.73 -42.45 8.31
N ILE B 87 -10.75 -41.77 7.73
CA ILE B 87 -10.78 -41.42 6.32
C ILE B 87 -10.83 -42.67 5.46
N LEU B 88 -9.87 -43.57 5.69
CA LEU B 88 -9.81 -44.81 4.94
C LEU B 88 -11.11 -45.60 5.10
N ARG B 89 -11.68 -45.55 6.30
CA ARG B 89 -12.93 -46.26 6.59
C ARG B 89 -14.06 -45.73 5.71
N GLU B 90 -14.18 -44.41 5.64
CA GLU B 90 -15.23 -43.79 4.85
C GLU B 90 -15.05 -44.00 3.34
N VAL B 91 -13.82 -43.89 2.85
CA VAL B 91 -13.58 -44.08 1.42
C VAL B 91 -13.95 -45.51 1.04
N ILE B 92 -13.52 -46.47 1.85
CA ILE B 92 -13.81 -47.87 1.60
C ILE B 92 -15.32 -48.11 1.63
N ALA B 93 -16.00 -47.55 2.63
CA ALA B 93 -17.44 -47.71 2.77
C ALA B 93 -18.18 -47.19 1.54
N GLY B 94 -17.76 -46.03 1.04
CA GLY B 94 -18.40 -45.47 -0.13
C GLY B 94 -18.21 -46.37 -1.33
N ILE B 95 -17.03 -46.97 -1.45
CA ILE B 95 -16.75 -47.87 -2.56
C ILE B 95 -17.60 -49.14 -2.46
N GLU B 96 -17.57 -49.77 -1.30
CA GLU B 96 -18.32 -51.01 -1.09
C GLU B 96 -19.82 -50.79 -1.23
N GLU B 97 -20.31 -49.60 -0.88
CA GLU B 97 -21.73 -49.30 -1.01
C GLU B 97 -22.18 -49.52 -2.44
N GLU B 98 -21.27 -49.27 -3.39
CA GLU B 98 -21.57 -49.42 -4.80
C GLU B 98 -21.33 -50.82 -5.33
N GLY B 99 -21.12 -51.77 -4.42
CA GLY B 99 -20.89 -53.14 -4.83
C GLY B 99 -19.54 -53.33 -5.48
N ILE B 100 -18.60 -52.46 -5.14
CA ILE B 100 -17.26 -52.55 -5.69
C ILE B 100 -16.29 -52.86 -4.56
N LYS B 101 -15.25 -53.62 -4.86
CA LYS B 101 -14.25 -53.97 -3.87
C LYS B 101 -13.20 -52.88 -3.76
N ALA B 102 -12.67 -52.71 -2.56
CA ALA B 102 -11.64 -51.73 -2.31
C ALA B 102 -10.34 -52.46 -1.99
N ARG B 103 -9.24 -52.01 -2.58
CA ARG B 103 -7.93 -52.59 -2.35
C ARG B 103 -7.00 -51.43 -2.04
N VAL B 104 -6.32 -51.50 -0.90
CA VAL B 104 -5.42 -50.43 -0.47
C VAL B 104 -3.95 -50.75 -0.67
N ILE B 105 -3.19 -49.76 -1.14
CA ILE B 105 -1.76 -49.92 -1.37
C ILE B 105 -1.03 -48.66 -0.94
N ARG B 106 0.25 -48.80 -0.60
CA ARG B 106 1.07 -47.67 -0.21
C ARG B 106 2.10 -47.46 -1.31
N CYS B 107 2.33 -46.21 -1.68
CA CYS B 107 3.30 -45.89 -2.73
C CYS B 107 4.54 -45.25 -2.14
N PHE B 108 5.71 -45.61 -2.70
CA PHE B 108 6.98 -45.10 -2.20
C PHE B 108 7.80 -44.28 -3.20
N LYS B 109 7.52 -44.44 -4.49
CA LYS B 109 8.30 -43.73 -5.50
C LYS B 109 8.11 -42.22 -5.51
N SER B 110 7.01 -41.74 -4.96
CA SER B 110 6.76 -40.31 -4.92
C SER B 110 5.71 -40.00 -3.87
N SER B 111 5.75 -38.78 -3.34
CA SER B 111 4.79 -38.35 -2.34
C SER B 111 3.72 -37.50 -3.02
N ASP B 112 3.96 -37.14 -4.29
CA ASP B 112 3.00 -36.34 -5.06
C ASP B 112 1.71 -37.15 -5.24
N VAL B 113 0.58 -36.58 -4.79
CA VAL B 113 -0.69 -37.30 -4.87
C VAL B 113 -1.08 -37.81 -6.25
N ALA B 114 -0.67 -37.11 -7.29
CA ALA B 114 -1.00 -37.53 -8.65
C ALA B 114 -0.25 -38.82 -8.99
N PHE B 115 1.05 -38.83 -8.71
CA PHE B 115 1.84 -40.01 -9.00
C PHE B 115 1.53 -41.18 -8.08
N VAL B 116 1.09 -40.88 -6.86
CA VAL B 116 0.70 -41.92 -5.91
C VAL B 116 -0.54 -42.57 -6.50
N ALA B 117 -1.45 -41.73 -7.01
CA ALA B 117 -2.69 -42.19 -7.61
C ALA B 117 -2.44 -42.97 -8.91
N VAL B 118 -1.43 -42.58 -9.65
CA VAL B 118 -1.11 -43.26 -10.91
C VAL B 118 -0.58 -44.67 -10.64
N GLU B 119 0.24 -44.84 -9.61
CA GLU B 119 0.75 -46.16 -9.29
C GLU B 119 -0.44 -47.08 -9.04
N GLY B 120 -1.53 -46.48 -8.58
CA GLY B 120 -2.73 -47.24 -8.31
C GLY B 120 -3.55 -47.56 -9.54
N ASN B 121 -3.79 -46.59 -10.42
CA ASN B 121 -4.62 -46.86 -11.60
C ASN B 121 -4.01 -47.86 -12.57
N ARG B 122 -2.70 -48.04 -12.54
CA ARG B 122 -2.08 -48.97 -13.45
C ARG B 122 -2.20 -50.41 -12.94
N LEU B 123 -2.54 -50.56 -11.66
CA LEU B 123 -2.71 -51.88 -11.05
C LEU B 123 -4.18 -52.20 -10.82
N SER B 124 -5.01 -51.17 -10.75
CA SER B 124 -6.43 -51.35 -10.53
C SER B 124 -7.13 -52.18 -11.61
N GLY B 125 -7.93 -53.14 -11.17
CA GLY B 125 -8.65 -53.99 -12.10
C GLY B 125 -9.63 -53.21 -12.96
N SER B 126 -10.05 -52.05 -12.49
CA SER B 126 -11.00 -51.23 -13.23
C SER B 126 -10.29 -50.04 -13.86
N GLY B 127 -9.01 -49.89 -13.55
CA GLY B 127 -8.25 -48.77 -14.08
C GLY B 127 -8.51 -47.50 -13.27
N ILE B 128 -9.43 -47.59 -12.31
CA ILE B 128 -9.78 -46.46 -11.45
C ILE B 128 -9.06 -46.53 -10.10
N SER B 129 -8.54 -45.39 -9.65
CA SER B 129 -7.84 -45.33 -8.36
C SER B 129 -8.12 -44.02 -7.63
N ILE B 130 -7.85 -44.01 -6.34
CA ILE B 130 -8.01 -42.82 -5.52
C ILE B 130 -6.67 -42.59 -4.85
N GLY B 131 -6.14 -41.37 -4.95
CA GLY B 131 -4.87 -41.06 -4.33
C GLY B 131 -5.08 -40.18 -3.12
N ILE B 132 -4.38 -40.47 -2.03
CA ILE B 132 -4.52 -39.67 -0.81
C ILE B 132 -3.19 -39.45 -0.11
N GLN B 133 -2.88 -38.20 0.21
CA GLN B 133 -1.65 -37.86 0.92
C GLN B 133 -1.97 -37.80 2.41
N SER B 134 -0.95 -37.89 3.26
CA SER B 134 -1.17 -37.83 4.70
C SER B 134 -1.91 -36.56 5.09
N LYS B 135 -1.61 -35.45 4.43
CA LYS B 135 -2.29 -34.21 4.77
C LYS B 135 -3.75 -34.19 4.30
N GLY B 136 -4.15 -35.21 3.54
CA GLY B 136 -5.54 -35.30 3.11
C GLY B 136 -5.92 -35.03 1.66
N THR B 137 -5.04 -34.41 0.89
CA THR B 137 -5.33 -34.10 -0.50
C THR B 137 -5.73 -35.39 -1.21
N THR B 138 -6.82 -35.34 -1.97
CA THR B 138 -7.31 -36.55 -2.65
C THR B 138 -7.62 -36.34 -4.12
N VAL B 139 -7.49 -37.41 -4.91
CA VAL B 139 -7.76 -37.36 -6.34
C VAL B 139 -8.27 -38.70 -6.86
N ILE B 140 -9.26 -38.66 -7.75
CA ILE B 140 -9.79 -39.87 -8.37
C ILE B 140 -9.12 -39.90 -9.75
N HIS B 141 -8.27 -40.90 -9.96
CA HIS B 141 -7.53 -41.01 -11.22
C HIS B 141 -8.02 -42.17 -12.09
N GLN B 142 -7.54 -42.19 -13.33
CA GLN B 142 -7.95 -43.22 -14.28
C GLN B 142 -6.82 -43.58 -15.24
N GLN B 143 -6.53 -44.87 -15.33
CA GLN B 143 -5.49 -45.38 -16.21
C GLN B 143 -5.72 -44.83 -17.62
N GLY B 144 -4.64 -44.34 -18.23
CA GLY B 144 -4.76 -43.78 -19.57
C GLY B 144 -4.66 -42.27 -19.60
N LEU B 145 -5.04 -41.61 -18.51
CA LEU B 145 -4.99 -40.16 -18.42
C LEU B 145 -3.59 -39.68 -18.06
N PRO B 146 -3.20 -38.49 -18.52
CA PRO B 146 -1.86 -38.00 -18.16
C PRO B 146 -1.78 -37.97 -16.64
N PRO B 147 -0.58 -38.17 -16.08
CA PRO B 147 -0.39 -38.16 -14.63
C PRO B 147 -1.03 -36.98 -13.90
N LEU B 148 -0.87 -35.77 -14.43
CA LEU B 148 -1.42 -34.59 -13.78
C LEU B 148 -2.83 -34.20 -14.18
N SER B 149 -3.53 -35.11 -14.86
CA SER B 149 -4.92 -34.89 -15.22
C SER B 149 -5.67 -35.81 -14.27
N ASN B 150 -6.99 -35.94 -14.42
CA ASN B 150 -7.77 -36.79 -13.52
C ASN B 150 -9.24 -36.75 -13.86
N LEU B 151 -10.03 -37.52 -13.11
CA LEU B 151 -11.48 -37.54 -13.28
C LEU B 151 -12.07 -36.49 -12.33
N GLU B 152 -11.61 -36.51 -11.08
CA GLU B 152 -12.06 -35.55 -10.08
C GLU B 152 -10.88 -35.24 -9.17
N LEU B 153 -10.82 -33.99 -8.71
CA LEU B 153 -9.74 -33.55 -7.84
C LEU B 153 -10.26 -32.75 -6.66
N PHE B 154 -9.59 -32.89 -5.53
CA PHE B 154 -9.96 -32.18 -4.31
C PHE B 154 -8.66 -31.53 -3.81
N PRO B 155 -8.34 -30.35 -4.38
CA PRO B 155 -7.16 -29.50 -4.11
C PRO B 155 -7.09 -28.73 -2.80
N GLN B 156 -8.13 -28.80 -1.98
CA GLN B 156 -8.12 -28.09 -0.69
C GLN B 156 -8.51 -29.05 0.43
N ALA B 157 -7.53 -29.83 0.87
CA ALA B 157 -7.71 -30.82 1.93
C ALA B 157 -8.42 -30.29 3.17
N PRO B 158 -8.09 -29.07 3.62
CA PRO B 158 -8.74 -28.53 4.81
C PRO B 158 -10.26 -28.49 4.76
N LEU B 159 -10.84 -28.49 3.55
CA LEU B 159 -12.28 -28.42 3.41
C LEU B 159 -13.00 -29.76 3.38
N LEU B 160 -12.24 -30.84 3.17
CA LEU B 160 -12.83 -32.17 3.10
C LEU B 160 -13.32 -32.64 4.47
N THR B 161 -14.47 -33.30 4.48
CA THR B 161 -15.04 -33.84 5.72
C THR B 161 -15.16 -35.34 5.49
N LEU B 162 -15.51 -36.09 6.54
CA LEU B 162 -15.66 -37.53 6.39
C LEU B 162 -16.75 -37.84 5.38
N GLU B 163 -17.73 -36.95 5.23
CA GLU B 163 -18.79 -37.17 4.26
C GLU B 163 -18.25 -37.06 2.84
N THR B 164 -17.36 -36.09 2.62
CA THR B 164 -16.77 -35.91 1.30
C THR B 164 -15.97 -37.15 0.93
N TYR B 165 -15.19 -37.65 1.88
CA TYR B 165 -14.37 -38.84 1.64
C TYR B 165 -15.23 -40.05 1.26
N ARG B 166 -16.39 -40.18 1.88
CA ARG B 166 -17.28 -41.29 1.57
C ARG B 166 -17.84 -41.08 0.16
N GLN B 167 -18.19 -39.84 -0.15
CA GLN B 167 -18.73 -39.48 -1.46
C GLN B 167 -17.69 -39.74 -2.55
N ILE B 168 -16.42 -39.52 -2.21
CA ILE B 168 -15.33 -39.75 -3.15
C ILE B 168 -15.22 -41.23 -3.46
N GLY B 169 -15.42 -42.06 -2.44
CA GLY B 169 -15.35 -43.50 -2.63
C GLY B 169 -16.50 -43.95 -3.53
N LYS B 170 -17.69 -43.39 -3.30
CA LYS B 170 -18.86 -43.72 -4.12
C LYS B 170 -18.61 -43.42 -5.59
N ASN B 171 -18.23 -42.18 -5.88
CA ASN B 171 -17.97 -41.76 -7.24
C ASN B 171 -16.93 -42.61 -7.91
N ALA B 172 -15.86 -42.97 -7.18
CA ALA B 172 -14.82 -43.80 -7.76
C ALA B 172 -15.38 -45.15 -8.19
N ALA B 173 -16.21 -45.74 -7.34
CA ALA B 173 -16.82 -47.03 -7.62
C ALA B 173 -17.71 -46.92 -8.85
N ARG B 174 -18.48 -45.84 -8.93
CA ARG B 174 -19.37 -45.64 -10.06
C ARG B 174 -18.60 -45.47 -11.35
N TYR B 175 -17.40 -44.88 -11.27
CA TYR B 175 -16.57 -44.72 -12.45
C TYR B 175 -16.08 -46.12 -12.82
N ALA B 176 -15.81 -46.92 -11.80
CA ALA B 176 -15.33 -48.28 -11.99
C ALA B 176 -16.40 -49.08 -12.73
N LYS B 177 -17.66 -48.72 -12.49
CA LYS B 177 -18.79 -49.38 -13.14
C LYS B 177 -19.14 -48.69 -14.46
N ARG B 178 -18.20 -47.92 -14.98
CA ARG B 178 -18.38 -47.21 -16.24
C ARG B 178 -19.56 -46.24 -16.24
N GLU B 179 -19.96 -45.77 -15.07
CA GLU B 179 -21.08 -44.83 -14.99
C GLU B 179 -20.53 -43.41 -15.02
N SER B 180 -21.43 -42.44 -15.11
CA SER B 180 -21.00 -41.05 -15.13
C SER B 180 -21.69 -40.30 -14.00
N PRO B 181 -21.18 -40.45 -12.78
CA PRO B 181 -21.73 -39.80 -11.60
C PRO B 181 -21.60 -38.29 -11.60
N GLN B 182 -22.52 -37.65 -10.89
CA GLN B 182 -22.51 -36.20 -10.73
C GLN B 182 -21.24 -35.98 -9.92
N PRO B 183 -20.32 -35.13 -10.41
CA PRO B 183 -19.08 -34.90 -9.65
C PRO B 183 -19.38 -34.44 -8.22
N VAL B 184 -18.51 -34.81 -7.29
CA VAL B 184 -18.69 -34.38 -5.91
C VAL B 184 -18.69 -32.85 -5.92
N PRO B 185 -19.68 -32.21 -5.29
CA PRO B 185 -19.75 -30.74 -5.28
C PRO B 185 -18.40 -30.08 -4.96
N THR B 186 -18.03 -29.10 -5.76
CA THR B 186 -16.78 -28.38 -5.59
C THR B 186 -16.71 -27.57 -4.31
N LEU B 187 -15.61 -27.75 -3.57
CA LEU B 187 -15.37 -27.01 -2.33
C LEU B 187 -14.23 -26.03 -2.63
N ASN B 188 -14.44 -24.76 -2.33
CA ASN B 188 -13.43 -23.74 -2.58
C ASN B 188 -13.51 -22.65 -1.51
N ASP B 189 -12.39 -22.39 -0.83
CA ASP B 189 -12.35 -21.36 0.21
C ASP B 189 -11.13 -20.48 -0.01
N GLN B 190 -11.37 -19.22 -0.38
CA GLN B 190 -10.29 -18.27 -0.65
C GLN B 190 -9.30 -18.08 0.48
N MET B 191 -9.68 -18.46 1.70
CA MET B 191 -8.77 -18.30 2.82
C MET B 191 -8.07 -19.60 3.21
N ALA B 192 -8.37 -20.69 2.50
CA ALA B 192 -7.76 -21.98 2.79
C ALA B 192 -6.25 -21.92 2.71
N ARG B 193 -5.74 -21.30 1.64
CA ARG B 193 -4.30 -21.17 1.44
C ARG B 193 -3.69 -20.25 2.49
N PRO B 194 -4.25 -19.05 2.68
CA PRO B 194 -3.71 -18.11 3.67
C PRO B 194 -3.57 -18.78 5.04
N LYS B 195 -4.55 -19.59 5.39
CA LYS B 195 -4.53 -20.27 6.68
C LYS B 195 -3.74 -21.58 6.71
N TYR B 196 -3.76 -22.36 5.64
CA TYR B 196 -3.11 -23.66 5.65
C TYR B 196 -1.95 -23.98 4.69
N GLN B 197 -1.64 -23.11 3.75
CA GLN B 197 -0.57 -23.43 2.80
C GLN B 197 0.80 -23.74 3.42
N ALA B 198 1.26 -22.91 4.35
CA ALA B 198 2.54 -23.16 4.98
C ALA B 198 2.53 -24.51 5.69
N LYS B 199 1.44 -24.79 6.41
CA LYS B 199 1.30 -26.06 7.12
C LYS B 199 1.31 -27.23 6.14
N SER B 200 0.59 -27.05 5.03
CA SER B 200 0.53 -28.08 4.00
C SER B 200 1.94 -28.40 3.54
N ALA B 201 2.72 -27.35 3.26
CA ALA B 201 4.11 -27.53 2.80
C ALA B 201 4.91 -28.34 3.79
N ILE B 202 4.80 -27.98 5.07
CA ILE B 202 5.53 -28.67 6.13
C ILE B 202 5.11 -30.13 6.22
N LEU B 203 3.80 -30.40 6.23
CA LEU B 203 3.33 -31.77 6.30
C LEU B 203 3.82 -32.58 5.11
N HIS B 204 3.87 -31.94 3.94
CA HIS B 204 4.32 -32.65 2.73
C HIS B 204 5.83 -32.87 2.77
N ILE B 205 6.57 -31.92 3.32
CA ILE B 205 8.02 -32.04 3.42
C ILE B 205 8.33 -33.27 4.27
N LYS B 206 7.56 -33.43 5.36
CA LYS B 206 7.76 -34.55 6.26
C LYS B 206 7.38 -35.90 5.65
N GLU B 207 6.26 -35.96 4.94
CA GLU B 207 5.88 -37.23 4.33
C GLU B 207 6.87 -37.60 3.23
N THR B 208 7.40 -36.60 2.55
CA THR B 208 8.36 -36.78 1.46
C THR B 208 9.65 -37.47 1.90
N LYS B 209 9.97 -37.41 3.19
CA LYS B 209 11.18 -38.06 3.68
C LYS B 209 11.03 -39.59 3.60
N TYR B 210 9.80 -40.07 3.46
CA TYR B 210 9.54 -41.50 3.38
C TYR B 210 9.47 -42.06 1.97
N VAL B 211 9.85 -41.24 0.99
CA VAL B 211 9.87 -41.66 -0.39
C VAL B 211 11.09 -42.56 -0.61
N VAL B 212 10.92 -43.62 -1.38
CA VAL B 212 12.01 -44.56 -1.66
C VAL B 212 12.07 -44.86 -3.16
N THR B 213 13.09 -44.34 -3.82
CA THR B 213 13.28 -44.54 -5.25
C THR B 213 13.33 -46.01 -5.68
N GLY B 214 12.55 -46.36 -6.69
CA GLY B 214 12.56 -47.72 -7.19
C GLY B 214 11.85 -48.78 -6.36
N LYS B 215 11.12 -48.39 -5.33
CA LYS B 215 10.42 -49.35 -4.50
C LYS B 215 8.95 -49.42 -4.90
N ASN B 216 8.55 -50.59 -5.41
CA ASN B 216 7.18 -50.79 -5.86
C ASN B 216 6.19 -50.71 -4.70
N PRO B 217 4.92 -50.40 -5.01
CA PRO B 217 3.87 -50.30 -3.99
C PRO B 217 3.66 -51.58 -3.20
N GLN B 218 3.19 -51.44 -1.97
CA GLN B 218 2.91 -52.59 -1.11
C GLN B 218 1.42 -52.60 -0.82
N GLU B 219 0.78 -53.74 -1.05
CA GLU B 219 -0.65 -53.88 -0.77
C GLU B 219 -0.79 -53.86 0.75
N LEU B 220 -1.90 -53.34 1.24
CA LEU B 220 -2.09 -53.25 2.69
C LEU B 220 -3.36 -53.87 3.24
N ARG B 221 -3.24 -54.48 4.42
CA ARG B 221 -4.39 -55.06 5.10
C ARG B 221 -4.88 -54.01 6.07
N VAL B 222 -6.17 -53.67 6.01
CA VAL B 222 -6.76 -52.68 6.89
C VAL B 222 -7.30 -53.32 8.16
N ALA B 223 -6.84 -52.84 9.31
CA ALA B 223 -7.27 -53.40 10.59
C ALA B 223 -8.74 -53.16 10.94
N LEU B 224 -9.24 -53.98 11.86
CA LEU B 224 -10.60 -53.91 12.37
C LEU B 224 -11.68 -54.05 11.30
N SER C 35 18.02 -17.14 -45.97
CA SER C 35 16.65 -16.68 -46.34
C SER C 35 16.51 -15.17 -46.20
N ARG C 36 15.31 -14.66 -46.45
CA ARG C 36 15.04 -13.23 -46.33
C ARG C 36 15.06 -12.80 -44.87
N SER C 37 15.91 -11.81 -44.56
CA SER C 37 16.01 -11.30 -43.20
C SER C 37 14.93 -10.26 -42.93
N ALA C 38 14.92 -9.76 -41.71
CA ALA C 38 13.95 -8.75 -41.29
C ALA C 38 14.52 -8.02 -40.08
N ARG C 39 14.21 -6.74 -39.97
CA ARG C 39 14.68 -5.92 -38.85
C ARG C 39 13.46 -5.45 -38.06
N VAL C 40 13.70 -4.84 -36.91
CA VAL C 40 12.57 -4.39 -36.08
C VAL C 40 11.67 -3.43 -36.86
N SER C 41 12.25 -2.72 -37.82
CA SER C 41 11.48 -1.77 -38.64
C SER C 41 10.46 -2.47 -39.52
N ASP C 42 10.60 -3.78 -39.70
CA ASP C 42 9.67 -4.56 -40.52
C ASP C 42 8.53 -5.11 -39.65
N TYR C 43 8.57 -4.80 -38.36
CA TYR C 43 7.58 -5.26 -37.41
C TYR C 43 6.56 -4.17 -37.09
N PRO C 44 5.26 -4.53 -36.93
CA PRO C 44 4.66 -5.87 -37.03
C PRO C 44 4.42 -6.23 -38.49
N LEU C 45 4.69 -7.49 -38.83
CA LEU C 45 4.51 -7.96 -40.20
C LEU C 45 3.11 -7.68 -40.73
N ALA C 46 2.11 -7.83 -39.87
CA ALA C 46 0.73 -7.59 -40.28
C ALA C 46 0.52 -6.17 -40.76
N ASN C 47 1.28 -5.23 -40.19
CA ASN C 47 1.17 -3.83 -40.57
C ASN C 47 2.14 -3.42 -41.67
N LYS C 48 3.39 -3.87 -41.55
CA LYS C 48 4.44 -3.51 -42.51
C LYS C 48 4.50 -4.36 -43.79
N HIS C 49 4.32 -5.67 -43.66
CA HIS C 49 4.40 -6.55 -44.82
C HIS C 49 3.40 -7.70 -44.74
N PRO C 50 2.10 -7.38 -44.72
CA PRO C 50 1.09 -8.44 -44.65
C PRO C 50 1.21 -9.48 -45.77
N GLU C 51 1.74 -9.06 -46.92
CA GLU C 51 1.89 -9.98 -48.04
C GLU C 51 2.95 -11.05 -47.74
N TRP C 52 3.90 -10.73 -46.86
CA TRP C 52 4.94 -11.69 -46.51
C TRP C 52 4.34 -12.90 -45.79
N VAL C 53 3.15 -12.73 -45.26
CA VAL C 53 2.48 -13.80 -44.52
C VAL C 53 1.61 -14.70 -45.39
N LYS C 54 1.91 -15.97 -45.38
CA LYS C 54 1.18 -16.98 -46.13
C LYS C 54 0.90 -18.12 -45.17
N THR C 55 -0.01 -19.01 -45.54
CA THR C 55 -0.31 -20.14 -44.67
C THR C 55 0.35 -21.38 -45.25
N ALA C 56 0.33 -22.46 -44.48
CA ALA C 56 0.92 -23.72 -44.90
C ALA C 56 0.35 -24.19 -46.24
N THR C 57 -0.87 -23.77 -46.56
CA THR C 57 -1.51 -24.15 -47.81
C THR C 57 -1.44 -23.01 -48.80
N ASN C 58 -0.53 -22.09 -48.54
CA ASN C 58 -0.31 -20.92 -49.39
C ASN C 58 -1.51 -19.97 -49.50
N LYS C 59 -2.25 -19.82 -48.41
CA LYS C 59 -3.38 -18.90 -48.39
C LYS C 59 -2.89 -17.55 -47.87
N THR C 60 -3.63 -16.49 -48.16
CA THR C 60 -3.27 -15.15 -47.71
C THR C 60 -4.21 -14.76 -46.58
N LEU C 61 -3.82 -13.76 -45.79
CA LEU C 61 -4.66 -13.32 -44.69
C LEU C 61 -6.05 -12.96 -45.19
N ASP C 62 -6.11 -12.37 -46.37
CA ASP C 62 -7.38 -11.95 -46.96
C ASP C 62 -8.30 -13.13 -47.36
N ASP C 63 -7.73 -14.31 -47.53
CA ASP C 63 -8.52 -15.48 -47.89
C ASP C 63 -9.40 -15.91 -46.72
N PHE C 64 -9.06 -15.47 -45.53
CA PHE C 64 -9.81 -15.85 -44.34
C PHE C 64 -10.92 -14.88 -44.00
N THR C 65 -12.10 -15.17 -44.54
CA THR C 65 -13.30 -14.36 -44.34
C THR C 65 -14.44 -15.28 -43.89
N LEU C 66 -15.47 -14.70 -43.29
CA LEU C 66 -16.61 -15.47 -42.84
C LEU C 66 -17.21 -16.29 -43.98
N GLU C 67 -17.26 -15.68 -45.16
CA GLU C 67 -17.81 -16.33 -46.34
C GLU C 67 -17.08 -17.65 -46.64
N ASN C 68 -15.75 -17.58 -46.74
CA ASN C 68 -14.96 -18.77 -47.02
C ASN C 68 -14.99 -19.81 -45.91
N VAL C 69 -15.05 -19.35 -44.66
CA VAL C 69 -15.11 -20.28 -43.54
C VAL C 69 -16.42 -21.06 -43.57
N LEU C 70 -17.53 -20.34 -43.70
CA LEU C 70 -18.84 -20.97 -43.73
C LEU C 70 -19.01 -21.98 -44.87
N SER C 71 -18.40 -21.72 -46.01
CA SER C 71 -18.50 -22.64 -47.15
C SER C 71 -17.37 -23.66 -47.15
N ASN C 72 -16.55 -23.61 -46.11
CA ASN C 72 -15.41 -24.50 -45.99
C ASN C 72 -14.42 -24.34 -47.13
N LYS C 73 -14.36 -23.16 -47.73
CA LYS C 73 -13.39 -22.93 -48.79
C LYS C 73 -12.04 -22.91 -48.08
N VAL C 74 -12.07 -22.53 -46.82
CA VAL C 74 -10.88 -22.51 -45.98
C VAL C 74 -11.25 -23.27 -44.70
N THR C 75 -10.32 -24.07 -44.21
CA THR C 75 -10.55 -24.84 -43.00
C THR C 75 -9.34 -24.74 -42.07
N ALA C 76 -9.45 -25.34 -40.89
CA ALA C 76 -8.36 -25.32 -39.91
C ALA C 76 -7.02 -25.65 -40.54
N GLN C 77 -7.04 -26.57 -41.49
CA GLN C 77 -5.83 -27.00 -42.18
C GLN C 77 -5.11 -25.84 -42.88
N ASP C 78 -5.88 -24.88 -43.38
CA ASP C 78 -5.30 -23.72 -44.05
C ASP C 78 -4.75 -22.70 -43.07
N MET C 79 -5.37 -22.60 -41.89
CA MET C 79 -4.94 -21.63 -40.88
C MET C 79 -3.77 -22.08 -40.02
N ARG C 80 -2.59 -22.19 -40.62
CA ARG C 80 -1.40 -22.60 -39.90
C ARG C 80 -0.24 -21.69 -40.28
N ILE C 81 0.44 -21.15 -39.26
CA ILE C 81 1.58 -20.28 -39.47
C ILE C 81 2.65 -21.09 -40.22
N THR C 82 3.44 -20.42 -41.05
CA THR C 82 4.47 -21.10 -41.84
C THR C 82 5.87 -20.98 -41.26
N PRO C 83 6.78 -21.86 -41.70
CA PRO C 83 8.15 -21.77 -41.18
C PRO C 83 8.80 -20.48 -41.67
N GLU C 84 8.34 -19.96 -42.80
CA GLU C 84 8.88 -18.70 -43.34
C GLU C 84 8.57 -17.55 -42.39
N THR C 85 7.32 -17.51 -41.92
CA THR C 85 6.88 -16.46 -41.01
C THR C 85 7.64 -16.51 -39.69
N LEU C 86 7.80 -17.71 -39.13
CA LEU C 86 8.50 -17.87 -37.87
C LEU C 86 9.97 -17.47 -37.98
N ARG C 87 10.57 -17.74 -39.13
CA ARG C 87 11.99 -17.39 -39.34
C ARG C 87 12.15 -15.88 -39.53
N LEU C 88 11.13 -15.23 -40.07
CA LEU C 88 11.16 -13.79 -40.25
C LEU C 88 11.09 -13.18 -38.87
N GLN C 89 10.24 -13.75 -38.01
CA GLN C 89 10.09 -13.26 -36.64
C GLN C 89 11.40 -13.53 -35.88
N ALA C 90 12.05 -14.64 -36.20
CA ALA C 90 13.31 -14.99 -35.54
C ALA C 90 14.37 -13.92 -35.84
N SER C 91 14.39 -13.47 -37.09
CA SER C 91 15.32 -12.43 -37.51
C SER C 91 15.03 -11.14 -36.72
N ILE C 92 13.74 -10.84 -36.58
CA ILE C 92 13.30 -9.66 -35.84
C ILE C 92 13.69 -9.79 -34.37
N ALA C 93 13.43 -10.95 -33.77
CA ALA C 93 13.78 -11.17 -32.37
C ALA C 93 15.29 -10.92 -32.21
N LYS C 94 16.05 -11.45 -33.16
CA LYS C 94 17.50 -11.30 -33.16
C LYS C 94 17.92 -9.83 -33.25
N ASP C 95 17.22 -9.07 -34.09
CA ASP C 95 17.53 -7.65 -34.25
C ASP C 95 17.14 -6.87 -33.00
N ALA C 96 16.18 -7.40 -32.25
CA ALA C 96 15.74 -6.76 -31.02
C ALA C 96 16.66 -7.17 -29.88
N GLY C 97 17.71 -7.92 -30.20
CA GLY C 97 18.67 -8.36 -29.20
C GLY C 97 18.25 -9.56 -28.37
N ARG C 98 17.27 -10.33 -28.86
CA ARG C 98 16.78 -11.50 -28.13
C ARG C 98 17.14 -12.80 -28.85
N ASP C 99 18.39 -13.23 -28.66
CA ASP C 99 18.93 -14.43 -29.29
C ASP C 99 18.20 -15.73 -28.99
N ARG C 100 17.97 -16.01 -27.71
CA ARG C 100 17.29 -17.25 -27.33
C ARG C 100 15.86 -17.27 -27.89
N LEU C 101 15.17 -16.14 -27.86
CA LEU C 101 13.81 -16.10 -28.39
C LEU C 101 13.86 -16.46 -29.88
N ALA C 102 14.88 -15.97 -30.58
CA ALA C 102 15.04 -16.25 -32.00
C ALA C 102 15.26 -17.76 -32.17
N MET C 103 16.11 -18.31 -31.32
CA MET C 103 16.41 -19.74 -31.32
C MET C 103 15.09 -20.51 -31.20
N ASN C 104 14.24 -20.07 -30.27
CA ASN C 104 12.94 -20.71 -30.05
C ASN C 104 12.11 -20.67 -31.33
N PHE C 105 12.05 -19.52 -31.98
CA PHE C 105 11.29 -19.38 -33.22
C PHE C 105 11.84 -20.27 -34.33
N GLU C 106 13.17 -20.43 -34.37
CA GLU C 106 13.81 -21.28 -35.38
C GLU C 106 13.36 -22.72 -35.17
N ARG C 107 13.33 -23.14 -33.90
CA ARG C 107 12.90 -24.48 -33.56
C ARG C 107 11.43 -24.65 -33.94
N ALA C 108 10.62 -23.63 -33.64
CA ALA C 108 9.21 -23.67 -33.97
C ALA C 108 9.01 -23.78 -35.47
N ALA C 109 9.88 -23.12 -36.24
CA ALA C 109 9.79 -23.15 -37.69
C ALA C 109 9.87 -24.59 -38.20
N GLU C 110 10.77 -25.38 -37.61
CA GLU C 110 10.94 -26.77 -37.99
C GLU C 110 9.73 -27.62 -37.60
N LEU C 111 9.14 -27.33 -36.44
CA LEU C 111 8.02 -28.09 -35.92
C LEU C 111 6.68 -27.87 -36.63
N THR C 112 6.62 -26.85 -37.49
CA THR C 112 5.39 -26.58 -38.21
C THR C 112 5.07 -27.78 -39.11
N ALA C 113 6.13 -28.44 -39.57
CA ALA C 113 6.02 -29.60 -40.45
C ALA C 113 5.56 -30.88 -39.73
N VAL C 114 5.69 -30.91 -38.42
CA VAL C 114 5.29 -32.08 -37.64
C VAL C 114 3.81 -32.00 -37.24
N PRO C 115 3.03 -33.05 -37.53
CA PRO C 115 1.60 -33.10 -37.21
C PRO C 115 1.33 -32.97 -35.70
N ASP C 116 0.15 -32.46 -35.36
CA ASP C 116 -0.23 -32.28 -33.95
C ASP C 116 -0.02 -33.52 -33.09
N ASP C 117 -0.56 -34.65 -33.53
CA ASP C 117 -0.42 -35.90 -32.79
C ASP C 117 1.03 -36.27 -32.53
N ARG C 118 1.88 -36.04 -33.52
CA ARG C 118 3.29 -36.38 -33.38
C ARG C 118 3.98 -35.40 -32.42
N ILE C 119 3.50 -34.17 -32.41
CA ILE C 119 4.03 -33.14 -31.52
C ILE C 119 3.77 -33.59 -30.07
N LEU C 120 2.52 -33.94 -29.79
CA LEU C 120 2.15 -34.41 -28.47
C LEU C 120 2.93 -35.66 -28.05
N GLU C 121 3.17 -36.58 -28.99
CA GLU C 121 3.92 -37.80 -28.68
C GLU C 121 5.36 -37.47 -28.30
N ILE C 122 6.00 -36.60 -29.06
CA ILE C 122 7.37 -36.24 -28.76
C ILE C 122 7.45 -35.48 -27.45
N TYR C 123 6.52 -34.57 -27.21
CA TYR C 123 6.53 -33.82 -25.95
C TYR C 123 6.44 -34.79 -24.78
N ASN C 124 5.46 -35.70 -24.82
CA ASN C 124 5.31 -36.66 -23.74
C ASN C 124 6.53 -37.58 -23.60
N ALA C 125 7.17 -37.90 -24.72
CA ALA C 125 8.36 -38.75 -24.68
C ALA C 125 9.48 -38.08 -23.88
N LEU C 126 9.50 -36.75 -23.89
CA LEU C 126 10.52 -36.00 -23.18
C LEU C 126 10.23 -35.83 -21.69
N ARG C 127 8.99 -36.12 -21.28
CA ARG C 127 8.63 -36.00 -19.87
C ARG C 127 9.34 -37.12 -19.09
N PRO C 128 9.58 -36.90 -17.78
CA PRO C 128 10.28 -37.88 -16.93
C PRO C 128 9.80 -39.33 -16.93
N TYR C 129 10.75 -40.25 -17.08
CA TYR C 129 10.49 -41.69 -17.04
C TYR C 129 9.60 -42.25 -18.14
N ARG C 130 9.46 -41.51 -19.23
CA ARG C 130 8.62 -41.97 -20.33
C ARG C 130 9.32 -42.83 -21.36
N SER C 131 10.59 -42.53 -21.64
CA SER C 131 11.30 -43.28 -22.66
C SER C 131 12.65 -43.88 -22.28
N THR C 132 13.14 -44.73 -23.17
CA THR C 132 14.46 -45.36 -23.03
C THR C 132 15.32 -44.42 -23.87
N LYS C 133 16.64 -44.51 -23.74
CA LYS C 133 17.50 -43.63 -24.51
C LYS C 133 17.31 -43.84 -26.01
N GLU C 134 17.16 -45.11 -26.42
CA GLU C 134 16.98 -45.44 -27.82
C GLU C 134 15.70 -44.89 -28.43
N GLU C 135 14.62 -44.83 -27.67
CA GLU C 135 13.38 -44.30 -28.20
C GLU C 135 13.59 -42.83 -28.52
N LEU C 136 14.30 -42.14 -27.63
CA LEU C 136 14.57 -40.72 -27.82
C LEU C 136 15.48 -40.50 -29.02
N LEU C 137 16.52 -41.32 -29.15
CA LEU C 137 17.44 -41.20 -30.28
C LEU C 137 16.69 -41.47 -31.58
N ALA C 138 15.72 -42.37 -31.53
CA ALA C 138 14.92 -42.70 -32.71
C ALA C 138 14.06 -41.49 -33.08
N ILE C 139 13.55 -40.81 -32.07
CA ILE C 139 12.73 -39.62 -32.28
C ILE C 139 13.57 -38.56 -32.97
N ALA C 140 14.82 -38.43 -32.52
CA ALA C 140 15.75 -37.47 -33.09
C ALA C 140 15.99 -37.78 -34.57
N ASP C 141 16.23 -39.04 -34.87
CA ASP C 141 16.47 -39.45 -36.25
C ASP C 141 15.24 -39.19 -37.11
N ASP C 142 14.06 -39.44 -36.56
CA ASP C 142 12.83 -39.21 -37.31
C ASP C 142 12.68 -37.72 -37.61
N LEU C 143 12.82 -36.89 -36.58
CA LEU C 143 12.69 -35.44 -36.74
C LEU C 143 13.63 -34.94 -37.84
N GLU C 144 14.85 -35.47 -37.84
CA GLU C 144 15.84 -35.07 -38.81
C GLU C 144 15.63 -35.59 -40.23
N SER C 145 15.50 -36.91 -40.38
CA SER C 145 15.32 -37.48 -41.71
C SER C 145 13.93 -37.28 -42.31
N ARG C 146 12.88 -37.25 -41.50
CA ARG C 146 11.55 -37.07 -42.05
C ARG C 146 11.05 -35.63 -42.08
N TYR C 147 11.60 -34.77 -41.22
CA TYR C 147 11.13 -33.39 -41.16
C TYR C 147 12.20 -32.33 -41.37
N GLN C 148 13.45 -32.74 -41.51
CA GLN C 148 14.53 -31.77 -41.69
C GLN C 148 14.61 -30.87 -40.46
N ALA C 149 14.12 -31.36 -39.33
CA ALA C 149 14.16 -30.60 -38.09
C ALA C 149 15.48 -30.91 -37.38
N LYS C 150 16.57 -30.45 -37.98
CA LYS C 150 17.90 -30.71 -37.43
C LYS C 150 18.16 -30.07 -36.07
N ILE C 151 17.65 -28.86 -35.87
CA ILE C 151 17.85 -28.19 -34.58
C ILE C 151 17.13 -28.98 -33.47
N CYS C 152 15.86 -29.31 -33.70
CA CYS C 152 15.10 -30.06 -32.72
C CYS C 152 15.70 -31.45 -32.51
N ALA C 153 16.23 -32.02 -33.59
CA ALA C 153 16.85 -33.33 -33.53
C ALA C 153 18.04 -33.28 -32.58
N ALA C 154 18.86 -32.24 -32.72
CA ALA C 154 20.02 -32.08 -31.85
C ALA C 154 19.57 -31.82 -30.41
N PHE C 155 18.47 -31.07 -30.28
CA PHE C 155 17.90 -30.75 -28.97
C PHE C 155 17.52 -32.05 -28.27
N VAL C 156 16.85 -32.95 -28.99
CA VAL C 156 16.43 -34.23 -28.43
C VAL C 156 17.61 -35.16 -28.10
N ARG C 157 18.64 -35.18 -28.96
CA ARG C 157 19.79 -36.04 -28.68
C ARG C 157 20.53 -35.54 -27.46
N GLU C 158 20.48 -34.23 -27.23
CA GLU C 158 21.12 -33.64 -26.08
C GLU C 158 20.41 -34.11 -24.83
N ALA C 159 19.08 -34.10 -24.88
CA ALA C 159 18.26 -34.55 -23.76
C ALA C 159 18.54 -36.02 -23.45
N ALA C 160 18.58 -36.84 -24.51
CA ALA C 160 18.84 -38.26 -24.35
C ALA C 160 20.08 -38.53 -23.51
N THR C 161 21.18 -37.90 -23.88
CA THR C 161 22.44 -38.08 -23.15
C THR C 161 22.32 -37.67 -21.68
N LEU C 162 21.77 -36.48 -21.45
CA LEU C 162 21.61 -35.98 -20.08
C LEU C 162 20.60 -36.77 -19.24
N TYR C 163 19.58 -37.33 -19.89
CA TYR C 163 18.56 -38.12 -19.19
C TYR C 163 19.19 -39.39 -18.61
N VAL C 164 20.23 -39.88 -19.25
CA VAL C 164 20.92 -41.06 -18.75
C VAL C 164 21.68 -40.66 -17.50
N GLU C 165 22.42 -39.56 -17.59
CA GLU C 165 23.21 -39.06 -16.48
C GLU C 165 22.37 -38.64 -15.28
N ARG C 166 21.23 -37.98 -15.54
CA ARG C 166 20.38 -37.53 -14.45
C ARG C 166 19.23 -38.47 -14.13
N LYS C 167 19.29 -39.66 -14.72
CA LYS C 167 18.28 -40.71 -14.49
C LYS C 167 16.84 -40.27 -14.67
N LYS C 168 16.46 -39.91 -15.89
CA LYS C 168 15.08 -39.51 -16.14
C LYS C 168 14.44 -40.41 -17.20
N LEU C 169 15.12 -41.50 -17.51
CA LEU C 169 14.63 -42.46 -18.49
C LEU C 169 13.67 -43.44 -17.83
N LYS C 170 12.88 -44.15 -18.64
CA LYS C 170 11.94 -45.11 -18.08
C LYS C 170 12.67 -46.10 -17.19
N GLY C 171 12.09 -46.39 -16.03
CA GLY C 171 12.71 -47.33 -15.11
C GLY C 171 13.65 -46.69 -14.12
N ASP C 172 13.84 -45.38 -14.21
CA ASP C 172 14.74 -44.68 -13.29
C ASP C 172 14.07 -44.16 -12.02
N ASP C 173 12.76 -44.34 -11.91
CA ASP C 173 12.02 -43.86 -10.74
C ASP C 173 11.81 -44.94 -9.68
N MET D 1 -33.61 -4.39 -14.60
CA MET D 1 -33.35 -4.55 -13.14
C MET D 1 -31.91 -4.17 -12.79
N ARG D 2 -31.51 -4.45 -11.56
CA ARG D 2 -30.16 -4.13 -11.11
C ARG D 2 -29.18 -5.28 -11.13
N SER D 3 -27.94 -4.95 -11.49
CA SER D 3 -26.86 -5.92 -11.52
C SER D 3 -26.43 -6.18 -10.09
N LYS D 4 -26.40 -7.45 -9.69
CA LYS D 4 -25.99 -7.80 -8.34
C LYS D 4 -24.51 -7.47 -8.14
N ARG D 5 -23.77 -7.48 -9.25
CA ARG D 5 -22.34 -7.14 -9.21
C ARG D 5 -22.21 -5.70 -8.71
N PHE D 6 -23.03 -4.81 -9.26
CA PHE D 6 -22.99 -3.42 -8.84
C PHE D 6 -23.59 -3.14 -7.47
N GLU D 7 -24.52 -3.99 -7.03
CA GLU D 7 -25.11 -3.79 -5.72
C GLU D 7 -24.07 -4.16 -4.67
N ALA D 8 -23.20 -5.11 -5.01
CA ALA D 8 -22.15 -5.54 -4.10
C ALA D 8 -21.12 -4.42 -3.98
N LEU D 9 -20.80 -3.79 -5.11
CA LEU D 9 -19.83 -2.71 -5.14
C LEU D 9 -20.36 -1.45 -4.45
N ALA D 10 -21.66 -1.22 -4.59
CA ALA D 10 -22.30 -0.06 -3.98
C ALA D 10 -22.23 -0.11 -2.45
N LYS D 11 -22.17 -1.32 -1.90
CA LYS D 11 -22.10 -1.48 -0.45
C LYS D 11 -20.68 -1.30 0.10
N ARG D 12 -19.68 -1.35 -0.79
CA ARG D 12 -18.29 -1.21 -0.35
C ARG D 12 -18.00 0.09 0.39
N PRO D 13 -17.23 -0.01 1.49
CA PRO D 13 -16.86 1.15 2.31
C PRO D 13 -16.29 2.35 1.57
N VAL D 14 -15.43 2.10 0.58
CA VAL D 14 -14.81 3.19 -0.17
C VAL D 14 -15.87 4.10 -0.80
N ASN D 15 -17.04 3.53 -1.11
CA ASN D 15 -18.08 4.34 -1.72
C ASN D 15 -18.81 5.23 -0.72
N GLN D 16 -18.33 5.27 0.51
CA GLN D 16 -18.90 6.14 1.53
C GLN D 16 -18.02 7.38 1.67
N ASP D 17 -16.86 7.34 1.00
CA ASP D 17 -15.91 8.47 1.04
C ASP D 17 -16.42 9.66 0.24
N GLY D 18 -15.80 10.82 0.48
CA GLY D 18 -16.20 12.02 -0.23
C GLY D 18 -15.29 12.31 -1.42
N PHE D 19 -15.89 12.39 -2.60
CA PHE D 19 -15.14 12.67 -3.82
C PHE D 19 -15.82 13.83 -4.53
N VAL D 20 -15.03 14.66 -5.20
CA VAL D 20 -15.58 15.80 -5.94
C VAL D 20 -14.76 16.03 -7.21
N LYS D 21 -15.39 16.59 -8.23
CA LYS D 21 -14.68 16.90 -9.46
C LYS D 21 -13.90 18.17 -9.17
N GLU D 22 -12.79 18.37 -9.87
CA GLU D 22 -11.97 19.55 -9.65
C GLU D 22 -12.75 20.84 -9.84
N TRP D 23 -12.48 21.82 -8.99
CA TRP D 23 -13.14 23.12 -9.01
C TRP D 23 -12.03 24.14 -8.74
N ILE D 24 -11.27 24.46 -9.78
CA ILE D 24 -10.15 25.37 -9.67
C ILE D 24 -10.40 26.73 -9.03
N GLU D 25 -11.48 27.39 -9.42
CA GLU D 25 -11.78 28.70 -8.87
C GLU D 25 -11.78 28.75 -7.35
N GLU D 26 -12.16 27.65 -6.70
CA GLU D 26 -12.18 27.63 -5.24
C GLU D 26 -11.06 26.80 -4.63
N GLY D 27 -10.01 26.58 -5.41
CA GLY D 27 -8.87 25.82 -4.92
C GLY D 27 -9.04 24.33 -4.85
N PHE D 28 -10.16 23.81 -5.35
CA PHE D 28 -10.39 22.38 -5.32
C PHE D 28 -9.64 21.64 -6.42
N ILE D 29 -8.32 21.64 -6.30
CA ILE D 29 -7.44 20.96 -7.23
C ILE D 29 -6.13 20.78 -6.46
N ALA D 30 -5.68 19.52 -6.39
CA ALA D 30 -4.48 19.15 -5.64
C ALA D 30 -3.17 19.73 -6.13
N MET D 31 -2.93 19.67 -7.42
CA MET D 31 -1.69 20.18 -7.96
C MET D 31 -1.82 20.32 -9.47
N GLU D 32 -0.76 20.78 -10.11
CA GLU D 32 -0.74 20.93 -11.54
C GLU D 32 -1.98 21.65 -12.07
N SER D 33 -2.22 22.84 -11.52
CA SER D 33 -3.34 23.66 -11.93
C SER D 33 -2.84 24.69 -12.95
N PRO D 34 -3.58 24.87 -14.04
CA PRO D 34 -3.18 25.85 -15.07
C PRO D 34 -3.28 27.27 -14.54
N ASN D 35 -3.94 27.45 -13.41
CA ASN D 35 -4.08 28.78 -12.83
C ASN D 35 -3.03 29.10 -11.78
N ASP D 36 -2.11 28.18 -11.53
CA ASP D 36 -1.05 28.44 -10.57
C ASP D 36 -0.04 29.36 -11.22
N PRO D 37 0.65 30.19 -10.42
CA PRO D 37 1.64 31.13 -10.95
C PRO D 37 2.87 30.49 -11.59
N LYS D 38 3.31 31.06 -12.70
CA LYS D 38 4.49 30.58 -13.37
C LYS D 38 5.67 30.96 -12.48
N PRO D 39 6.62 30.04 -12.26
CA PRO D 39 7.75 30.41 -11.41
C PRO D 39 8.56 31.56 -11.98
N SER D 40 9.09 32.41 -11.09
CA SER D 40 9.91 33.54 -11.51
C SER D 40 10.41 34.32 -10.31
N ILE D 41 11.48 35.05 -10.52
CA ILE D 41 12.04 35.88 -9.47
C ILE D 41 12.89 36.97 -10.10
N LYS D 42 12.69 38.19 -9.63
CA LYS D 42 13.45 39.33 -10.13
C LYS D 42 14.06 40.01 -8.92
N ILE D 43 15.34 40.31 -9.00
CA ILE D 43 16.05 40.94 -7.92
C ILE D 43 16.70 42.23 -8.37
N VAL D 44 16.54 43.27 -7.57
CA VAL D 44 17.11 44.58 -7.85
C VAL D 44 17.69 45.11 -6.55
N ASN D 45 18.97 45.49 -6.57
CA ASN D 45 19.64 46.01 -5.38
C ASN D 45 19.54 45.06 -4.18
N GLY D 46 19.58 43.75 -4.45
CA GLY D 46 19.51 42.78 -3.39
C GLY D 46 18.12 42.51 -2.83
N ALA D 47 17.10 43.14 -3.38
CA ALA D 47 15.73 42.95 -2.91
C ALA D 47 14.82 42.44 -4.03
N VAL D 48 13.98 41.46 -3.68
CA VAL D 48 13.04 40.87 -4.64
C VAL D 48 11.99 41.87 -5.10
N THR D 49 11.85 42.02 -6.42
CA THR D 49 10.88 42.95 -6.99
C THR D 49 9.72 42.18 -7.60
N GLU D 50 9.92 40.88 -7.80
CA GLU D 50 8.89 40.00 -8.35
C GLU D 50 9.10 38.57 -7.85
N LEU D 51 8.01 37.96 -7.38
CA LEU D 51 8.05 36.59 -6.89
C LEU D 51 6.95 35.80 -7.58
N ASP D 52 7.36 34.81 -8.37
CA ASP D 52 6.44 33.96 -9.10
C ASP D 52 5.36 34.77 -9.81
N GLY D 53 5.82 35.71 -10.63
CA GLY D 53 4.90 36.54 -11.40
C GLY D 53 4.26 37.71 -10.68
N LYS D 54 4.31 37.71 -9.36
CA LYS D 54 3.70 38.79 -8.58
C LYS D 54 4.65 39.94 -8.27
N PRO D 55 4.26 41.17 -8.62
CA PRO D 55 5.10 42.34 -8.36
C PRO D 55 5.13 42.62 -6.85
N VAL D 56 6.24 43.16 -6.37
CA VAL D 56 6.37 43.46 -4.94
C VAL D 56 5.27 44.40 -4.44
N SER D 57 4.73 45.20 -5.34
CA SER D 57 3.66 46.13 -4.96
C SER D 57 2.39 45.38 -4.54
N ASP D 58 2.24 44.13 -4.99
CA ASP D 58 1.06 43.34 -4.66
C ASP D 58 1.33 42.28 -3.59
N PHE D 59 2.53 42.27 -3.05
CA PHE D 59 2.91 41.29 -2.03
C PHE D 59 2.04 41.31 -0.79
N ASP D 60 1.65 40.14 -0.30
CA ASP D 60 0.89 40.07 0.95
C ASP D 60 1.95 39.73 2.00
N LEU D 61 1.56 39.56 3.26
CA LEU D 61 2.53 39.27 4.31
C LEU D 61 3.33 38.00 4.04
N ILE D 62 2.70 37.02 3.40
CA ILE D 62 3.38 35.77 3.09
C ILE D 62 4.47 35.98 2.04
N ASP D 63 4.15 36.76 1.00
CA ASP D 63 5.13 37.05 -0.03
C ASP D 63 6.32 37.79 0.56
N HIS D 64 6.04 38.82 1.36
CA HIS D 64 7.08 39.61 1.99
C HIS D 64 8.00 38.74 2.83
N PHE D 65 7.40 37.91 3.69
CA PHE D 65 8.16 37.04 4.57
C PHE D 65 9.03 36.06 3.79
N ILE D 66 8.46 35.45 2.75
CA ILE D 66 9.20 34.50 1.94
C ILE D 66 10.28 35.18 1.12
N ALA D 67 9.91 36.26 0.44
CA ALA D 67 10.85 37.00 -0.40
C ALA D 67 12.05 37.53 0.38
N ARG D 68 11.81 37.94 1.63
CA ARG D 68 12.87 38.49 2.46
C ARG D 68 13.68 37.49 3.26
N TYR D 69 13.05 36.38 3.69
CA TYR D 69 13.75 35.40 4.50
C TYR D 69 13.75 33.95 4.05
N GLY D 70 12.90 33.58 3.09
CA GLY D 70 12.83 32.18 2.70
C GLY D 70 13.54 31.69 1.45
N ILE D 71 14.31 32.54 0.80
CA ILE D 71 15.00 32.16 -0.42
C ILE D 71 16.43 32.69 -0.46
N ASN D 72 17.37 31.84 -0.86
CA ASN D 72 18.76 32.26 -0.98
C ASN D 72 18.84 33.05 -2.28
N LEU D 73 18.76 34.37 -2.16
CA LEU D 73 18.79 35.25 -3.32
C LEU D 73 20.11 35.26 -4.09
N ASN D 74 21.18 34.75 -3.49
CA ASN D 74 22.47 34.73 -4.16
C ASN D 74 22.48 33.81 -5.38
N ARG D 75 21.65 32.77 -5.33
CA ARG D 75 21.60 31.81 -6.43
C ARG D 75 20.20 31.60 -7.01
N ALA D 76 19.22 32.32 -6.48
CA ALA D 76 17.84 32.19 -6.95
C ALA D 76 17.69 32.35 -8.46
N GLU D 77 18.33 33.36 -9.03
CA GLU D 77 18.24 33.58 -10.47
C GLU D 77 18.90 32.45 -11.24
N GLU D 78 20.03 31.97 -10.72
CA GLU D 78 20.77 30.87 -11.31
C GLU D 78 19.87 29.64 -11.38
N VAL D 79 19.31 29.27 -10.23
CA VAL D 79 18.44 28.10 -10.14
C VAL D 79 17.14 28.25 -10.94
N MET D 80 16.59 29.46 -10.96
CA MET D 80 15.36 29.69 -11.70
C MET D 80 15.57 29.31 -13.17
N ALA D 81 16.77 29.59 -13.68
CA ALA D 81 17.14 29.31 -15.06
C ALA D 81 17.35 27.82 -15.37
N MET D 82 17.56 27.01 -14.34
CA MET D 82 17.77 25.58 -14.54
C MET D 82 16.49 24.87 -14.97
N ASP D 83 16.64 23.84 -15.79
CA ASP D 83 15.50 23.06 -16.29
C ASP D 83 14.85 22.28 -15.15
N SER D 84 13.56 22.49 -14.94
CA SER D 84 12.83 21.82 -13.87
C SER D 84 12.86 20.29 -13.98
N VAL D 85 12.74 19.77 -15.20
CA VAL D 85 12.78 18.32 -15.40
C VAL D 85 14.11 17.77 -14.92
N LYS D 86 15.20 18.44 -15.29
CA LYS D 86 16.54 18.01 -14.88
C LYS D 86 16.65 18.03 -13.36
N LEU D 87 16.10 19.08 -12.75
CA LEU D 87 16.14 19.20 -11.30
C LEU D 87 15.38 18.05 -10.65
N ALA D 88 14.21 17.71 -11.20
CA ALA D 88 13.43 16.61 -10.66
C ALA D 88 14.23 15.32 -10.81
N ASN D 89 14.95 15.20 -11.91
CA ASN D 89 15.77 14.03 -12.16
C ASN D 89 16.85 13.92 -11.08
N MET D 90 17.45 15.06 -10.73
CA MET D 90 18.48 15.10 -9.69
C MET D 90 17.95 14.70 -8.31
N LEU D 91 16.67 15.00 -8.05
CA LEU D 91 16.07 14.65 -6.76
C LEU D 91 16.03 13.16 -6.52
N CYS D 92 15.64 12.38 -7.52
CA CYS D 92 15.56 10.94 -7.36
C CYS D 92 16.84 10.17 -7.75
N ASP D 93 17.75 10.83 -8.46
CA ASP D 93 19.01 10.19 -8.86
C ASP D 93 19.77 9.82 -7.58
N PRO D 94 19.97 8.52 -7.33
CA PRO D 94 20.69 8.13 -6.11
C PRO D 94 22.12 8.64 -6.05
N ASN D 95 22.66 9.04 -7.20
CA ASN D 95 24.05 9.50 -7.24
C ASN D 95 24.27 11.00 -7.15
N VAL D 96 23.20 11.76 -6.91
CA VAL D 96 23.32 13.19 -6.73
C VAL D 96 23.10 13.36 -5.22
N LYS D 97 24.19 13.59 -4.50
CA LYS D 97 24.16 13.74 -3.05
C LYS D 97 23.15 14.75 -2.56
N ARG D 98 22.63 14.50 -1.37
CA ARG D 98 21.67 15.38 -0.72
C ARG D 98 22.35 16.75 -0.57
N SER D 99 23.63 16.72 -0.20
CA SER D 99 24.39 17.95 0.00
C SER D 99 24.51 18.79 -1.27
N GLU D 100 24.31 18.16 -2.42
CA GLU D 100 24.40 18.88 -3.68
C GLU D 100 23.06 19.50 -4.06
N ILE D 101 21.99 18.92 -3.53
CA ILE D 101 20.64 19.39 -3.85
C ILE D 101 20.15 20.53 -2.95
N VAL D 102 20.38 20.42 -1.65
CA VAL D 102 19.93 21.46 -0.72
C VAL D 102 20.29 22.89 -1.17
N PRO D 103 21.53 23.12 -1.65
CA PRO D 103 21.92 24.46 -2.09
C PRO D 103 21.07 24.97 -3.26
N LEU D 104 20.51 24.06 -4.04
CA LEU D 104 19.69 24.45 -5.18
C LEU D 104 18.23 24.69 -4.77
N THR D 105 17.68 23.77 -3.98
CA THR D 105 16.30 23.88 -3.53
C THR D 105 16.10 25.13 -2.66
N THR D 106 17.01 25.39 -1.73
CA THR D 106 16.85 26.56 -0.87
C THR D 106 16.98 27.88 -1.64
N ALA D 107 17.20 27.79 -2.95
CA ALA D 107 17.33 28.97 -3.79
C ALA D 107 16.14 29.05 -4.75
N MET D 108 15.25 28.05 -4.67
CA MET D 108 14.08 28.03 -5.53
C MET D 108 12.92 28.81 -4.91
N THR D 109 12.01 29.27 -5.74
CA THR D 109 10.84 29.98 -5.24
C THR D 109 9.80 28.90 -4.96
N PRO D 110 8.71 29.25 -4.28
CA PRO D 110 7.69 28.22 -4.00
C PRO D 110 7.16 27.58 -5.28
N ALA D 111 6.84 28.40 -6.28
CA ALA D 111 6.31 27.87 -7.54
C ALA D 111 7.36 27.03 -8.25
N LYS D 112 8.61 27.45 -8.16
CA LYS D 112 9.68 26.71 -8.83
C LYS D 112 9.80 25.27 -8.33
N ILE D 113 9.92 25.09 -7.03
CA ILE D 113 10.07 23.74 -6.51
C ILE D 113 8.81 22.89 -6.73
N VAL D 114 7.65 23.54 -6.78
CA VAL D 114 6.41 22.81 -7.04
C VAL D 114 6.43 22.31 -8.49
N GLU D 115 6.94 23.13 -9.40
CA GLU D 115 7.02 22.73 -10.80
C GLU D 115 7.97 21.54 -10.92
N VAL D 116 9.02 21.55 -10.11
CA VAL D 116 10.00 20.46 -10.13
C VAL D 116 9.40 19.12 -9.70
N VAL D 117 8.92 19.03 -8.46
CA VAL D 117 8.37 17.78 -7.97
C VAL D 117 7.13 17.30 -8.73
N SER D 118 6.45 18.22 -9.42
CA SER D 118 5.25 17.86 -10.17
C SER D 118 5.54 17.04 -11.42
N HIS D 119 6.82 16.96 -11.80
CA HIS D 119 7.23 16.19 -12.97
C HIS D 119 7.44 14.72 -12.58
N MET D 120 7.35 14.43 -11.29
CA MET D 120 7.60 13.09 -10.77
C MET D 120 6.38 12.23 -10.45
N ASN D 121 6.54 10.91 -10.57
CA ASN D 121 5.47 9.99 -10.22
C ASN D 121 5.77 9.61 -8.76
N VAL D 122 4.86 8.90 -8.09
CA VAL D 122 5.11 8.57 -6.68
C VAL D 122 6.34 7.71 -6.40
N VAL D 123 6.72 6.83 -7.32
CA VAL D 123 7.89 5.98 -7.12
C VAL D 123 9.14 6.86 -7.09
N GLU D 124 9.23 7.80 -8.02
CA GLU D 124 10.39 8.70 -8.07
C GLU D 124 10.40 9.58 -6.82
N MET D 125 9.21 9.99 -6.36
CA MET D 125 9.12 10.83 -5.18
C MET D 125 9.64 10.09 -3.94
N MET D 126 9.29 8.82 -3.81
CA MET D 126 9.74 8.02 -2.69
C MET D 126 11.24 7.77 -2.79
N MET D 127 11.72 7.58 -4.01
CA MET D 127 13.14 7.33 -4.24
C MET D 127 13.92 8.54 -3.77
N ALA D 128 13.39 9.72 -4.05
CA ALA D 128 14.02 10.98 -3.65
C ALA D 128 13.87 11.22 -2.15
N MET D 129 12.70 10.89 -1.60
CA MET D 129 12.45 11.10 -0.18
C MET D 129 13.42 10.37 0.74
N GLN D 130 13.75 9.12 0.41
CA GLN D 130 14.66 8.37 1.25
C GLN D 130 16.01 9.06 1.31
N LYS D 131 16.33 9.83 0.27
CA LYS D 131 17.61 10.54 0.22
C LYS D 131 17.56 11.91 0.90
N MET D 132 16.49 12.67 0.64
CA MET D 132 16.35 14.01 1.22
C MET D 132 16.01 14.05 2.71
N ARG D 133 15.42 12.99 3.22
CA ARG D 133 15.07 12.92 4.64
C ARG D 133 16.28 13.38 5.46
N ALA D 134 16.07 14.36 6.34
CA ALA D 134 17.15 14.91 7.16
C ALA D 134 17.83 13.91 8.10
N ARG D 135 17.06 13.24 8.94
CA ARG D 135 17.64 12.28 9.86
C ARG D 135 17.85 10.94 9.16
N ARG D 136 19.03 10.35 9.37
CA ARG D 136 19.36 9.07 8.75
C ARG D 136 18.37 8.01 9.22
N THR D 137 18.04 8.04 10.49
CA THR D 137 17.12 7.08 11.09
C THR D 137 15.68 7.57 11.12
N PRO D 138 14.75 6.79 10.55
CA PRO D 138 13.34 7.21 10.55
C PRO D 138 12.74 7.01 11.94
N SER D 139 11.69 7.77 12.26
CA SER D 139 11.03 7.65 13.54
C SER D 139 9.50 7.64 13.40
N GLN D 140 8.82 7.70 14.55
CA GLN D 140 7.35 7.68 14.58
C GLN D 140 6.79 8.51 15.73
N GLN D 141 5.61 9.07 15.52
CA GLN D 141 4.92 9.88 16.51
C GLN D 141 3.50 9.36 16.71
N ALA D 142 3.01 9.33 17.95
CA ALA D 142 1.67 8.83 18.20
C ALA D 142 0.75 9.80 18.93
N HIS D 143 -0.55 9.57 18.77
CA HIS D 143 -1.58 10.36 19.43
C HIS D 143 -1.93 9.58 20.69
N VAL D 144 -2.16 10.28 21.80
CA VAL D 144 -2.57 9.63 23.04
C VAL D 144 -3.64 10.53 23.62
N THR D 145 -4.89 10.16 23.40
CA THR D 145 -6.04 10.95 23.88
C THR D 145 -7.20 10.00 24.13
N ASN D 146 -8.31 10.54 24.61
CA ASN D 146 -9.53 9.77 24.83
C ASN D 146 -10.67 10.79 25.01
N VAL D 147 -11.89 10.39 24.66
CA VAL D 147 -13.04 11.30 24.73
C VAL D 147 -13.40 11.91 26.08
N LYS D 148 -12.85 11.37 27.17
CA LYS D 148 -13.17 11.89 28.50
C LYS D 148 -12.02 12.73 29.06
N ASP D 149 -10.92 12.82 28.32
CA ASP D 149 -9.73 13.54 28.77
C ASP D 149 -9.28 12.87 30.07
N ASN D 150 -9.55 11.57 30.19
CA ASN D 150 -9.17 10.82 31.37
C ASN D 150 -7.65 10.74 31.48
N PRO D 151 -7.08 11.40 32.51
CA PRO D 151 -5.63 11.42 32.72
C PRO D 151 -5.00 10.07 33.00
N VAL D 152 -5.71 9.20 33.71
CA VAL D 152 -5.18 7.88 34.04
C VAL D 152 -5.01 7.04 32.79
N GLN D 153 -6.00 7.11 31.90
CA GLN D 153 -5.96 6.35 30.66
C GLN D 153 -4.82 6.87 29.78
N ILE D 154 -4.70 8.19 29.70
CA ILE D 154 -3.64 8.81 28.89
C ILE D 154 -2.27 8.34 29.35
N ALA D 155 -2.07 8.27 30.66
CA ALA D 155 -0.80 7.84 31.22
C ALA D 155 -0.48 6.42 30.77
N ALA D 156 -1.44 5.51 30.95
CA ALA D 156 -1.26 4.12 30.57
C ALA D 156 -1.03 3.94 29.07
N ASP D 157 -1.87 4.58 28.26
CA ASP D 157 -1.74 4.50 26.81
C ASP D 157 -0.40 5.08 26.34
N ALA D 158 0.06 6.13 27.02
CA ALA D 158 1.31 6.77 26.67
C ALA D 158 2.49 5.84 26.96
N ALA D 159 2.42 5.14 28.09
CA ALA D 159 3.47 4.22 28.48
C ALA D 159 3.54 3.11 27.44
N GLU D 160 2.39 2.60 27.02
CA GLU D 160 2.37 1.55 26.02
C GLU D 160 2.93 2.06 24.70
N GLY D 161 2.55 3.27 24.32
CA GLY D 161 3.03 3.85 23.08
C GLY D 161 4.54 3.94 23.06
N ALA D 162 5.11 4.52 24.12
CA ALA D 162 6.55 4.67 24.21
C ALA D 162 7.22 3.30 24.10
N TRP D 163 6.64 2.32 24.78
CA TRP D 163 7.16 0.96 24.79
C TRP D 163 7.16 0.34 23.39
N ARG D 164 6.14 0.66 22.60
CA ARG D 164 6.03 0.12 21.24
C ARG D 164 7.02 0.75 20.25
N GLY D 165 7.63 1.87 20.63
CA GLY D 165 8.59 2.49 19.73
C GLY D 165 8.44 3.96 19.37
N PHE D 166 7.29 4.56 19.65
CA PHE D 166 7.11 5.98 19.32
C PHE D 166 8.13 6.83 20.07
N ASP D 167 8.71 7.81 19.38
CA ASP D 167 9.70 8.68 20.00
C ASP D 167 9.12 10.05 20.32
N GLU D 168 7.89 10.27 19.88
CA GLU D 168 7.17 11.51 20.11
C GLU D 168 5.72 11.12 20.30
N GLN D 169 5.06 11.74 21.26
CA GLN D 169 3.66 11.46 21.51
C GLN D 169 2.94 12.76 21.77
N GLU D 170 1.72 12.82 21.26
CA GLU D 170 0.93 14.03 21.34
C GLU D 170 -0.48 13.80 21.86
N THR D 171 -0.93 14.73 22.69
CA THR D 171 -2.29 14.66 23.21
C THR D 171 -2.97 15.99 22.92
N THR D 172 -4.28 16.02 23.11
CA THR D 172 -5.07 17.23 22.92
C THR D 172 -6.29 17.11 23.81
N VAL D 173 -7.17 18.11 23.77
CA VAL D 173 -8.33 18.11 24.66
C VAL D 173 -9.74 18.24 24.08
N ALA D 174 -10.68 17.53 24.73
CA ALA D 174 -12.09 17.60 24.38
C ALA D 174 -12.60 18.88 25.06
N VAL D 175 -12.18 19.06 26.31
CA VAL D 175 -12.53 20.25 27.10
C VAL D 175 -11.20 20.95 27.39
N ALA D 176 -10.98 22.08 26.72
CA ALA D 176 -9.75 22.85 26.84
C ALA D 176 -9.18 23.04 28.25
N ARG D 177 -10.05 23.22 29.24
CA ARG D 177 -9.60 23.41 30.62
C ARG D 177 -8.85 22.21 31.21
N TYR D 178 -8.99 21.05 30.58
CA TYR D 178 -8.33 19.83 31.04
C TYR D 178 -6.84 19.78 30.66
N ALA D 179 -6.44 20.60 29.70
CA ALA D 179 -5.07 20.62 29.19
C ALA D 179 -3.94 20.24 30.16
N PRO D 180 -3.74 21.03 31.23
CA PRO D 180 -2.65 20.69 32.16
C PRO D 180 -2.61 19.23 32.59
N PHE D 181 -3.78 18.65 32.86
CA PHE D 181 -3.85 17.24 33.27
C PHE D 181 -3.43 16.30 32.16
N ASN D 182 -3.87 16.57 30.93
CA ASN D 182 -3.52 15.74 29.79
C ASN D 182 -2.01 15.76 29.55
N ALA D 183 -1.43 16.95 29.56
CA ALA D 183 0.01 17.07 29.32
C ALA D 183 0.83 16.33 30.37
N ILE D 184 0.55 16.58 31.63
CA ILE D 184 1.28 15.91 32.70
C ILE D 184 1.13 14.39 32.60
N ALA D 185 -0.10 13.94 32.34
CA ALA D 185 -0.35 12.51 32.22
C ALA D 185 0.46 11.92 31.07
N LEU D 186 0.51 12.64 29.95
CA LEU D 186 1.25 12.20 28.78
C LEU D 186 2.74 12.14 29.07
N LEU D 187 3.26 13.17 29.72
CA LEU D 187 4.68 13.25 30.04
C LEU D 187 5.12 12.12 30.97
N VAL D 188 4.39 11.94 32.07
CA VAL D 188 4.70 10.88 33.03
C VAL D 188 4.64 9.51 32.38
N GLY D 189 3.51 9.19 31.77
CA GLY D 189 3.35 7.90 31.12
C GLY D 189 4.42 7.62 30.07
N SER D 190 4.71 8.63 29.25
CA SER D 190 5.71 8.47 28.21
C SER D 190 7.08 8.12 28.80
N GLN D 191 7.51 8.87 29.82
CA GLN D 191 8.81 8.62 30.43
C GLN D 191 8.86 7.24 31.07
N VAL D 192 7.71 6.73 31.50
CA VAL D 192 7.66 5.40 32.09
C VAL D 192 7.80 4.36 30.98
N GLY D 193 7.24 4.66 29.81
CA GLY D 193 7.34 3.74 28.68
C GLY D 193 8.77 3.66 28.19
N ARG D 194 9.39 4.84 27.98
CA ARG D 194 10.77 4.93 27.55
C ARG D 194 11.28 6.35 27.81
N PRO D 195 12.17 6.51 28.81
CA PRO D 195 12.70 7.84 29.09
C PRO D 195 13.31 8.43 27.84
N GLY D 196 12.94 9.68 27.53
CA GLY D 196 13.48 10.33 26.36
C GLY D 196 12.42 10.66 25.33
N VAL D 197 11.29 9.96 25.40
CA VAL D 197 10.18 10.22 24.47
C VAL D 197 9.74 11.65 24.67
N LEU D 198 9.58 12.39 23.58
CA LEU D 198 9.16 13.79 23.65
C LEU D 198 7.64 13.92 23.63
N THR D 199 7.10 14.84 24.44
CA THR D 199 5.66 15.02 24.50
C THR D 199 5.19 16.44 24.21
N GLN D 200 3.98 16.53 23.65
CA GLN D 200 3.38 17.81 23.32
C GLN D 200 1.86 17.78 23.63
N CYS D 201 1.28 18.96 23.81
CA CYS D 201 -0.15 19.12 24.08
C CYS D 201 -0.65 20.25 23.16
N SER D 202 -1.35 19.86 22.11
CA SER D 202 -1.83 20.80 21.09
C SER D 202 -3.06 21.60 21.47
N LEU D 203 -2.86 22.90 21.59
CA LEU D 203 -3.92 23.82 22.00
C LEU D 203 -3.81 25.13 21.24
N GLU D 204 -4.58 26.13 21.68
CA GLU D 204 -4.54 27.46 21.11
C GLU D 204 -3.10 27.93 21.42
N GLU D 205 -2.49 28.66 20.50
CA GLU D 205 -1.10 29.11 20.63
C GLU D 205 -0.66 29.66 21.98
N ALA D 206 -1.23 30.79 22.41
CA ALA D 206 -0.84 31.38 23.68
C ALA D 206 -0.97 30.38 24.83
N THR D 207 -2.04 29.61 24.81
CA THR D 207 -2.26 28.61 25.84
C THR D 207 -1.15 27.55 25.86
N GLU D 208 -0.73 27.11 24.68
CA GLU D 208 0.31 26.09 24.59
C GLU D 208 1.67 26.63 25.02
N LEU D 209 2.00 27.85 24.60
CA LEU D 209 3.29 28.43 24.99
C LEU D 209 3.33 28.53 26.51
N LYS D 210 2.24 29.02 27.10
CA LYS D 210 2.17 29.16 28.55
C LYS D 210 2.36 27.82 29.23
N LEU D 211 1.71 26.79 28.71
CA LEU D 211 1.82 25.45 29.27
C LEU D 211 3.25 24.97 29.15
N GLY D 212 3.91 25.35 28.05
CA GLY D 212 5.29 24.96 27.86
C GLY D 212 6.19 25.67 28.86
N MET D 213 5.88 26.93 29.14
CA MET D 213 6.67 27.72 30.07
C MET D 213 6.59 27.12 31.48
N LEU D 214 5.50 26.44 31.79
CA LEU D 214 5.35 25.84 33.11
C LEU D 214 6.07 24.49 33.20
N GLY D 215 6.60 24.03 32.07
CA GLY D 215 7.34 22.78 32.05
C GLY D 215 6.55 21.49 31.96
N HIS D 216 5.32 21.54 31.46
CA HIS D 216 4.53 20.32 31.37
C HIS D 216 4.54 19.67 29.99
N THR D 217 5.47 20.08 29.14
CA THR D 217 5.62 19.52 27.79
C THR D 217 7.11 19.56 27.39
N CYS D 218 7.48 18.77 26.38
CA CYS D 218 8.87 18.74 25.89
C CYS D 218 9.05 19.50 24.59
N TYR D 219 7.96 19.63 23.82
CA TYR D 219 8.02 20.35 22.55
C TYR D 219 6.61 20.75 22.10
N ALA D 220 6.55 21.45 20.98
CA ALA D 220 5.28 21.90 20.41
C ALA D 220 5.35 21.67 18.91
N GLU D 221 4.27 21.14 18.34
CA GLU D 221 4.24 20.84 16.91
C GLU D 221 3.21 21.62 16.12
N THR D 222 2.00 21.73 16.66
CA THR D 222 0.92 22.39 15.97
C THR D 222 0.99 23.91 15.98
N ILE D 223 2.18 24.43 15.71
CA ILE D 223 2.41 25.86 15.64
C ILE D 223 2.12 26.15 14.17
N SER D 224 0.83 26.41 13.91
CA SER D 224 0.30 26.62 12.57
C SER D 224 0.71 27.80 11.71
N VAL D 225 0.75 27.54 10.40
CA VAL D 225 1.03 28.55 9.38
C VAL D 225 0.06 28.23 8.24
N TYR D 226 -0.33 29.24 7.48
CA TYR D 226 -1.27 29.03 6.38
C TYR D 226 -0.80 29.63 5.06
N GLY D 227 -1.34 29.10 3.96
CA GLY D 227 -0.95 29.53 2.63
C GLY D 227 -1.55 30.80 2.00
N THR D 228 -2.58 31.38 2.62
CA THR D 228 -3.14 32.62 2.09
C THR D 228 -3.33 33.55 3.27
N GLU D 229 -3.23 34.85 3.03
CA GLU D 229 -3.36 35.85 4.08
C GLU D 229 -4.69 35.81 4.82
N PRO D 230 -5.82 35.72 4.08
CA PRO D 230 -7.11 35.68 4.77
C PRO D 230 -7.22 34.47 5.70
N VAL D 231 -6.74 33.31 5.25
CA VAL D 231 -6.80 32.11 6.07
C VAL D 231 -5.85 32.22 7.27
N PHE D 232 -4.66 32.74 7.02
CA PHE D 232 -3.67 32.93 8.07
C PHE D 232 -4.31 33.82 9.13
N THR D 233 -5.01 34.85 8.67
CA THR D 233 -5.66 35.81 9.56
C THR D 233 -6.74 35.15 10.40
N ASP D 234 -7.56 34.29 9.80
CA ASP D 234 -8.59 33.60 10.58
C ASP D 234 -7.89 32.60 11.51
N GLY D 235 -6.64 32.28 11.20
CA GLY D 235 -5.88 31.36 12.04
C GLY D 235 -5.30 32.12 13.23
N ASP D 236 -5.56 33.42 13.27
CA ASP D 236 -5.12 34.32 14.33
C ASP D 236 -3.61 34.56 14.46
N ASP D 237 -2.93 34.68 13.34
CA ASP D 237 -1.48 34.93 13.32
C ASP D 237 -1.08 35.57 12.00
N THR D 238 0.21 35.90 11.91
CA THR D 238 0.77 36.47 10.69
C THR D 238 2.12 35.76 10.60
N PRO D 239 2.84 35.94 9.49
CA PRO D 239 4.14 35.26 9.42
C PRO D 239 5.07 35.75 10.55
N TRP D 240 4.96 37.03 10.88
CA TRP D 240 5.79 37.61 11.93
C TRP D 240 5.42 37.19 13.35
N SER D 241 4.14 37.03 13.65
CA SER D 241 3.77 36.62 14.99
C SER D 241 4.23 35.19 15.21
N LYS D 242 4.14 34.38 14.15
CA LYS D 242 4.56 32.98 14.26
C LYS D 242 6.08 32.88 14.28
N GLY D 243 6.74 33.80 13.58
CA GLY D 243 8.19 33.79 13.59
C GLY D 243 8.64 34.11 15.00
N PHE D 244 7.97 35.08 15.62
CA PHE D 244 8.29 35.49 16.98
C PHE D 244 8.00 34.35 17.95
N LEU D 245 6.89 33.65 17.73
CA LEU D 245 6.51 32.54 18.59
C LEU D 245 7.54 31.41 18.52
N ALA D 246 8.09 31.20 17.33
CA ALA D 246 9.10 30.16 17.12
C ALA D 246 10.32 30.41 18.01
N SER D 247 10.81 31.63 17.98
CA SER D 247 11.98 32.02 18.77
C SER D 247 11.65 32.02 20.26
N SER D 248 10.40 32.30 20.60
CA SER D 248 9.99 32.30 22.00
C SER D 248 10.18 30.91 22.60
N TYR D 249 9.75 29.89 21.86
CA TYR D 249 9.90 28.50 22.32
C TYR D 249 11.38 28.16 22.50
N ALA D 250 12.20 28.54 21.52
CA ALA D 250 13.63 28.27 21.58
C ALA D 250 14.25 29.01 22.77
N SER D 251 13.81 30.25 23.00
CA SER D 251 14.34 31.04 24.11
C SER D 251 14.08 30.34 25.44
N ARG D 252 13.14 29.39 25.45
CA ARG D 252 12.82 28.63 26.65
C ARG D 252 13.41 27.23 26.55
N GLY D 253 14.27 27.03 25.55
CA GLY D 253 14.91 25.74 25.36
C GLY D 253 14.01 24.62 24.91
N LEU D 254 12.86 24.96 24.33
CA LEU D 254 11.90 23.94 23.87
C LEU D 254 11.92 23.73 22.38
N LYS D 255 11.95 22.46 21.97
CA LYS D 255 11.93 22.08 20.56
C LYS D 255 10.57 22.42 19.98
N MET D 256 10.53 22.80 18.72
CA MET D 256 9.26 23.09 18.07
C MET D 256 9.37 23.04 16.56
N ARG D 257 8.25 22.76 15.91
CA ARG D 257 8.17 22.72 14.46
C ARG D 257 6.84 23.38 14.14
N PHE D 258 6.65 23.78 12.89
CA PHE D 258 5.40 24.38 12.46
C PHE D 258 4.50 23.27 11.95
N THR D 259 3.27 23.62 11.62
CA THR D 259 2.33 22.66 11.06
C THR D 259 1.60 23.38 9.95
N SER D 260 1.33 22.65 8.88
CA SER D 260 0.62 23.16 7.73
C SER D 260 -0.06 21.94 7.11
N GLY D 261 -0.24 21.95 5.80
CA GLY D 261 -0.88 20.81 5.18
C GLY D 261 -1.86 21.22 4.11
N SER D 262 -1.74 20.59 2.93
CA SER D 262 -2.58 20.89 1.80
C SER D 262 -4.08 20.82 2.10
N GLY D 263 -4.83 21.76 1.55
CA GLY D 263 -6.27 21.79 1.73
C GLY D 263 -6.81 22.71 2.81
N SER D 264 -5.95 23.16 3.72
CA SER D 264 -6.39 24.02 4.81
C SER D 264 -7.04 25.30 4.32
N GLU D 265 -6.44 25.94 3.30
CA GLU D 265 -7.00 27.17 2.77
C GLU D 265 -8.39 26.93 2.18
N VAL D 266 -8.59 25.76 1.56
CA VAL D 266 -9.89 25.42 0.99
C VAL D 266 -10.89 25.22 2.13
N GLN D 267 -10.47 24.44 3.12
CA GLN D 267 -11.31 24.14 4.28
C GLN D 267 -11.73 25.43 4.97
N MET D 268 -10.81 26.40 5.03
CA MET D 268 -11.11 27.66 5.68
C MET D 268 -11.66 28.78 4.80
N GLY D 269 -12.07 28.42 3.58
CA GLY D 269 -12.70 29.38 2.69
C GLY D 269 -11.99 30.32 1.73
N TYR D 270 -10.67 30.37 1.73
CA TYR D 270 -9.96 31.28 0.83
C TYR D 270 -8.73 30.66 0.18
N ALA D 271 -8.92 29.91 -0.90
CA ALA D 271 -7.79 29.28 -1.58
C ALA D 271 -7.24 30.21 -2.66
N GLU D 272 -7.93 31.33 -2.86
CA GLU D 272 -7.52 32.32 -3.85
C GLU D 272 -7.23 31.66 -5.20
N GLY D 273 -8.06 30.67 -5.55
CA GLY D 273 -7.94 29.96 -6.80
C GLY D 273 -6.65 29.23 -7.12
N LYS D 274 -5.88 28.84 -6.10
CA LYS D 274 -4.62 28.14 -6.34
C LYS D 274 -4.69 26.67 -5.93
N SER D 275 -3.85 25.83 -6.52
CA SER D 275 -3.83 24.41 -6.19
C SER D 275 -3.40 24.24 -4.73
N MET D 276 -3.75 23.10 -4.16
CA MET D 276 -3.40 22.82 -2.78
C MET D 276 -1.88 22.77 -2.58
N LEU D 277 -1.18 22.11 -3.50
CA LEU D 277 0.27 21.98 -3.39
C LEU D 277 1.01 23.31 -3.44
N TYR D 278 0.56 24.22 -4.30
CA TYR D 278 1.20 25.52 -4.40
C TYR D 278 1.07 26.29 -3.09
N LEU D 279 -0.14 26.31 -2.54
CA LEU D 279 -0.39 27.00 -1.29
C LEU D 279 0.40 26.36 -0.15
N GLU D 280 0.55 25.05 -0.18
CA GLU D 280 1.31 24.36 0.85
C GLU D 280 2.80 24.69 0.71
N ALA D 281 3.25 24.93 -0.53
CA ALA D 281 4.65 25.26 -0.75
C ALA D 281 4.96 26.60 -0.09
N ARG D 282 3.99 27.51 -0.10
CA ARG D 282 4.19 28.81 0.55
C ARG D 282 4.37 28.58 2.05
N CYS D 283 3.57 27.67 2.60
CA CYS D 283 3.66 27.34 4.01
C CYS D 283 5.02 26.78 4.36
N ILE D 284 5.54 25.91 3.48
CA ILE D 284 6.84 25.31 3.70
C ILE D 284 7.93 26.38 3.71
N TYR D 285 7.82 27.36 2.82
CA TYR D 285 8.80 28.44 2.75
C TYR D 285 8.70 29.39 3.93
N ILE D 286 7.50 29.58 4.46
CA ILE D 286 7.30 30.45 5.62
C ILE D 286 8.06 29.79 6.77
N THR D 287 7.93 28.47 6.85
CA THR D 287 8.58 27.68 7.88
C THR D 287 10.09 27.83 7.80
N LYS D 288 10.62 27.73 6.58
CA LYS D 288 12.06 27.85 6.35
C LYS D 288 12.51 29.27 6.70
N ALA D 289 11.77 30.25 6.17
CA ALA D 289 12.06 31.66 6.39
C ALA D 289 12.13 32.01 7.88
N ALA D 290 11.24 31.43 8.67
CA ALA D 290 11.18 31.69 10.10
C ALA D 290 12.36 31.11 10.86
N GLY D 291 13.06 30.15 10.24
CA GLY D 291 14.19 29.54 10.91
C GLY D 291 13.74 28.36 11.76
N VAL D 292 12.52 27.90 11.52
CA VAL D 292 11.98 26.75 12.25
C VAL D 292 12.67 25.51 11.68
N GLN D 293 13.03 24.56 12.53
CA GLN D 293 13.77 23.39 12.07
C GLN D 293 12.98 22.31 11.34
N GLY D 294 11.71 22.14 11.70
CA GLY D 294 10.90 21.12 11.06
C GLY D 294 9.48 21.56 10.76
N LEU D 295 8.72 20.65 10.15
CA LEU D 295 7.34 20.93 9.77
C LEU D 295 6.52 19.66 9.67
N GLN D 296 5.31 19.70 10.21
CA GLN D 296 4.38 18.58 10.14
C GLN D 296 3.49 18.92 8.95
N ASN D 297 3.60 18.15 7.88
CA ASN D 297 2.74 18.40 6.73
C ASN D 297 2.36 17.13 6.00
N GLY D 298 1.62 17.29 4.90
CA GLY D 298 1.12 16.14 4.16
C GLY D 298 -0.39 16.16 4.38
N SER D 299 -0.96 17.35 4.23
CA SER D 299 -2.38 17.61 4.42
C SER D 299 -2.82 17.61 5.88
N VAL D 300 -2.34 16.62 6.64
CA VAL D 300 -2.66 16.52 8.07
C VAL D 300 -4.16 16.51 8.36
N SER D 301 -4.65 17.49 9.13
CA SER D 301 -6.07 17.53 9.48
C SER D 301 -7.09 17.76 8.37
N CYS D 302 -6.65 18.27 7.22
CA CYS D 302 -7.60 18.53 6.14
C CYS D 302 -7.51 17.52 5.00
N ILE D 303 -6.97 16.34 5.33
CA ILE D 303 -6.77 15.26 4.37
C ILE D 303 -8.03 14.91 3.55
N GLY D 304 -9.19 15.30 4.05
CA GLY D 304 -10.42 15.02 3.33
C GLY D 304 -10.59 15.92 2.10
N VAL D 305 -9.79 16.98 2.03
CA VAL D 305 -9.84 17.92 0.91
C VAL D 305 -9.03 17.39 -0.27
N PRO D 306 -7.70 17.24 -0.12
CA PRO D 306 -6.95 16.72 -1.28
C PRO D 306 -7.38 15.31 -1.69
N SER D 307 -7.74 14.48 -0.71
CA SER D 307 -8.14 13.11 -1.04
C SER D 307 -9.41 13.05 -1.92
N ALA D 308 -10.23 14.10 -1.87
CA ALA D 308 -11.45 14.13 -2.66
C ALA D 308 -11.21 14.35 -4.16
N VAL D 309 -10.06 14.93 -4.49
CA VAL D 309 -9.75 15.20 -5.89
C VAL D 309 -8.66 14.33 -6.46
N PRO D 310 -8.51 14.32 -7.80
CA PRO D 310 -7.48 13.51 -8.45
C PRO D 310 -6.06 13.85 -8.01
N SER D 311 -5.22 12.83 -7.91
CA SER D 311 -3.81 13.00 -7.53
C SER D 311 -3.62 13.69 -6.18
N GLY D 312 -4.64 13.65 -5.34
CA GLY D 312 -4.54 14.28 -4.03
C GLY D 312 -3.57 13.59 -3.09
N ILE D 313 -3.54 12.26 -3.10
CA ILE D 313 -2.63 11.52 -2.24
C ILE D 313 -1.20 11.64 -2.74
N ARG D 314 -1.06 11.79 -4.06
CA ARG D 314 0.26 11.97 -4.66
C ARG D 314 0.79 13.36 -4.25
N ALA D 315 -0.10 14.37 -4.24
CA ALA D 315 0.27 15.73 -3.86
C ALA D 315 0.73 15.76 -2.41
N VAL D 316 0.08 14.95 -1.58
CA VAL D 316 0.44 14.86 -0.17
C VAL D 316 1.89 14.38 -0.06
N LEU D 317 2.24 13.38 -0.87
CA LEU D 317 3.62 12.86 -0.86
C LEU D 317 4.55 13.96 -1.37
N ALA D 318 4.09 14.69 -2.39
CA ALA D 318 4.87 15.76 -2.97
C ALA D 318 5.22 16.86 -1.97
N GLU D 319 4.26 17.27 -1.14
CA GLU D 319 4.53 18.32 -0.18
C GLU D 319 5.51 17.83 0.89
N ASN D 320 5.46 16.54 1.21
CA ASN D 320 6.40 15.99 2.19
C ASN D 320 7.78 16.09 1.54
N LEU D 321 7.86 15.73 0.26
CA LEU D 321 9.14 15.79 -0.45
C LEU D 321 9.70 17.21 -0.49
N ILE D 322 8.86 18.19 -0.76
CA ILE D 322 9.32 19.57 -0.80
C ILE D 322 9.93 19.93 0.55
N CYS D 323 9.23 19.59 1.62
CA CYS D 323 9.69 19.87 2.97
C CYS D 323 11.12 19.33 3.19
N SER D 324 11.29 18.03 3.03
CA SER D 324 12.60 17.41 3.21
C SER D 324 13.64 17.97 2.24
N SER D 325 13.21 18.24 1.01
CA SER D 325 14.13 18.76 0.02
C SER D 325 14.63 20.15 0.40
N LEU D 326 13.87 20.87 1.22
CA LEU D 326 14.26 22.21 1.67
C LEU D 326 15.11 22.11 2.95
N ASP D 327 15.53 20.90 3.28
CA ASP D 327 16.36 20.67 4.45
C ASP D 327 15.64 21.00 5.75
N LEU D 328 14.40 20.53 5.83
CA LEU D 328 13.56 20.69 7.02
C LEU D 328 13.15 19.31 7.51
N GLU D 329 13.08 19.15 8.82
CA GLU D 329 12.65 17.88 9.41
C GLU D 329 11.21 17.75 8.93
N CYS D 330 10.76 16.54 8.60
CA CYS D 330 9.38 16.36 8.14
C CYS D 330 8.59 15.29 8.90
N ALA D 331 7.60 15.75 9.67
CA ALA D 331 6.71 14.83 10.40
C ALA D 331 5.59 14.67 9.37
N SER D 332 5.69 13.60 8.58
CA SER D 332 4.77 13.34 7.47
C SER D 332 3.35 12.82 7.63
N SER D 333 2.55 13.51 8.43
CA SER D 333 1.14 13.17 8.61
C SER D 333 0.76 11.70 8.88
N ASN D 334 -0.07 11.11 8.01
CA ASN D 334 -0.55 9.72 8.21
C ASN D 334 -1.10 9.64 9.61
N ASP D 335 -1.81 10.69 10.00
CA ASP D 335 -2.35 10.83 11.34
C ASP D 335 -3.82 11.21 11.38
N GLN D 336 -4.46 11.24 10.21
CA GLN D 336 -5.87 11.66 10.14
C GLN D 336 -6.71 10.81 9.20
N THR D 337 -7.94 10.51 9.61
CA THR D 337 -8.84 9.70 8.81
C THR D 337 -9.37 10.43 7.57
N PHE D 338 -9.44 9.72 6.45
CA PHE D 338 -9.98 10.33 5.23
C PHE D 338 -10.82 9.34 4.43
N THR D 339 -10.72 8.06 4.80
CA THR D 339 -11.45 7.02 4.07
C THR D 339 -12.05 5.95 4.96
N HIS D 340 -13.06 5.25 4.44
CA HIS D 340 -13.70 4.16 5.16
C HIS D 340 -13.02 2.85 4.76
N SER D 341 -12.20 2.92 3.72
CA SER D 341 -11.52 1.74 3.18
C SER D 341 -10.10 1.45 3.68
N ASP D 342 -9.87 0.20 4.10
CA ASP D 342 -8.56 -0.22 4.58
C ASP D 342 -7.54 -0.23 3.43
N MET D 343 -7.98 -0.60 2.22
CA MET D 343 -7.05 -0.61 1.10
C MET D 343 -6.55 0.80 0.79
N ARG D 344 -7.48 1.75 0.75
CA ARG D 344 -7.12 3.13 0.43
C ARG D 344 -6.22 3.81 1.46
N ARG D 345 -6.48 3.61 2.76
CA ARG D 345 -5.66 4.26 3.77
C ARG D 345 -4.27 3.63 3.81
N THR D 346 -4.17 2.38 3.39
CA THR D 346 -2.88 1.70 3.37
C THR D 346 -2.02 2.26 2.24
N ALA D 347 -2.63 2.47 1.09
CA ALA D 347 -1.89 3.01 -0.05
C ALA D 347 -1.41 4.42 0.27
N ARG D 348 -2.17 5.13 1.09
CA ARG D 348 -1.83 6.49 1.48
C ARG D 348 -0.64 6.50 2.45
N LEU D 349 -0.62 5.53 3.35
CA LEU D 349 0.45 5.40 4.35
C LEU D 349 1.80 4.98 3.73
N LEU D 350 1.75 4.00 2.83
CA LEU D 350 2.96 3.48 2.20
C LEU D 350 3.83 4.52 1.49
N MET D 351 3.24 5.62 1.05
CA MET D 351 4.00 6.66 0.37
C MET D 351 5.15 7.20 1.23
N GLN D 352 4.94 7.30 2.53
CA GLN D 352 5.97 7.79 3.45
C GLN D 352 6.64 6.64 4.20
N PHE D 353 5.87 5.61 4.50
CA PHE D 353 6.37 4.45 5.22
C PHE D 353 7.48 3.71 4.46
N LEU D 354 7.27 3.50 3.16
CA LEU D 354 8.26 2.77 2.36
C LEU D 354 9.62 3.47 2.32
N PRO D 355 9.67 4.76 1.94
CA PRO D 355 10.97 5.45 1.91
C PRO D 355 11.48 5.80 3.28
N GLY D 356 10.55 6.19 4.17
CA GLY D 356 10.91 6.57 5.50
C GLY D 356 11.10 8.08 5.61
N THR D 357 10.57 8.68 6.68
CA THR D 357 10.69 10.11 6.91
C THR D 357 11.13 10.28 8.36
N ASP D 358 11.38 11.52 8.76
CA ASP D 358 11.79 11.81 10.15
C ASP D 358 10.75 11.24 11.11
N PHE D 359 9.49 11.33 10.70
CA PHE D 359 8.37 10.78 11.46
C PHE D 359 7.34 10.27 10.45
N ILE D 360 7.45 8.98 10.12
CA ILE D 360 6.56 8.34 9.17
C ILE D 360 5.12 8.81 9.40
N SER D 361 4.70 8.78 10.67
CA SER D 361 3.37 9.25 11.05
C SER D 361 3.61 10.36 12.06
N SER D 362 2.88 11.47 11.90
CA SER D 362 2.98 12.56 12.85
C SER D 362 1.70 12.47 13.66
N GLY D 363 1.39 11.25 14.09
CA GLY D 363 0.18 11.04 14.86
C GLY D 363 -0.51 9.71 14.64
N TYR D 364 0.23 8.61 14.74
CA TYR D 364 -0.36 7.28 14.62
C TYR D 364 -1.16 7.21 15.91
N SER D 365 -2.42 6.79 15.85
CA SER D 365 -3.21 6.74 17.07
C SER D 365 -2.86 5.54 17.95
N ALA D 366 -2.34 5.80 19.14
CA ALA D 366 -1.98 4.74 20.07
C ALA D 366 -3.19 4.30 20.89
N VAL D 367 -4.37 4.78 20.50
CA VAL D 367 -5.64 4.42 21.15
C VAL D 367 -6.64 4.10 20.05
N PRO D 368 -7.69 3.32 20.36
CA PRO D 368 -8.67 3.01 19.31
C PRO D 368 -9.21 4.33 18.80
N ASN D 369 -9.52 4.42 17.51
CA ASN D 369 -9.99 5.67 16.94
C ASN D 369 -11.19 6.34 17.59
N TYR D 370 -12.06 5.59 18.25
CA TYR D 370 -13.21 6.22 18.88
C TYR D 370 -12.72 7.17 19.98
N ASP D 371 -11.52 6.92 20.50
CA ASP D 371 -10.92 7.76 21.54
C ASP D 371 -9.96 8.81 20.97
N ASN D 372 -9.80 8.83 19.65
CA ASN D 372 -8.89 9.80 19.05
C ASN D 372 -9.49 11.20 18.97
N MET D 373 -8.98 12.12 19.78
CA MET D 373 -9.49 13.47 19.81
C MET D 373 -9.05 14.39 18.66
N PHE D 374 -8.39 13.81 17.67
CA PHE D 374 -8.00 14.55 16.48
C PHE D 374 -8.96 14.04 15.39
N ALA D 375 -10.08 13.50 15.86
CA ALA D 375 -11.14 12.98 15.00
C ALA D 375 -10.78 11.72 14.21
N GLY D 376 -9.83 10.94 14.73
CA GLY D 376 -9.44 9.71 14.05
C GLY D 376 -8.14 9.82 13.27
N SER D 377 -7.28 8.82 13.41
CA SER D 377 -6.00 8.78 12.71
C SER D 377 -6.02 7.75 11.58
N ASN D 378 -5.11 7.90 10.62
CA ASN D 378 -5.02 6.97 9.49
C ASN D 378 -4.73 5.54 9.97
N GLU D 379 -4.19 5.44 11.18
CA GLU D 379 -3.91 4.14 11.81
C GLU D 379 -4.25 4.27 13.29
N ASP D 380 -4.71 3.19 13.92
CA ASP D 380 -4.99 3.23 15.35
C ASP D 380 -4.48 1.97 16.05
N ALA D 381 -4.68 1.90 17.35
CA ALA D 381 -4.22 0.78 18.17
C ALA D 381 -4.52 -0.60 17.63
N GLU D 382 -5.65 -0.74 16.95
CA GLU D 382 -6.03 -2.04 16.42
C GLU D 382 -5.25 -2.46 15.19
N ASP D 383 -4.44 -1.54 14.66
CA ASP D 383 -3.61 -1.82 13.48
C ASP D 383 -2.17 -2.17 13.85
N PHE D 384 -1.84 -2.14 15.14
CA PHE D 384 -0.47 -2.43 15.56
C PHE D 384 0.12 -3.72 15.00
N ASP D 385 -0.66 -4.80 15.02
CA ASP D 385 -0.16 -6.07 14.51
C ASP D 385 0.04 -6.07 13.01
N ASP D 386 -0.85 -5.39 12.29
CA ASP D 386 -0.72 -5.29 10.84
C ASP D 386 0.53 -4.50 10.49
N TYR D 387 0.77 -3.43 11.24
CA TYR D 387 1.91 -2.57 11.01
C TYR D 387 3.21 -3.37 11.17
N ASN D 388 3.31 -4.14 12.25
CA ASN D 388 4.51 -4.94 12.48
C ASN D 388 4.68 -6.01 11.41
N VAL D 389 3.55 -6.53 10.91
CA VAL D 389 3.60 -7.56 9.88
C VAL D 389 4.15 -7.02 8.56
N ILE D 390 3.73 -5.82 8.19
CA ILE D 390 4.19 -5.20 6.96
C ILE D 390 5.66 -4.83 7.04
N GLN D 391 6.13 -4.44 8.22
CA GLN D 391 7.54 -4.12 8.40
C GLN D 391 8.32 -5.40 8.10
N ARG D 392 7.83 -6.51 8.62
CA ARG D 392 8.46 -7.81 8.45
C ARG D 392 8.41 -8.26 6.99
N ASP D 393 7.24 -8.13 6.36
CA ASP D 393 7.08 -8.52 4.96
C ASP D 393 8.03 -7.84 4.00
N LEU D 394 8.17 -6.52 4.14
CA LEU D 394 8.99 -5.73 3.23
C LEU D 394 10.40 -5.37 3.73
N LYS D 395 10.74 -5.85 4.93
CA LYS D 395 12.02 -5.53 5.55
C LYS D 395 12.17 -4.01 5.53
N VAL D 396 11.17 -3.34 6.09
CA VAL D 396 11.17 -1.89 6.16
C VAL D 396 11.06 -1.48 7.62
N ASP D 397 11.92 -0.57 8.04
CA ASP D 397 11.85 -0.10 9.43
C ASP D 397 10.77 0.98 9.55
N GLY D 398 9.65 0.61 10.17
CA GLY D 398 8.56 1.53 10.37
C GLY D 398 8.58 2.22 11.72
N GLY D 399 9.68 2.05 12.44
CA GLY D 399 9.83 2.69 13.75
C GLY D 399 9.15 2.05 14.94
N LEU D 400 8.41 0.97 14.72
CA LEU D 400 7.72 0.28 15.80
C LEU D 400 8.19 -1.15 15.92
N ARG D 401 7.72 -1.86 16.94
CA ARG D 401 8.14 -3.24 17.15
C ARG D 401 7.06 -4.08 17.82
N PRO D 402 7.21 -5.41 17.74
CA PRO D 402 6.23 -6.29 18.38
C PRO D 402 6.48 -6.17 19.88
N VAL D 403 5.50 -6.50 20.69
CA VAL D 403 5.66 -6.39 22.14
C VAL D 403 4.90 -7.49 22.84
N ARG D 404 5.35 -7.85 24.04
CA ARG D 404 4.68 -8.90 24.80
C ARG D 404 3.57 -8.30 25.65
N GLU D 405 2.45 -9.01 25.75
CA GLU D 405 1.32 -8.54 26.53
C GLU D 405 1.74 -8.29 27.99
N GLU D 406 2.52 -9.22 28.54
CA GLU D 406 2.96 -9.11 29.92
C GLU D 406 3.79 -7.85 30.18
N ASP D 407 4.61 -7.46 29.21
CA ASP D 407 5.42 -6.25 29.39
C ASP D 407 4.57 -5.00 29.33
N VAL D 408 3.60 -5.00 28.43
CA VAL D 408 2.71 -3.85 28.27
C VAL D 408 1.83 -3.65 29.50
N ILE D 409 1.28 -4.74 30.02
CA ILE D 409 0.44 -4.66 31.21
C ILE D 409 1.25 -4.07 32.35
N ALA D 410 2.47 -4.58 32.53
CA ALA D 410 3.34 -4.10 33.59
C ALA D 410 3.69 -2.63 33.42
N ILE D 411 4.00 -2.23 32.19
CA ILE D 411 4.38 -0.84 31.92
C ILE D 411 3.20 0.13 32.11
N ARG D 412 2.01 -0.27 31.67
CA ARG D 412 0.81 0.56 31.81
C ARG D 412 0.46 0.71 33.29
N ASN D 413 0.55 -0.40 34.03
CA ASN D 413 0.25 -0.40 35.45
C ASN D 413 1.20 0.54 36.19
N LYS D 414 2.49 0.49 35.86
CA LYS D 414 3.45 1.36 36.51
C LYS D 414 3.18 2.83 36.20
N ALA D 415 2.74 3.12 34.97
CA ALA D 415 2.45 4.49 34.57
C ALA D 415 1.25 5.01 35.34
N ALA D 416 0.22 4.19 35.47
CA ALA D 416 -0.99 4.56 36.19
C ALA D 416 -0.67 4.80 37.67
N ARG D 417 0.14 3.92 38.26
CA ARG D 417 0.53 4.06 39.66
C ARG D 417 1.38 5.30 39.87
N ALA D 418 2.23 5.58 38.88
CA ALA D 418 3.10 6.74 38.95
C ALA D 418 2.27 8.02 38.91
N LEU D 419 1.25 8.04 38.05
CA LEU D 419 0.41 9.22 37.94
C LEU D 419 -0.42 9.36 39.20
N GLN D 420 -0.84 8.22 39.76
CA GLN D 420 -1.62 8.21 41.00
C GLN D 420 -0.81 8.92 42.08
N ALA D 421 0.49 8.62 42.14
CA ALA D 421 1.37 9.24 43.12
C ALA D 421 1.55 10.73 42.83
N VAL D 422 1.50 11.12 41.56
CA VAL D 422 1.64 12.53 41.20
C VAL D 422 0.43 13.31 41.71
N PHE D 423 -0.76 12.81 41.43
CA PHE D 423 -1.98 13.47 41.85
C PHE D 423 -2.07 13.55 43.37
N ALA D 424 -1.75 12.47 44.05
CA ALA D 424 -1.80 12.46 45.51
C ALA D 424 -0.82 13.50 46.04
N GLY D 425 0.40 13.47 45.49
CA GLY D 425 1.43 14.41 45.93
C GLY D 425 1.18 15.87 45.60
N MET D 426 0.37 16.15 44.58
CA MET D 426 0.08 17.53 44.20
C MET D 426 -1.27 18.01 44.69
N GLY D 427 -1.95 17.17 45.46
CA GLY D 427 -3.26 17.55 45.98
C GLY D 427 -4.31 17.70 44.89
N LEU D 428 -4.31 16.78 43.93
CA LEU D 428 -5.25 16.79 42.82
C LEU D 428 -6.31 15.74 43.07
N PRO D 429 -7.49 15.87 42.43
CA PRO D 429 -8.53 14.85 42.67
C PRO D 429 -7.88 13.48 42.56
N PRO D 430 -8.13 12.61 43.53
CA PRO D 430 -7.56 11.27 43.56
C PRO D 430 -7.79 10.33 42.38
N ILE D 431 -6.80 9.49 42.14
CA ILE D 431 -6.88 8.47 41.11
C ILE D 431 -6.94 7.23 42.00
N THR D 432 -8.02 6.48 41.94
CA THR D 432 -8.19 5.31 42.80
C THR D 432 -7.46 4.08 42.27
N ASP D 433 -7.31 3.09 43.13
CA ASP D 433 -6.65 1.86 42.72
C ASP D 433 -7.50 1.17 41.66
N GLU D 434 -8.81 1.32 41.76
CA GLU D 434 -9.71 0.73 40.79
C GLU D 434 -9.44 1.34 39.41
N GLU D 435 -9.09 2.62 39.42
CA GLU D 435 -8.78 3.32 38.17
C GLU D 435 -7.45 2.85 37.63
N VAL D 436 -6.48 2.66 38.52
CA VAL D 436 -5.16 2.18 38.10
C VAL D 436 -5.32 0.84 37.40
N GLU D 437 -6.16 -0.01 38.00
CA GLU D 437 -6.43 -1.34 37.48
C GLU D 437 -7.13 -1.25 36.12
N ALA D 438 -8.12 -0.37 36.02
CA ALA D 438 -8.86 -0.22 34.77
C ALA D 438 -7.94 0.25 33.64
N ALA D 439 -7.11 1.25 33.93
CA ALA D 439 -6.19 1.79 32.94
C ALA D 439 -5.18 0.74 32.49
N THR D 440 -4.82 -0.15 33.41
CA THR D 440 -3.86 -1.21 33.13
C THR D 440 -4.34 -2.15 32.03
N TYR D 441 -5.57 -2.63 32.17
CA TYR D 441 -6.14 -3.59 31.23
C TYR D 441 -7.12 -3.03 30.20
N ALA D 442 -7.24 -1.70 30.14
CA ALA D 442 -8.18 -1.08 29.22
C ALA D 442 -7.72 -1.07 27.76
N HIS D 443 -8.68 -0.87 26.87
CA HIS D 443 -8.39 -0.76 25.44
C HIS D 443 -8.70 0.71 25.13
N GLY D 444 -9.74 1.23 25.77
CA GLY D 444 -10.14 2.62 25.58
C GLY D 444 -10.95 3.16 26.74
N SER D 445 -11.40 4.41 26.63
CA SER D 445 -12.18 5.04 27.67
C SER D 445 -13.45 4.29 28.04
N LYS D 446 -13.90 3.40 27.15
CA LYS D 446 -15.10 2.62 27.44
C LYS D 446 -14.84 1.67 28.61
N ASP D 447 -13.57 1.39 28.87
CA ASP D 447 -13.19 0.48 29.94
C ASP D 447 -12.75 1.24 31.18
N MET D 448 -12.97 2.56 31.19
CA MET D 448 -12.56 3.38 32.31
C MET D 448 -13.73 3.93 33.12
N PRO D 449 -13.60 3.96 34.44
CA PRO D 449 -14.66 4.48 35.29
C PRO D 449 -14.77 6.00 35.09
N GLU D 450 -15.98 6.53 35.16
CA GLU D 450 -16.19 7.96 34.98
C GLU D 450 -15.52 8.74 36.11
N ARG D 451 -14.95 9.90 35.78
CA ARG D 451 -14.31 10.76 36.75
C ARG D 451 -15.16 12.02 36.91
N ASN D 452 -14.86 12.81 37.94
CA ASN D 452 -15.57 14.04 38.19
C ASN D 452 -14.86 15.11 37.37
N ILE D 453 -15.35 15.33 36.16
CA ILE D 453 -14.75 16.30 35.25
C ILE D 453 -14.70 17.72 35.80
N VAL D 454 -15.80 18.17 36.40
CA VAL D 454 -15.84 19.51 36.96
C VAL D 454 -14.70 19.68 37.97
N GLU D 455 -14.50 18.67 38.82
CA GLU D 455 -13.44 18.71 39.82
C GLU D 455 -12.05 18.75 39.18
N ASP D 456 -11.81 17.85 38.24
CA ASP D 456 -10.52 17.79 37.55
C ASP D 456 -10.14 19.11 36.87
N ILE D 457 -11.03 19.67 36.06
CA ILE D 457 -10.70 20.91 35.38
C ILE D 457 -10.51 22.07 36.35
N LYS D 458 -11.19 22.02 37.50
CA LYS D 458 -11.02 23.08 38.49
C LYS D 458 -9.55 23.07 38.90
N PHE D 459 -9.05 21.91 39.30
CA PHE D 459 -7.65 21.80 39.72
C PHE D 459 -6.66 21.93 38.57
N ALA D 460 -7.05 21.45 37.39
CA ALA D 460 -6.18 21.57 36.24
C ALA D 460 -5.90 23.04 36.01
N GLN D 461 -6.93 23.87 36.14
CA GLN D 461 -6.78 25.30 35.96
C GLN D 461 -5.95 25.97 37.06
N GLU D 462 -6.00 25.43 38.27
CA GLU D 462 -5.21 26.03 39.34
C GLU D 462 -3.72 25.85 39.04
N ILE D 463 -3.38 24.81 38.28
CA ILE D 463 -1.99 24.57 37.90
C ILE D 463 -1.48 25.74 37.05
N ILE D 464 -2.32 26.21 36.12
CA ILE D 464 -1.95 27.31 35.24
C ILE D 464 -2.01 28.65 35.96
N ASN D 465 -3.14 28.93 36.60
CA ASN D 465 -3.35 30.19 37.30
C ASN D 465 -2.45 30.39 38.52
N LYS D 466 -2.01 29.30 39.15
CA LYS D 466 -1.13 29.42 40.29
C LYS D 466 0.31 29.13 39.88
N ASN D 467 0.53 28.96 38.58
CA ASN D 467 1.86 28.70 38.04
C ASN D 467 2.60 27.52 38.66
N ARG D 468 1.92 26.40 38.83
CA ARG D 468 2.55 25.21 39.38
C ARG D 468 3.34 24.56 38.24
N ASN D 469 4.67 24.60 38.33
CA ASN D 469 5.54 24.05 37.29
C ASN D 469 5.89 22.57 37.40
N GLY D 470 6.71 22.11 36.45
CA GLY D 470 7.11 20.72 36.39
C GLY D 470 7.87 20.12 37.56
N LEU D 471 8.61 20.94 38.29
CA LEU D 471 9.35 20.43 39.44
C LEU D 471 8.42 19.82 40.48
N GLU D 472 7.19 20.33 40.54
CA GLU D 472 6.23 19.79 41.51
C GLU D 472 5.90 18.36 41.13
N VAL D 473 5.94 18.07 39.83
CA VAL D 473 5.65 16.71 39.37
C VAL D 473 6.81 15.81 39.77
N VAL D 474 8.03 16.29 39.56
CA VAL D 474 9.22 15.55 39.94
C VAL D 474 9.17 15.24 41.44
N LYS D 475 8.95 16.28 42.24
CA LYS D 475 8.87 16.13 43.69
C LYS D 475 7.85 15.08 44.10
N ALA D 476 6.64 15.18 43.53
CA ALA D 476 5.58 14.23 43.84
C ALA D 476 6.02 12.80 43.57
N LEU D 477 6.67 12.58 42.43
CA LEU D 477 7.14 11.25 42.08
C LEU D 477 8.26 10.80 43.02
N ALA D 478 9.21 11.67 43.28
CA ALA D 478 10.33 11.36 44.15
C ALA D 478 9.91 11.05 45.59
N GLN D 479 8.80 11.63 46.02
CA GLN D 479 8.33 11.43 47.38
C GLN D 479 7.16 10.47 47.47
N GLY D 480 6.78 9.88 46.34
CA GLY D 480 5.65 8.96 46.33
C GLY D 480 6.04 7.53 45.96
N GLY D 481 7.33 7.24 45.98
CA GLY D 481 7.80 5.90 45.65
C GLY D 481 8.26 5.70 44.22
N PHE D 482 8.51 6.79 43.51
CA PHE D 482 8.94 6.68 42.12
C PHE D 482 10.16 7.52 41.83
N THR D 483 11.21 7.27 42.63
CA THR D 483 12.48 7.98 42.49
C THR D 483 13.01 7.86 41.07
N ASP D 484 12.90 6.65 40.51
CA ASP D 484 13.38 6.40 39.15
C ASP D 484 12.66 7.24 38.11
N VAL D 485 11.32 7.21 38.12
CA VAL D 485 10.55 8.00 37.16
C VAL D 485 10.86 9.49 37.36
N ALA D 486 11.04 9.89 38.61
CA ALA D 486 11.35 11.26 38.95
C ALA D 486 12.68 11.69 38.32
N GLN D 487 13.66 10.79 38.37
CA GLN D 487 14.96 11.08 37.79
C GLN D 487 14.84 11.22 36.29
N ASP D 488 14.03 10.36 35.68
CA ASP D 488 13.84 10.42 34.23
C ASP D 488 13.17 11.74 33.85
N MET D 489 12.15 12.12 34.61
CA MET D 489 11.45 13.38 34.37
C MET D 489 12.43 14.54 34.48
N LEU D 490 13.28 14.51 35.52
CA LEU D 490 14.24 15.59 35.68
C LEU D 490 15.22 15.60 34.51
N ASN D 491 15.62 14.43 34.03
CA ASN D 491 16.54 14.35 32.91
C ASN D 491 15.93 14.94 31.63
N ILE D 492 14.65 14.69 31.41
CA ILE D 492 13.99 15.22 30.22
C ILE D 492 13.92 16.74 30.34
N GLN D 493 13.71 17.23 31.56
CA GLN D 493 13.64 18.66 31.81
C GLN D 493 15.00 19.29 31.55
N LYS D 494 16.06 18.60 31.95
CA LYS D 494 17.42 19.09 31.77
C LYS D 494 17.80 19.22 30.30
N ALA D 495 17.08 18.53 29.43
CA ALA D 495 17.36 18.58 28.00
C ALA D 495 17.04 19.96 27.42
N LYS D 496 16.23 20.74 28.15
CA LYS D 496 15.85 22.07 27.71
C LYS D 496 16.93 23.11 28.03
N LEU D 497 17.99 22.67 28.69
CA LEU D 497 19.07 23.57 29.08
C LEU D 497 20.25 23.59 28.10
N THR D 498 20.46 22.47 27.42
CA THR D 498 21.58 22.34 26.49
C THR D 498 21.33 22.88 25.09
N GLY D 499 20.09 22.81 24.62
CA GLY D 499 19.77 23.30 23.28
C GLY D 499 20.05 22.29 22.19
N ASP D 500 20.58 21.12 22.56
CA ASP D 500 20.90 20.09 21.56
C ASP D 500 19.72 19.55 20.76
N TYR D 501 18.60 19.27 21.42
CA TYR D 501 17.45 18.72 20.71
C TYR D 501 16.59 19.78 20.00
N LEU D 502 17.13 20.99 19.88
CA LEU D 502 16.43 22.06 19.20
C LEU D 502 16.79 21.98 17.72
N HIS D 503 17.77 21.14 17.42
CA HIS D 503 18.24 20.96 16.05
C HIS D 503 17.37 20.05 15.20
N THR D 504 17.49 20.23 13.90
CA THR D 504 16.74 19.49 12.90
C THR D 504 16.54 18.00 13.17
N SER D 505 15.28 17.59 13.27
CA SER D 505 14.90 16.18 13.47
C SER D 505 15.29 15.55 14.80
N ALA D 506 15.72 16.35 15.76
CA ALA D 506 16.15 15.81 17.03
C ALA D 506 15.12 15.08 17.89
N ILE D 507 15.52 13.90 18.36
CA ILE D 507 14.73 13.08 19.27
C ILE D 507 15.76 12.65 20.31
N ILE D 508 15.32 12.00 21.38
CA ILE D 508 16.24 11.55 22.41
C ILE D 508 16.08 10.05 22.58
N VAL D 509 17.16 9.32 22.28
CA VAL D 509 17.14 7.87 22.34
C VAL D 509 18.13 7.30 23.35
N GLY D 510 17.97 6.01 23.64
CA GLY D 510 18.86 5.35 24.57
C GLY D 510 18.94 6.02 25.92
N ASP D 511 20.15 6.32 26.34
CA ASP D 511 20.36 6.94 27.64
C ASP D 511 20.60 8.43 27.53
N GLY D 512 19.53 9.17 27.25
CA GLY D 512 19.61 10.62 27.14
C GLY D 512 20.44 11.12 25.98
N GLN D 513 20.59 10.31 24.95
CA GLN D 513 21.38 10.68 23.78
C GLN D 513 20.54 11.36 22.70
N VAL D 514 20.92 12.56 22.31
CA VAL D 514 20.19 13.28 21.29
C VAL D 514 20.57 12.73 19.90
N LEU D 515 19.57 12.47 19.08
CA LEU D 515 19.78 11.94 17.74
C LEU D 515 19.09 12.89 16.75
N SER D 516 19.86 13.72 16.06
CA SER D 516 19.31 14.66 15.10
C SER D 516 19.98 14.55 13.74
N ALA D 517 19.58 15.42 12.82
CA ALA D 517 20.16 15.43 11.48
C ALA D 517 21.61 15.92 11.55
N VAL D 518 22.02 16.46 12.69
CA VAL D 518 23.38 16.96 12.84
C VAL D 518 24.37 15.84 13.15
N ASN D 519 23.99 14.91 14.03
CA ASN D 519 24.88 13.81 14.37
C ASN D 519 24.41 12.45 13.83
N ASP D 520 23.36 12.47 13.01
CA ASP D 520 22.83 11.25 12.39
C ASP D 520 22.50 11.66 10.95
N VAL D 521 23.53 12.09 10.24
CA VAL D 521 23.44 12.56 8.86
C VAL D 521 23.02 11.48 7.87
N ASN D 522 22.00 11.78 7.07
CA ASN D 522 21.52 10.83 6.07
C ASN D 522 22.50 10.87 4.90
N ASP D 523 23.19 9.75 4.68
CA ASP D 523 24.19 9.68 3.62
C ASP D 523 23.84 8.73 2.49
N TYR D 524 22.59 8.77 2.05
CA TYR D 524 22.12 7.91 0.99
C TYR D 524 22.87 8.07 -0.33
N ALA D 525 23.27 6.95 -0.93
CA ALA D 525 23.98 6.95 -2.20
C ALA D 525 23.56 5.72 -3.00
N GLY D 526 22.31 5.31 -2.83
CA GLY D 526 21.80 4.16 -3.55
C GLY D 526 21.83 2.86 -2.76
N PRO D 527 21.58 1.72 -3.43
CA PRO D 527 21.58 0.41 -2.78
C PRO D 527 22.78 0.15 -1.86
N ALA D 528 22.52 -0.49 -0.73
CA ALA D 528 23.56 -0.81 0.24
C ALA D 528 24.19 0.40 0.92
N THR D 529 23.59 1.58 0.75
CA THR D 529 24.12 2.77 1.41
C THR D 529 23.00 3.40 2.23
N GLY D 530 23.34 4.41 3.04
CA GLY D 530 22.34 5.06 3.86
C GLY D 530 21.80 4.11 4.91
N TYR D 531 20.70 4.49 5.54
CA TYR D 531 20.10 3.64 6.57
C TYR D 531 19.64 2.31 6.00
N ARG D 532 19.96 1.21 6.70
CA ARG D 532 19.56 -0.11 6.26
C ARG D 532 19.09 -0.95 7.45
N LEU D 533 17.89 -1.50 7.32
CA LEU D 533 17.33 -2.33 8.37
C LEU D 533 18.19 -3.57 8.46
N GLN D 534 18.62 -3.92 9.66
CA GLN D 534 19.47 -5.09 9.86
C GLN D 534 19.82 -5.31 11.32
N GLY D 535 20.65 -6.32 11.57
CA GLY D 535 21.08 -6.61 12.92
C GLY D 535 19.97 -6.87 13.92
N GLU D 536 20.18 -6.44 15.16
CA GLU D 536 19.21 -6.63 16.22
C GLU D 536 17.88 -5.97 15.91
N ARG D 537 17.92 -4.87 15.17
CA ARG D 537 16.70 -4.16 14.81
C ARG D 537 15.87 -5.05 13.87
N TRP D 538 16.55 -5.71 12.93
CA TRP D 538 15.89 -6.60 11.98
C TRP D 538 15.31 -7.81 12.75
N GLU D 539 16.11 -8.36 13.66
CA GLU D 539 15.67 -9.50 14.47
C GLU D 539 14.44 -9.11 15.29
N GLU D 540 14.45 -7.93 15.87
CA GLU D 540 13.33 -7.46 16.67
C GLU D 540 12.06 -7.35 15.82
N ILE D 541 12.21 -6.87 14.59
CA ILE D 541 11.07 -6.74 13.68
C ILE D 541 10.57 -8.10 13.21
N LYS D 542 11.50 -9.04 13.02
CA LYS D 542 11.13 -10.38 12.55
C LYS D 542 10.28 -11.16 13.54
N ASN D 543 10.51 -10.91 14.83
CA ASN D 543 9.82 -11.62 15.91
C ASN D 543 8.39 -11.20 16.19
N ILE D 544 7.48 -11.42 15.24
CA ILE D 544 6.08 -11.05 15.44
C ILE D 544 5.32 -12.18 16.11
N PRO D 545 4.19 -11.85 16.75
CA PRO D 545 3.42 -12.90 17.41
C PRO D 545 2.77 -13.82 16.38
N GLY D 546 2.81 -15.12 16.65
CA GLY D 546 2.19 -16.07 15.74
C GLY D 546 3.16 -16.76 14.81
N ALA D 547 4.42 -16.33 14.82
CA ALA D 547 5.44 -16.93 13.96
C ALA D 547 6.10 -18.09 14.70
N LEU D 548 5.52 -19.27 14.56
CA LEU D 548 6.03 -20.47 15.21
C LEU D 548 7.20 -21.12 14.47
N ASP D 549 8.03 -21.82 15.23
CA ASP D 549 9.19 -22.51 14.66
C ASP D 549 8.69 -23.75 13.94
N PRO D 550 8.88 -23.81 12.60
CA PRO D 550 8.43 -24.98 11.83
C PRO D 550 9.17 -26.25 12.26
N ASN D 551 9.97 -26.12 13.31
CA ASN D 551 10.78 -27.18 13.91
C ASN D 551 11.87 -27.74 13.01
N ASP E 45 -40.25 32.01 5.16
CA ASP E 45 -39.03 32.71 4.67
C ASP E 45 -38.10 33.05 5.85
N GLY E 46 -37.63 34.28 5.88
CA GLY E 46 -36.73 34.71 6.94
C GLY E 46 -37.37 34.87 8.30
N PHE E 47 -36.87 34.12 9.27
CA PHE E 47 -37.37 34.17 10.63
C PHE E 47 -36.51 35.10 11.48
N LEU E 48 -35.53 35.73 10.83
CA LEU E 48 -34.63 36.65 11.53
C LEU E 48 -34.73 38.04 10.93
N THR E 49 -34.96 39.04 11.78
CA THR E 49 -35.10 40.42 11.33
C THR E 49 -34.12 41.32 12.05
N GLU E 50 -33.41 42.14 11.30
CA GLU E 50 -32.45 43.07 11.88
C GLU E 50 -33.13 44.22 12.60
N VAL E 51 -32.70 44.48 13.84
CA VAL E 51 -33.28 45.58 14.61
C VAL E 51 -32.27 46.66 14.92
N GLY E 52 -31.13 46.65 14.22
CA GLY E 52 -30.11 47.65 14.44
C GLY E 52 -28.81 47.06 14.97
N GLU E 53 -27.73 47.84 14.85
CA GLU E 53 -26.42 47.39 15.32
C GLU E 53 -26.45 46.86 16.74
N ALA E 54 -25.86 45.69 16.94
CA ALA E 54 -25.81 45.06 18.25
C ALA E 54 -24.85 45.86 19.12
N ARG E 55 -25.28 46.17 20.34
CA ARG E 55 -24.44 46.93 21.25
C ARG E 55 -24.30 46.24 22.59
N GLN E 56 -23.42 46.78 23.44
CA GLN E 56 -23.16 46.22 24.76
C GLN E 56 -24.46 45.92 25.54
N GLY E 57 -24.50 44.76 26.20
CA GLY E 57 -25.68 44.39 26.95
C GLY E 57 -26.07 45.40 28.01
N THR E 58 -27.37 45.56 28.25
CA THR E 58 -27.84 46.52 29.25
C THR E 58 -28.07 45.85 30.60
N GLN E 59 -27.99 44.53 30.62
CA GLN E 59 -28.13 43.75 31.86
C GLN E 59 -27.14 42.60 31.83
N GLN E 60 -26.78 42.11 33.00
CA GLN E 60 -25.81 41.03 33.13
C GLN E 60 -26.35 39.64 32.83
N ASP E 61 -27.62 39.40 33.15
CA ASP E 61 -28.20 38.09 32.95
C ASP E 61 -28.61 37.74 31.53
N GLU E 62 -27.65 37.76 30.61
CA GLU E 62 -27.94 37.43 29.21
C GLU E 62 -26.78 36.65 28.56
N VAL E 63 -27.12 35.88 27.53
CA VAL E 63 -26.14 35.15 26.75
C VAL E 63 -26.42 35.53 25.30
N ILE E 64 -25.38 35.93 24.59
CA ILE E 64 -25.52 36.30 23.19
C ILE E 64 -25.26 35.11 22.28
N ILE E 65 -26.16 34.89 21.33
CA ILE E 65 -25.99 33.82 20.36
C ILE E 65 -25.55 34.54 19.10
N ALA E 66 -24.32 34.32 18.67
CA ALA E 66 -23.80 34.94 17.46
C ALA E 66 -23.79 33.92 16.33
N VAL E 67 -24.46 34.26 15.23
CA VAL E 67 -24.54 33.36 14.08
C VAL E 67 -23.76 33.91 12.88
N GLY E 68 -23.35 32.99 12.00
CA GLY E 68 -22.60 33.38 10.81
C GLY E 68 -23.39 34.29 9.88
N PRO E 69 -22.72 34.95 8.93
CA PRO E 69 -23.35 35.86 7.98
C PRO E 69 -24.41 35.27 7.03
N ALA E 70 -24.44 33.95 6.88
CA ALA E 70 -25.41 33.32 5.99
C ALA E 70 -26.49 32.54 6.72
N PHE E 71 -26.36 32.46 8.05
CA PHE E 71 -27.30 31.72 8.91
C PHE E 71 -28.73 32.25 8.77
N GLY E 72 -29.63 31.34 8.41
CA GLY E 72 -31.03 31.71 8.24
C GLY E 72 -31.30 32.52 6.98
N LEU E 73 -30.27 32.72 6.16
CA LEU E 73 -30.39 33.48 4.92
C LEU E 73 -30.06 32.59 3.73
N ALA E 74 -28.87 32.78 3.14
CA ALA E 74 -28.46 31.96 2.00
C ALA E 74 -28.43 30.47 2.39
N GLN E 75 -28.28 30.21 3.69
CA GLN E 75 -28.28 28.84 4.17
C GLN E 75 -29.35 28.75 5.27
N THR E 76 -30.15 27.68 5.25
CA THR E 76 -31.24 27.52 6.21
C THR E 76 -31.26 26.21 7.02
N VAL E 77 -30.33 25.31 6.72
CA VAL E 77 -30.22 24.04 7.43
C VAL E 77 -28.74 23.83 7.70
N ASN E 78 -28.38 23.00 8.66
CA ASN E 78 -26.97 22.78 8.93
C ASN E 78 -26.44 21.64 8.05
N ILE E 79 -25.19 21.25 8.26
CA ILE E 79 -24.55 20.21 7.46
C ILE E 79 -25.31 18.87 7.33
N VAL E 80 -26.16 18.54 8.30
CA VAL E 80 -26.93 17.31 8.21
C VAL E 80 -28.43 17.55 8.07
N GLY E 81 -28.80 18.72 7.54
CA GLY E 81 -30.20 19.03 7.32
C GLY E 81 -31.07 19.55 8.44
N ILE E 82 -30.50 19.80 9.62
CA ILE E 82 -31.32 20.31 10.71
C ILE E 82 -31.61 21.79 10.44
N PRO E 83 -32.90 22.18 10.47
CA PRO E 83 -33.27 23.56 10.21
C PRO E 83 -32.63 24.55 11.18
N HIS E 84 -32.22 25.71 10.67
CA HIS E 84 -31.62 26.74 11.49
C HIS E 84 -32.67 27.29 12.46
N LYS E 85 -33.92 27.31 12.02
CA LYS E 85 -35.01 27.79 12.85
C LYS E 85 -35.12 26.91 14.09
N SER E 86 -35.03 25.60 13.90
CA SER E 86 -35.11 24.64 14.99
C SER E 86 -33.89 24.72 15.91
N ILE E 87 -32.72 24.93 15.32
CA ILE E 87 -31.50 25.03 16.10
C ILE E 87 -31.57 26.24 17.02
N LEU E 88 -31.92 27.39 16.47
CA LEU E 88 -32.01 28.62 17.27
C LEU E 88 -33.09 28.47 18.34
N ARG E 89 -34.20 27.84 17.97
CA ARG E 89 -35.30 27.63 18.90
C ARG E 89 -34.79 26.85 20.13
N GLU E 90 -34.06 25.76 19.88
CA GLU E 90 -33.54 24.93 20.96
C GLU E 90 -32.46 25.58 21.81
N VAL E 91 -31.56 26.33 21.18
CA VAL E 91 -30.50 26.99 21.93
C VAL E 91 -31.12 28.04 22.86
N ILE E 92 -32.08 28.80 22.34
CA ILE E 92 -32.76 29.82 23.13
C ILE E 92 -33.54 29.20 24.28
N ALA E 93 -34.25 28.11 24.00
CA ALA E 93 -35.03 27.43 25.03
C ALA E 93 -34.10 26.97 26.15
N GLY E 94 -32.93 26.45 25.76
CA GLY E 94 -31.98 25.97 26.74
C GLY E 94 -31.49 27.07 27.64
N ILE E 95 -31.25 28.25 27.06
CA ILE E 95 -30.79 29.40 27.82
C ILE E 95 -31.89 29.92 28.75
N GLU E 96 -33.07 30.12 28.19
CA GLU E 96 -34.19 30.65 28.95
C GLU E 96 -34.66 29.75 30.08
N GLU E 97 -34.62 28.43 29.89
CA GLU E 97 -35.04 27.54 30.96
C GLU E 97 -34.11 27.69 32.17
N GLU E 98 -33.02 28.43 31.99
CA GLU E 98 -32.07 28.67 33.07
C GLU E 98 -32.23 30.06 33.65
N GLY E 99 -33.35 30.70 33.33
CA GLY E 99 -33.61 32.04 33.85
C GLY E 99 -32.69 33.11 33.29
N ILE E 100 -32.12 32.86 32.12
CA ILE E 100 -31.23 33.81 31.47
C ILE E 100 -31.82 34.25 30.13
N LYS E 101 -31.57 35.50 29.77
CA LYS E 101 -32.08 36.04 28.51
C LYS E 101 -31.17 35.69 27.35
N ALA E 102 -31.77 35.43 26.20
CA ALA E 102 -31.02 35.14 24.99
C ALA E 102 -31.12 36.35 24.08
N ARG E 103 -30.00 36.75 23.50
CA ARG E 103 -29.98 37.89 22.58
C ARG E 103 -29.20 37.44 21.35
N VAL E 104 -29.86 37.43 20.19
CA VAL E 104 -29.24 36.99 18.95
C VAL E 104 -28.67 38.10 18.09
N ILE E 105 -27.48 37.87 17.54
CA ILE E 105 -26.83 38.84 16.66
C ILE E 105 -26.21 38.10 15.47
N ARG E 106 -25.94 38.84 14.40
CA ARG E 106 -25.31 38.26 13.21
C ARG E 106 -23.95 38.96 13.04
N CYS E 107 -22.91 38.19 12.76
CA CYS E 107 -21.58 38.75 12.59
C CYS E 107 -21.20 38.73 11.12
N PHE E 108 -20.52 39.78 10.67
CA PHE E 108 -20.13 39.89 9.27
C PHE E 108 -18.63 39.97 9.05
N LYS E 109 -17.89 40.39 10.07
CA LYS E 109 -16.45 40.56 9.93
C LYS E 109 -15.67 39.29 9.60
N SER E 110 -16.24 38.14 9.95
CA SER E 110 -15.59 36.85 9.68
C SER E 110 -16.60 35.73 9.77
N SER E 111 -16.35 34.65 9.04
CA SER E 111 -17.23 33.49 9.05
C SER E 111 -16.66 32.42 9.96
N ASP E 112 -15.47 32.67 10.52
CA ASP E 112 -14.83 31.71 11.42
C ASP E 112 -15.66 31.66 12.71
N VAL E 113 -16.08 30.46 13.12
CA VAL E 113 -16.92 30.36 14.31
C VAL E 113 -16.34 30.97 15.58
N ALA E 114 -15.02 30.92 15.75
CA ALA E 114 -14.41 31.51 16.94
C ALA E 114 -14.59 33.02 16.93
N PHE E 115 -14.28 33.65 15.81
CA PHE E 115 -14.44 35.09 15.75
C PHE E 115 -15.89 35.55 15.74
N VAL E 116 -16.79 34.69 15.26
CA VAL E 116 -18.20 35.02 15.28
C VAL E 116 -18.59 35.09 16.75
N ALA E 117 -18.09 34.12 17.53
CA ALA E 117 -18.37 34.03 18.97
C ALA E 117 -17.71 35.15 19.77
N VAL E 118 -16.49 35.54 19.38
CA VAL E 118 -15.78 36.61 20.06
C VAL E 118 -16.55 37.90 19.87
N GLU E 119 -17.04 38.09 18.65
CA GLU E 119 -17.82 39.26 18.31
C GLU E 119 -18.92 39.39 19.35
N GLY E 120 -19.53 38.25 19.70
CA GLY E 120 -20.61 38.22 20.66
C GLY E 120 -20.22 38.32 22.13
N ASN E 121 -19.17 37.63 22.57
CA ASN E 121 -18.80 37.70 23.98
C ASN E 121 -18.33 39.09 24.34
N ARG E 122 -17.97 39.87 23.32
CA ARG E 122 -17.49 41.22 23.52
C ARG E 122 -18.65 42.13 23.92
N LEU E 123 -19.85 41.79 23.46
CA LEU E 123 -21.04 42.59 23.73
C LEU E 123 -21.96 41.98 24.79
N SER E 124 -21.79 40.70 25.06
CA SER E 124 -22.63 40.01 26.04
C SER E 124 -22.54 40.60 27.44
N GLY E 125 -23.69 40.77 28.09
CA GLY E 125 -23.71 41.31 29.43
C GLY E 125 -23.08 40.38 30.43
N SER E 126 -23.05 39.09 30.11
CA SER E 126 -22.47 38.10 31.00
C SER E 126 -21.05 37.77 30.56
N GLY E 127 -20.69 38.22 29.37
CA GLY E 127 -19.37 37.91 28.85
C GLY E 127 -19.40 36.59 28.11
N ILE E 128 -20.52 35.89 28.20
CA ILE E 128 -20.68 34.59 27.56
C ILE E 128 -21.43 34.68 26.23
N SER E 129 -21.01 33.88 25.26
CA SER E 129 -21.66 33.86 23.95
C SER E 129 -21.57 32.48 23.35
N ILE E 130 -22.39 32.24 22.34
CA ILE E 130 -22.39 30.98 21.63
C ILE E 130 -22.26 31.33 20.16
N GLY E 131 -21.24 30.78 19.50
CA GLY E 131 -21.04 31.06 18.08
C GLY E 131 -21.56 29.89 17.27
N ILE E 132 -22.29 30.18 16.19
CA ILE E 132 -22.83 29.11 15.36
C ILE E 132 -22.69 29.44 13.87
N GLN E 133 -22.07 28.53 13.13
CA GLN E 133 -21.90 28.71 11.69
C GLN E 133 -23.12 28.07 11.03
N SER E 134 -23.41 28.45 9.80
CA SER E 134 -24.56 27.87 9.10
C SER E 134 -24.45 26.35 9.02
N LYS E 135 -23.23 25.84 8.82
CA LYS E 135 -23.08 24.40 8.73
C LYS E 135 -23.30 23.69 10.06
N GLY E 136 -23.43 24.46 11.14
CA GLY E 136 -23.70 23.86 12.42
C GLY E 136 -22.66 23.90 13.53
N THR E 137 -21.40 24.09 13.16
CA THR E 137 -20.31 24.13 14.13
C THR E 137 -20.63 25.15 15.23
N THR E 138 -20.47 24.74 16.48
CA THR E 138 -20.80 25.60 17.61
C THR E 138 -19.73 25.66 18.69
N VAL E 139 -19.63 26.81 19.36
CA VAL E 139 -18.66 27.02 20.42
C VAL E 139 -19.24 27.93 21.52
N ILE E 140 -18.92 27.61 22.78
CA ILE E 140 -19.36 28.45 23.90
C ILE E 140 -18.11 29.24 24.26
N HIS E 141 -18.18 30.55 24.11
CA HIS E 141 -17.02 31.39 24.38
C HIS E 141 -17.20 32.30 25.58
N GLN E 142 -16.09 32.87 26.03
CA GLN E 142 -16.09 33.75 27.20
C GLN E 142 -15.12 34.90 27.03
N GLN E 143 -15.62 36.11 27.21
CA GLN E 143 -14.81 37.31 27.08
C GLN E 143 -13.57 37.20 27.94
N GLY E 144 -12.41 37.54 27.37
CA GLY E 144 -11.17 37.45 28.10
C GLY E 144 -10.32 36.28 27.67
N LEU E 145 -10.95 35.27 27.08
CA LEU E 145 -10.22 34.11 26.61
C LEU E 145 -9.66 34.41 25.22
N PRO E 146 -8.51 33.80 24.87
CA PRO E 146 -7.95 34.07 23.54
C PRO E 146 -9.02 33.67 22.52
N PRO E 147 -9.05 34.33 21.36
CA PRO E 147 -10.03 34.03 20.32
C PRO E 147 -10.17 32.55 19.96
N LEU E 148 -9.06 31.84 19.85
CA LEU E 148 -9.12 30.43 19.49
C LEU E 148 -9.21 29.47 20.69
N SER E 149 -9.42 30.04 21.87
CA SER E 149 -9.62 29.22 23.06
C SER E 149 -11.14 29.22 23.26
N ASN E 150 -11.62 28.68 24.37
CA ASN E 150 -13.07 28.63 24.62
C ASN E 150 -13.39 27.87 25.90
N LEU E 151 -14.68 27.80 26.23
CA LEU E 151 -15.14 27.08 27.40
C LEU E 151 -15.53 25.66 26.96
N GLU E 152 -16.29 25.58 25.89
CA GLU E 152 -16.72 24.30 25.34
C GLU E 152 -16.74 24.41 23.83
N LEU E 153 -16.37 23.32 23.14
CA LEU E 153 -16.34 23.31 21.69
C LEU E 153 -17.00 22.07 21.09
N PHE E 154 -17.66 22.26 19.96
CA PHE E 154 -18.34 21.16 19.27
C PHE E 154 -17.82 21.20 17.83
N PRO E 155 -16.65 20.57 17.62
CA PRO E 155 -15.89 20.46 16.37
C PRO E 155 -16.40 19.52 15.29
N GLN E 156 -17.49 18.81 15.54
CA GLN E 156 -18.03 17.89 14.56
C GLN E 156 -19.53 18.11 14.39
N ALA E 157 -19.87 19.15 13.64
CA ALA E 157 -21.27 19.52 13.38
C ALA E 157 -22.20 18.37 12.99
N PRO E 158 -21.73 17.44 12.15
CA PRO E 158 -22.61 16.33 11.76
C PRO E 158 -23.20 15.50 12.90
N LEU E 159 -22.56 15.53 14.06
CA LEU E 159 -23.01 14.73 15.20
C LEU E 159 -23.99 15.43 16.15
N LEU E 160 -24.16 16.73 16.00
CA LEU E 160 -25.06 17.48 16.88
C LEU E 160 -26.53 17.23 16.57
N THR E 161 -27.33 17.15 17.62
CA THR E 161 -28.77 16.93 17.47
C THR E 161 -29.45 18.12 18.14
N LEU E 162 -30.75 18.27 17.94
CA LEU E 162 -31.48 19.37 18.57
C LEU E 162 -31.32 19.29 20.08
N GLU E 163 -31.10 18.09 20.60
CA GLU E 163 -30.92 17.89 22.03
C GLU E 163 -29.58 18.46 22.47
N THR E 164 -28.55 18.31 21.63
CA THR E 164 -27.22 18.83 21.97
C THR E 164 -27.31 20.35 21.99
N TYR E 165 -27.96 20.91 20.98
CA TYR E 165 -28.11 22.36 20.88
C TYR E 165 -28.80 22.96 22.10
N ARG E 166 -29.82 22.28 22.60
CA ARG E 166 -30.53 22.78 23.77
C ARG E 166 -29.59 22.73 24.96
N GLN E 167 -28.86 21.63 25.10
CA GLN E 167 -27.94 21.49 26.21
C GLN E 167 -26.82 22.53 26.14
N ILE E 168 -26.47 22.94 24.92
CA ILE E 168 -25.44 23.96 24.76
C ILE E 168 -25.99 25.28 25.31
N GLY E 169 -27.28 25.53 25.09
CA GLY E 169 -27.88 26.74 25.59
C GLY E 169 -27.90 26.75 27.11
N LYS E 170 -28.29 25.63 27.70
CA LYS E 170 -28.36 25.52 29.16
C LYS E 170 -27.00 25.74 29.81
N ASN E 171 -25.96 25.10 29.28
CA ASN E 171 -24.62 25.24 29.83
C ASN E 171 -24.14 26.67 29.70
N ALA E 172 -24.37 27.30 28.55
CA ALA E 172 -23.95 28.68 28.36
C ALA E 172 -24.59 29.58 29.43
N ALA E 173 -25.88 29.37 29.66
CA ALA E 173 -26.62 30.14 30.66
C ALA E 173 -26.00 29.92 32.03
N ARG E 174 -25.64 28.67 32.32
CA ARG E 174 -25.05 28.34 33.60
C ARG E 174 -23.69 29.01 33.78
N TYR E 175 -22.92 29.13 32.70
CA TYR E 175 -21.63 29.80 32.77
C TYR E 175 -21.92 31.28 33.05
N ALA E 176 -23.02 31.77 32.49
CA ALA E 176 -23.42 33.16 32.68
C ALA E 176 -23.74 33.42 34.15
N LYS E 177 -24.28 32.40 34.82
CA LYS E 177 -24.62 32.52 36.22
C LYS E 177 -23.40 32.15 37.08
N ARG E 178 -22.25 32.08 36.42
CA ARG E 178 -20.98 31.75 37.06
C ARG E 178 -20.94 30.38 37.73
N GLU E 179 -21.70 29.44 37.20
CA GLU E 179 -21.71 28.09 37.74
C GLU E 179 -20.70 27.29 36.92
N SER E 180 -20.42 26.06 37.32
CA SER E 180 -19.50 25.21 36.57
C SER E 180 -20.25 23.93 36.24
N PRO E 181 -21.00 23.95 35.13
CA PRO E 181 -21.80 22.81 34.68
C PRO E 181 -20.96 21.70 34.10
N GLN E 182 -21.50 20.48 34.17
CA GLN E 182 -20.84 19.32 33.61
C GLN E 182 -20.84 19.64 32.11
N PRO E 183 -19.66 19.66 31.48
CA PRO E 183 -19.62 19.96 30.03
C PRO E 183 -20.50 19.01 29.23
N VAL E 184 -21.06 19.51 28.13
CA VAL E 184 -21.90 18.67 27.27
C VAL E 184 -21.04 17.46 26.88
N PRO E 185 -21.58 16.23 27.00
CA PRO E 185 -20.82 15.03 26.65
C PRO E 185 -20.15 15.09 25.28
N THR E 186 -18.85 14.82 25.28
CA THR E 186 -18.04 14.85 24.06
C THR E 186 -18.49 13.85 23.01
N LEU E 187 -18.71 14.33 21.79
CA LEU E 187 -19.11 13.50 20.67
C LEU E 187 -17.92 13.46 19.69
N ASN E 188 -17.53 12.25 19.29
CA ASN E 188 -16.40 12.08 18.37
C ASN E 188 -16.63 10.88 17.48
N ASP E 189 -16.49 11.08 16.17
CA ASP E 189 -16.70 10.03 15.19
C ASP E 189 -15.56 10.06 14.17
N GLN E 190 -14.70 9.04 14.19
CA GLN E 190 -13.57 8.95 13.28
C GLN E 190 -13.92 9.03 11.80
N MET E 191 -15.17 8.73 11.44
CA MET E 191 -15.57 8.81 10.04
C MET E 191 -16.29 10.11 9.69
N ALA E 192 -16.41 11.01 10.67
CA ALA E 192 -17.08 12.29 10.45
C ALA E 192 -16.38 13.11 9.36
N ARG E 193 -15.05 13.19 9.46
CA ARG E 193 -14.27 13.93 8.47
C ARG E 193 -14.34 13.21 7.12
N PRO E 194 -14.04 11.91 7.10
CA PRO E 194 -14.09 11.17 5.84
C PRO E 194 -15.40 11.40 5.07
N LYS E 195 -16.51 11.40 5.80
CA LYS E 195 -17.80 11.56 5.17
C LYS E 195 -18.25 13.00 4.93
N TYR E 196 -17.85 13.92 5.82
CA TYR E 196 -18.31 15.30 5.71
C TYR E 196 -17.33 16.45 5.52
N GLN E 197 -16.02 16.21 5.63
CA GLN E 197 -15.06 17.31 5.50
C GLN E 197 -15.19 18.14 4.22
N ALA E 198 -15.26 17.48 3.07
CA ALA E 198 -15.39 18.18 1.79
C ALA E 198 -16.66 19.05 1.77
N LYS E 199 -17.77 18.49 2.22
CA LYS E 199 -19.03 19.21 2.26
C LYS E 199 -18.92 20.42 3.20
N SER E 200 -18.27 20.20 4.34
CA SER E 200 -18.06 21.26 5.31
C SER E 200 -17.27 22.41 4.68
N ALA E 201 -16.21 22.07 3.95
CA ALA E 201 -15.39 23.09 3.30
C ALA E 201 -16.24 23.88 2.31
N ILE E 202 -17.05 23.18 1.53
CA ILE E 202 -17.90 23.81 0.53
C ILE E 202 -18.93 24.72 1.19
N LEU E 203 -19.61 24.21 2.22
CA LEU E 203 -20.60 25.01 2.91
C LEU E 203 -19.96 26.26 3.51
N HIS E 204 -18.74 26.12 4.02
CA HIS E 204 -18.05 27.27 4.61
C HIS E 204 -17.66 28.27 3.53
N ILE E 205 -17.15 27.78 2.41
CA ILE E 205 -16.77 28.65 1.31
C ILE E 205 -17.97 29.53 0.93
N LYS E 206 -19.15 28.93 0.89
CA LYS E 206 -20.37 29.65 0.54
C LYS E 206 -20.79 30.70 1.56
N GLU E 207 -20.74 30.38 2.85
CA GLU E 207 -21.11 31.34 3.88
C GLU E 207 -20.09 32.49 3.92
N THR E 208 -18.83 32.14 3.67
CA THR E 208 -17.76 33.13 3.69
C THR E 208 -17.96 34.24 2.66
N LYS E 209 -18.76 33.97 1.63
CA LYS E 209 -19.00 34.98 0.61
C LYS E 209 -19.77 36.16 1.21
N TYR E 210 -20.47 35.92 2.30
CA TYR E 210 -21.26 36.96 2.96
C TYR E 210 -20.51 37.77 4.01
N VAL E 211 -19.22 37.52 4.12
CA VAL E 211 -18.39 38.24 5.08
C VAL E 211 -18.25 39.67 4.56
N VAL E 212 -18.38 40.64 5.46
CA VAL E 212 -18.24 42.04 5.07
C VAL E 212 -17.29 42.69 6.06
N THR E 213 -16.10 43.05 5.57
CA THR E 213 -15.08 43.68 6.40
C THR E 213 -15.54 45.00 7.00
N GLY E 214 -15.26 45.20 8.29
CA GLY E 214 -15.63 46.45 8.93
C GLY E 214 -17.09 46.63 9.30
N LYS E 215 -17.94 45.68 8.95
CA LYS E 215 -19.36 45.79 9.29
C LYS E 215 -19.64 45.20 10.67
N ASN E 216 -20.08 46.04 11.59
CA ASN E 216 -20.36 45.58 12.95
C ASN E 216 -21.61 44.70 12.97
N PRO E 217 -21.73 43.85 14.01
CA PRO E 217 -22.86 42.93 14.17
C PRO E 217 -24.21 43.63 14.22
N GLN E 218 -25.25 42.90 13.81
CA GLN E 218 -26.61 43.40 13.82
C GLN E 218 -27.44 42.51 14.74
N GLU E 219 -28.13 43.12 15.69
CA GLU E 219 -28.97 42.37 16.61
C GLU E 219 -30.13 41.88 15.77
N LEU E 220 -30.68 40.72 16.11
CA LEU E 220 -31.77 40.16 15.34
C LEU E 220 -33.00 39.85 16.18
N ARG E 221 -34.17 39.99 15.57
CA ARG E 221 -35.43 39.68 16.24
C ARG E 221 -35.82 38.31 15.69
N VAL E 222 -36.07 37.36 16.59
CA VAL E 222 -36.44 36.02 16.17
C VAL E 222 -37.94 35.83 16.08
N ALA E 223 -38.42 35.47 14.90
CA ALA E 223 -39.85 35.25 14.70
C ALA E 223 -40.23 33.84 15.13
N LEU E 224 -41.37 33.72 15.81
CA LEU E 224 -41.83 32.41 16.25
C LEU E 224 -42.06 31.51 15.05
N ARG F 36 37.11 28.04 19.21
CA ARG F 36 36.49 29.13 20.03
C ARG F 36 34.97 29.10 19.86
N SER F 37 34.50 29.19 18.61
CA SER F 37 33.08 29.15 18.32
C SER F 37 32.72 27.70 18.02
N ALA F 38 31.49 27.31 18.35
CA ALA F 38 31.05 25.94 18.13
C ALA F 38 30.92 25.52 16.67
N ARG F 39 31.28 24.28 16.40
CA ARG F 39 31.20 23.69 15.07
C ARG F 39 30.43 22.39 15.25
N VAL F 40 30.04 21.76 14.14
CA VAL F 40 29.29 20.51 14.23
C VAL F 40 30.06 19.47 15.04
N SER F 41 31.39 19.53 15.00
CA SER F 41 32.22 18.58 15.73
C SER F 41 32.03 18.69 17.25
N ASP F 42 31.52 19.84 17.70
CA ASP F 42 31.29 20.09 19.12
C ASP F 42 29.89 19.62 19.56
N TYR F 43 29.11 19.11 18.62
CA TYR F 43 27.74 18.66 18.88
C TYR F 43 27.64 17.14 19.03
N PRO F 44 26.81 16.68 19.97
CA PRO F 44 25.98 17.47 20.88
C PRO F 44 26.77 18.05 22.05
N LEU F 45 26.45 19.29 22.42
CA LEU F 45 27.14 19.95 23.52
C LEU F 45 27.09 19.12 24.79
N ALA F 46 25.92 18.56 25.07
CA ALA F 46 25.75 17.76 26.27
C ALA F 46 26.79 16.65 26.40
N ASN F 47 27.24 16.11 25.27
CA ASN F 47 28.22 15.04 25.31
C ASN F 47 29.68 15.49 25.20
N LYS F 48 29.94 16.43 24.31
CA LYS F 48 31.31 16.89 24.08
C LYS F 48 31.80 18.09 24.90
N HIS F 49 30.90 18.94 25.36
CA HIS F 49 31.29 20.10 26.14
C HIS F 49 30.23 20.47 27.17
N PRO F 50 29.85 19.51 28.03
CA PRO F 50 28.84 19.77 29.06
C PRO F 50 29.12 21.04 29.87
N GLU F 51 30.41 21.33 30.09
CA GLU F 51 30.78 22.49 30.88
C GLU F 51 30.49 23.81 30.18
N TRP F 52 30.32 23.80 28.86
CA TRP F 52 30.00 25.02 28.13
C TRP F 52 28.59 25.45 28.46
N VAL F 53 27.82 24.54 29.06
CA VAL F 53 26.43 24.81 29.40
C VAL F 53 26.22 25.27 30.83
N LYS F 54 25.76 26.50 30.97
CA LYS F 54 25.46 27.09 32.27
C LYS F 54 24.03 27.59 32.20
N THR F 55 23.39 27.78 33.36
CA THR F 55 22.02 28.26 33.37
C THR F 55 21.97 29.76 33.64
N ALA F 56 20.77 30.32 33.58
CA ALA F 56 20.58 31.75 33.81
C ALA F 56 21.15 32.18 35.15
N THR F 57 21.07 31.30 36.15
CA THR F 57 21.58 31.58 37.49
C THR F 57 22.99 31.03 37.68
N ASN F 58 23.65 30.72 36.57
CA ASN F 58 25.01 30.20 36.59
C ASN F 58 25.13 28.82 37.24
N LYS F 59 24.17 27.94 37.00
CA LYS F 59 24.20 26.60 37.56
C LYS F 59 24.68 25.63 36.47
N THR F 60 25.18 24.47 36.87
CA THR F 60 25.67 23.49 35.91
C THR F 60 24.69 22.32 35.83
N LEU F 61 24.79 21.54 34.78
CA LEU F 61 23.90 20.40 34.58
C LEU F 61 23.91 19.45 35.77
N ASP F 62 25.06 19.31 36.42
CA ASP F 62 25.18 18.42 37.57
C ASP F 62 24.50 18.94 38.83
N ASP F 63 24.28 20.24 38.91
CA ASP F 63 23.63 20.82 40.08
C ASP F 63 22.18 20.39 40.15
N PHE F 64 21.62 20.00 39.01
CA PHE F 64 20.24 19.58 38.95
C PHE F 64 20.09 18.10 39.27
N THR F 65 19.87 17.82 40.55
CA THR F 65 19.70 16.48 41.05
C THR F 65 18.40 16.45 41.82
N LEU F 66 17.89 15.26 42.11
CA LEU F 66 16.64 15.16 42.87
C LEU F 66 16.78 15.83 44.23
N GLU F 67 17.94 15.64 44.85
CA GLU F 67 18.21 16.22 46.16
C GLU F 67 18.02 17.74 46.16
N ASN F 68 18.64 18.42 45.19
CA ASN F 68 18.55 19.86 45.09
C ASN F 68 17.16 20.35 44.68
N VAL F 69 16.39 19.50 44.02
CA VAL F 69 15.04 19.89 43.62
C VAL F 69 14.12 19.81 44.83
N LEU F 70 14.24 18.71 45.57
CA LEU F 70 13.41 18.49 46.75
C LEU F 70 13.65 19.51 47.87
N SER F 71 14.88 20.00 48.01
CA SER F 71 15.20 20.97 49.05
C SER F 71 15.16 22.40 48.50
N ASN F 72 14.74 22.53 47.25
CA ASN F 72 14.67 23.82 46.59
C ASN F 72 16.02 24.52 46.48
N LYS F 73 17.09 23.74 46.40
CA LYS F 73 18.44 24.30 46.24
C LYS F 73 18.44 24.93 44.84
N VAL F 74 17.68 24.31 43.95
CA VAL F 74 17.51 24.79 42.59
C VAL F 74 16.02 24.81 42.30
N THR F 75 15.57 25.84 41.60
CA THR F 75 14.16 25.97 41.27
C THR F 75 14.03 26.25 39.77
N ALA F 76 12.79 26.25 39.27
CA ALA F 76 12.54 26.52 37.87
C ALA F 76 13.33 27.72 37.39
N GLN F 77 13.47 28.72 38.27
CA GLN F 77 14.21 29.93 37.96
C GLN F 77 15.65 29.59 37.55
N ASP F 78 16.17 28.52 38.12
CA ASP F 78 17.54 28.08 37.83
C ASP F 78 17.63 27.27 36.55
N MET F 79 16.52 26.67 36.14
CA MET F 79 16.48 25.84 34.94
C MET F 79 16.04 26.61 33.70
N ARG F 80 16.93 27.43 33.16
CA ARG F 80 16.62 28.20 31.97
C ARG F 80 17.82 28.33 31.07
N ILE F 81 17.67 27.88 29.82
CA ILE F 81 18.76 27.94 28.85
C ILE F 81 19.26 29.38 28.76
N THR F 82 20.56 29.54 28.55
CA THR F 82 21.16 30.86 28.47
C THR F 82 21.36 31.34 27.03
N PRO F 83 21.56 32.65 26.86
CA PRO F 83 21.77 33.17 25.51
C PRO F 83 23.12 32.66 24.99
N GLU F 84 24.01 32.33 25.92
CA GLU F 84 25.34 31.80 25.56
C GLU F 84 25.16 30.47 24.85
N THR F 85 24.39 29.58 25.48
CA THR F 85 24.13 28.25 24.92
C THR F 85 23.45 28.37 23.55
N LEU F 86 22.42 29.20 23.47
CA LEU F 86 21.71 29.37 22.21
C LEU F 86 22.61 29.91 21.11
N ARG F 87 23.58 30.75 21.48
CA ARG F 87 24.49 31.30 20.48
C ARG F 87 25.51 30.26 20.02
N LEU F 88 25.79 29.29 20.90
CA LEU F 88 26.71 28.22 20.54
C LEU F 88 25.98 27.33 19.54
N GLN F 89 24.68 27.15 19.76
CA GLN F 89 23.86 26.32 18.88
C GLN F 89 23.65 27.04 17.54
N ALA F 90 23.53 28.36 17.60
CA ALA F 90 23.35 29.14 16.38
C ALA F 90 24.58 28.94 15.50
N SER F 91 25.74 28.91 16.15
CA SER F 91 27.01 28.73 15.45
C SER F 91 27.09 27.33 14.86
N ILE F 92 26.58 26.36 15.59
CA ILE F 92 26.58 24.98 15.12
C ILE F 92 25.62 24.86 13.94
N ALA F 93 24.44 25.46 14.08
CA ALA F 93 23.45 25.42 13.02
C ALA F 93 24.04 25.99 11.74
N LYS F 94 24.74 27.11 11.88
CA LYS F 94 25.36 27.76 10.75
C LYS F 94 26.40 26.86 10.11
N ASP F 95 27.19 26.18 10.96
CA ASP F 95 28.22 25.29 10.47
C ASP F 95 27.59 24.08 9.78
N ALA F 96 26.32 23.82 10.08
CA ALA F 96 25.61 22.70 9.46
C ALA F 96 24.83 23.15 8.22
N GLY F 97 25.08 24.38 7.79
CA GLY F 97 24.42 24.90 6.60
C GLY F 97 23.01 25.43 6.76
N ARG F 98 22.57 25.63 8.00
CA ARG F 98 21.21 26.12 8.26
C ARG F 98 21.25 27.52 8.86
N ASP F 99 21.43 28.53 7.99
CA ASP F 99 21.52 29.91 8.43
C ASP F 99 20.24 30.45 9.06
N ARG F 100 19.10 30.20 8.42
CA ARG F 100 17.83 30.67 8.94
C ARG F 100 17.59 30.12 10.34
N LEU F 101 17.95 28.86 10.57
CA LEU F 101 17.79 28.27 11.89
C LEU F 101 18.69 28.99 12.89
N ALA F 102 19.87 29.38 12.45
CA ALA F 102 20.82 30.09 13.31
C ALA F 102 20.24 31.43 13.73
N MET F 103 19.61 32.12 12.78
CA MET F 103 19.00 33.42 13.05
C MET F 103 17.92 33.24 14.11
N ASN F 104 17.09 32.21 13.95
CA ASN F 104 16.04 31.92 14.89
C ASN F 104 16.64 31.77 16.29
N PHE F 105 17.73 31.02 16.40
CA PHE F 105 18.39 30.84 17.69
C PHE F 105 18.97 32.17 18.19
N GLU F 106 19.38 33.04 17.28
CA GLU F 106 19.92 34.34 17.65
C GLU F 106 18.83 35.19 18.30
N ARG F 107 17.62 35.14 17.72
CA ARG F 107 16.50 35.88 18.27
C ARG F 107 16.15 35.31 19.64
N ALA F 108 16.12 33.98 19.72
CA ALA F 108 15.81 33.29 20.97
C ALA F 108 16.77 33.72 22.08
N ALA F 109 18.05 33.87 21.72
CA ALA F 109 19.07 34.29 22.69
C ALA F 109 18.66 35.63 23.29
N GLU F 110 18.20 36.55 22.45
CA GLU F 110 17.79 37.86 22.92
C GLU F 110 16.56 37.76 23.81
N LEU F 111 15.64 36.88 23.44
CA LEU F 111 14.40 36.71 24.19
C LEU F 111 14.56 36.05 25.57
N THR F 112 15.70 35.41 25.81
CA THR F 112 15.92 34.76 27.10
C THR F 112 15.87 35.80 28.23
N ALA F 113 16.14 37.05 27.89
CA ALA F 113 16.14 38.13 28.90
C ALA F 113 14.74 38.68 29.18
N VAL F 114 13.80 38.40 28.29
CA VAL F 114 12.43 38.87 28.44
C VAL F 114 11.61 37.90 29.28
N PRO F 115 10.91 38.41 30.31
CA PRO F 115 10.10 37.57 31.20
C PRO F 115 8.98 36.85 30.44
N ASP F 116 8.56 35.70 30.96
CA ASP F 116 7.51 34.91 30.35
C ASP F 116 6.25 35.71 30.01
N ASP F 117 5.72 36.42 31.01
CA ASP F 117 4.51 37.22 30.80
C ASP F 117 4.67 38.26 29.71
N ARG F 118 5.86 38.84 29.59
CA ARG F 118 6.11 39.85 28.56
C ARG F 118 6.23 39.18 27.18
N ILE F 119 6.71 37.94 27.16
CA ILE F 119 6.85 37.20 25.90
C ILE F 119 5.43 36.99 25.36
N LEU F 120 4.52 36.56 26.22
CA LEU F 120 3.14 36.34 25.84
C LEU F 120 2.51 37.64 25.38
N GLU F 121 2.87 38.73 26.05
CA GLU F 121 2.34 40.04 25.69
C GLU F 121 2.74 40.45 24.28
N ILE F 122 4.03 40.33 23.99
CA ILE F 122 4.55 40.72 22.69
C ILE F 122 4.02 39.79 21.59
N TYR F 123 3.92 38.50 21.88
CA TYR F 123 3.40 37.56 20.89
C TYR F 123 1.99 37.96 20.54
N ASN F 124 1.14 38.09 21.55
CA ASN F 124 -0.24 38.46 21.31
C ASN F 124 -0.36 39.80 20.57
N ALA F 125 0.52 40.74 20.90
CA ALA F 125 0.48 42.05 20.24
C ALA F 125 0.73 41.94 18.73
N LEU F 126 1.49 40.93 18.31
CA LEU F 126 1.79 40.73 16.90
C LEU F 126 0.70 39.98 16.14
N ARG F 127 -0.28 39.42 16.86
CA ARG F 127 -1.37 38.70 16.21
C ARG F 127 -2.29 39.72 15.55
N PRO F 128 -3.09 39.29 14.57
CA PRO F 128 -4.02 40.16 13.83
C PRO F 128 -4.96 41.07 14.62
N TYR F 129 -5.02 42.33 14.20
CA TYR F 129 -5.90 43.34 14.77
C TYR F 129 -5.74 43.65 16.25
N ARG F 130 -4.64 43.19 16.85
CA ARG F 130 -4.42 43.42 18.26
C ARG F 130 -3.83 44.78 18.63
N SER F 131 -2.92 45.31 17.80
CA SER F 131 -2.25 46.57 18.13
C SER F 131 -2.32 47.71 17.11
N THR F 132 -1.99 48.91 17.58
CA THR F 132 -1.92 50.09 16.74
C THR F 132 -0.45 50.11 16.33
N LYS F 133 -0.12 50.82 15.25
CA LYS F 133 1.27 50.87 14.83
C LYS F 133 2.15 51.41 15.95
N GLU F 134 1.64 52.42 16.65
CA GLU F 134 2.36 53.06 17.75
C GLU F 134 2.75 52.06 18.84
N GLU F 135 1.81 51.20 19.22
CA GLU F 135 2.08 50.23 20.27
C GLU F 135 3.18 49.25 19.86
N LEU F 136 3.18 48.85 18.60
CA LEU F 136 4.20 47.92 18.10
C LEU F 136 5.58 48.56 18.17
N LEU F 137 5.68 49.81 17.71
CA LEU F 137 6.95 50.52 17.74
C LEU F 137 7.38 50.70 19.18
N ALA F 138 6.40 50.88 20.07
CA ALA F 138 6.66 51.04 21.49
C ALA F 138 7.27 49.76 22.02
N ILE F 139 6.79 48.62 21.51
CA ILE F 139 7.31 47.33 21.92
C ILE F 139 8.74 47.19 21.39
N ALA F 140 8.97 47.64 20.17
CA ALA F 140 10.29 47.56 19.57
C ALA F 140 11.29 48.32 20.43
N ASP F 141 11.01 49.59 20.68
CA ASP F 141 11.88 50.44 21.50
C ASP F 141 12.17 49.79 22.84
N ASP F 142 11.16 49.21 23.47
CA ASP F 142 11.35 48.58 24.76
C ASP F 142 12.28 47.38 24.62
N LEU F 143 12.04 46.57 23.60
CA LEU F 143 12.87 45.38 23.35
C LEU F 143 14.33 45.80 23.22
N GLU F 144 14.55 46.86 22.47
CA GLU F 144 15.88 47.37 22.24
C GLU F 144 16.55 48.02 23.45
N SER F 145 15.91 49.04 24.01
CA SER F 145 16.48 49.76 25.15
C SER F 145 16.50 49.02 26.49
N ARG F 146 15.45 48.24 26.77
CA ARG F 146 15.39 47.53 28.04
C ARG F 146 16.00 46.14 28.03
N TYR F 147 16.00 45.47 26.88
CA TYR F 147 16.54 44.12 26.80
C TYR F 147 17.72 43.93 25.87
N GLN F 148 18.06 44.97 25.10
CA GLN F 148 19.17 44.89 24.17
C GLN F 148 18.88 43.85 23.09
N ALA F 149 17.59 43.71 22.76
CA ALA F 149 17.17 42.76 21.74
C ALA F 149 16.94 43.49 20.42
N LYS F 150 18.03 43.96 19.82
CA LYS F 150 17.94 44.71 18.57
C LYS F 150 17.40 43.91 17.40
N ILE F 151 17.76 42.63 17.31
CA ILE F 151 17.26 41.80 16.21
C ILE F 151 15.74 41.70 16.30
N CYS F 152 15.24 41.32 17.47
CA CYS F 152 13.80 41.21 17.69
C CYS F 152 13.10 42.56 17.52
N ALA F 153 13.72 43.62 18.01
CA ALA F 153 13.15 44.95 17.90
C ALA F 153 12.97 45.31 16.43
N ALA F 154 13.98 45.03 15.62
CA ALA F 154 13.92 45.32 14.19
C ALA F 154 12.84 44.45 13.53
N PHE F 155 12.72 43.22 14.03
CA PHE F 155 11.73 42.27 13.53
C PHE F 155 10.34 42.88 13.74
N VAL F 156 10.12 43.41 14.94
CA VAL F 156 8.85 44.01 15.30
C VAL F 156 8.56 45.29 14.53
N ARG F 157 9.59 46.10 14.30
CA ARG F 157 9.40 47.34 13.55
C ARG F 157 9.02 46.98 12.11
N GLU F 158 9.63 45.93 11.59
CA GLU F 158 9.35 45.47 10.24
C GLU F 158 7.88 45.08 10.16
N ALA F 159 7.41 44.36 11.17
CA ALA F 159 6.01 43.94 11.21
C ALA F 159 5.08 45.15 11.21
N ALA F 160 5.43 46.16 12.00
CA ALA F 160 4.62 47.37 12.09
C ALA F 160 4.35 48.02 10.74
N THR F 161 5.41 48.17 9.95
CA THR F 161 5.27 48.78 8.63
C THR F 161 4.36 47.95 7.73
N LEU F 162 4.62 46.65 7.65
CA LEU F 162 3.83 45.76 6.81
C LEU F 162 2.38 45.61 7.27
N TYR F 163 2.16 45.65 8.58
CA TYR F 163 0.81 45.55 9.14
C TYR F 163 -0.03 46.74 8.70
N VAL F 164 0.60 47.90 8.51
CA VAL F 164 -0.12 49.08 8.08
C VAL F 164 -0.57 48.82 6.64
N GLU F 165 0.39 48.44 5.80
CA GLU F 165 0.12 48.15 4.40
C GLU F 165 -0.88 47.01 4.19
N ARG F 166 -0.76 45.95 4.97
CA ARG F 166 -1.66 44.81 4.82
C ARG F 166 -2.88 44.85 5.74
N LYS F 167 -3.02 45.97 6.45
CA LYS F 167 -4.15 46.19 7.34
C LYS F 167 -4.43 45.07 8.35
N LYS F 168 -3.53 44.90 9.30
CA LYS F 168 -3.70 43.89 10.33
C LYS F 168 -3.57 44.52 11.72
N LEU F 169 -3.75 45.83 11.76
CA LEU F 169 -3.69 46.59 12.99
C LEU F 169 -5.08 46.70 13.59
N LYS F 170 -5.18 47.05 14.86
CA LYS F 170 -6.48 47.17 15.49
C LYS F 170 -7.37 48.11 14.68
N GLY F 171 -8.62 47.70 14.46
CA GLY F 171 -9.55 48.51 13.71
C GLY F 171 -9.55 48.24 12.21
N ASP F 172 -8.73 47.32 11.74
CA ASP F 172 -8.67 47.02 10.31
C ASP F 172 -9.61 45.90 9.86
N ASP F 173 -10.22 45.20 10.82
CA ASP F 173 -11.11 44.10 10.48
C ASP F 173 -12.56 44.52 10.22
C1 GOL G . -2.53 -18.84 -12.56
O1 GOL G . -1.94 -18.52 -13.79
C2 GOL G . -2.33 -17.71 -11.55
O2 GOL G . -2.94 -16.51 -12.06
C3 GOL G . -2.95 -18.06 -10.20
O3 GOL G . -2.49 -19.33 -9.76
CA CA H . -2.37 -16.04 -14.34
P PO4 I . -26.61 -7.27 -30.41
O1 PO4 I . -26.52 -8.74 -30.15
O2 PO4 I . -27.95 -6.95 -30.96
O3 PO4 I . -26.42 -6.54 -29.13
O4 PO4 I . -25.56 -6.87 -31.37
CO B12 J . -2.25 -26.38 -9.18
N21 B12 J . -3.97 -26.70 -9.90
N22 B12 J . -1.44 -27.27 -10.64
N23 B12 J . -0.61 -25.83 -8.34
N24 B12 J . -3.18 -25.29 -7.97
C1 B12 J . -5.18 -26.30 -9.07
C20 B12 J . -5.57 -27.43 -8.13
C2 B12 J . -6.32 -26.00 -10.22
C25 B12 J . -7.74 -26.24 -9.73
C26 B12 J . -6.28 -24.56 -10.86
C27 B12 J . -4.97 -24.07 -11.59
O28 B12 J . -4.05 -23.61 -10.94
N29 B12 J . -4.91 -24.22 -12.91
C3 B12 J . -5.87 -27.06 -11.32
C30 B12 J . -6.51 -28.50 -11.28
C31 B12 J . -7.51 -28.72 -12.37
C32 B12 J . -8.16 -30.06 -12.28
O34 B12 J . -7.56 -31.10 -12.46
N33 B12 J . -9.41 -30.02 -11.98
C4 B12 J . -4.33 -27.15 -11.11
C5 B12 J . -3.40 -27.63 -12.09
C35 B12 J . -4.02 -28.07 -13.41
C6 B12 J . -2.03 -27.72 -11.86
C7 B12 J . -0.91 -28.27 -12.82
C36 B12 J . -1.21 -29.65 -13.47
C37 B12 J . -0.46 -27.20 -13.87
C38 B12 J . 0.74 -27.45 -14.79
O39 B12 J . 1.26 -28.53 -14.92
N40 B12 J . 1.19 -26.35 -15.46
C8 B12 J . 0.30 -28.44 -11.83
C41 B12 J . 0.42 -29.85 -11.11
C42 B12 J . 1.62 -30.01 -10.14
C43 B12 J . 1.76 -31.28 -9.38
O44 B12 J . 0.95 -31.50 -8.46
N45 B12 J . 2.71 -32.12 -9.67
C9 B12 J . -0.11 -27.47 -10.73
C10 B12 J . 0.84 -26.89 -9.93
C11 B12 J . 0.66 -26.11 -8.86
C12 B12 J . 1.80 -25.42 -8.06
C46 B12 J . 2.11 -24.06 -8.76
C47 B12 J . 3.13 -26.18 -8.08
C13 B12 J . 1.11 -25.12 -6.74
C48 B12 J . 1.36 -26.21 -5.61
C49 B12 J . 1.05 -27.75 -5.94
C50 B12 J . 1.86 -28.75 -5.19
O51 B12 J . 2.52 -28.50 -4.17
N52 B12 J . 1.84 -30.00 -5.72
C14 B12 J . -0.43 -25.13 -7.14
C15 B12 J . -1.44 -24.54 -6.38
C53 B12 J . -1.05 -23.81 -5.10
C16 B12 J . -2.84 -24.61 -6.86
C17 B12 J . -4.10 -23.93 -6.17
C54 B12 J . -4.11 -22.44 -6.67
C55 B12 J . -4.26 -23.90 -4.64
C56 B12 J . -4.26 -25.19 -3.83
C57 B12 J . -4.12 -24.92 -2.36
O58 B12 J . -3.20 -24.12 -2.00
N59 B12 J . -4.94 -25.53 -1.52
C18 B12 J . -5.26 -24.77 -6.82
C60 B12 J . -6.60 -24.02 -6.95
C61 B12 J . -7.71 -24.65 -6.13
O63 B12 J . -7.42 -25.27 -5.07
N62 B12 J . -8.95 -24.55 -6.55
C19 B12 J . -4.66 -25.10 -8.19
C1P B12 J . -4.86 -25.32 -0.07
C2P B12 J . -3.98 -26.34 0.64
C3P B12 J . -3.90 -26.08 2.12
O3 B12 J . -4.65 -27.60 0.41
O4 B12 J . -4.88 -29.95 -0.22
O5 B12 J . -2.62 -29.14 0.63
P B12 J . -3.87 -28.88 -0.12
O2 B12 J . -3.48 -28.32 -1.58
C3R B12 J . -2.68 -29.11 -2.44
C2R B12 J . -3.38 -29.50 -3.71
O7R B12 J . -4.08 -28.40 -4.23
C1R B12 J . -2.14 -29.82 -4.61
O6R B12 J . -1.04 -29.07 -4.13
C4R B12 J . -1.46 -28.39 -2.91
C5R B12 J . -0.27 -28.26 -1.96
O8R B12 J . 0.27 -29.53 -1.63
N1B B12 J . -2.32 -29.54 -6.04
C8B B12 J . -2.62 -30.43 -7.04
C2B B12 J . -2.20 -28.32 -6.63
N3B B12 J . -2.41 -28.33 -7.98
C9B B12 J . -2.67 -29.67 -8.23
C4B B12 J . -2.97 -30.31 -9.44
C5B B12 J . -3.22 -31.71 -9.49
C5M B12 J . -3.51 -32.29 -10.72
C6B B12 J . -3.16 -32.47 -8.28
C6M B12 J . -3.42 -33.96 -8.27
C7B B12 J . -2.86 -31.82 -7.06
P PO4 K . -26.06 -38.98 -10.47
O1 PO4 K . -26.64 -40.33 -10.73
O2 PO4 K . -25.70 -38.34 -11.75
O3 PO4 K . -27.05 -38.15 -9.75
O4 PO4 K . -24.84 -39.13 -9.62
P PO4 L . -9.48 -29.66 -41.37
O1 PO4 L . -9.50 -30.95 -42.08
O2 PO4 L . -10.87 -29.26 -41.00
O3 PO4 L . -8.65 -29.77 -40.14
O4 PO4 L . -8.90 -28.62 -42.26
C1 GOL M . -1.93 17.04 15.08
O1 GOL M . -0.58 17.40 15.31
C2 GOL M . -2.01 15.96 14.01
O2 GOL M . -1.25 14.83 14.42
C3 GOL M . -3.46 15.54 13.77
O3 GOL M . -4.25 16.65 13.37
CA CA N . 0.92 15.42 15.19
P PO4 O . 7.80 -0.42 40.18
O1 PO4 O . 6.93 0.60 40.83
O2 PO4 O . 7.13 -0.95 38.97
O3 PO4 O . 9.09 0.21 39.80
O4 PO4 O . 8.06 -1.53 41.13
CO B12 P . -8.47 22.15 14.93
N21 B12 P . -8.80 21.68 16.72
N22 B12 P . -7.55 23.72 15.47
N23 B12 P . -8.15 22.38 13.06
N24 B12 P . -9.16 20.44 14.57
C1 B12 P . -9.68 20.47 17.01
C20 B12 P . -11.15 20.88 17.06
C2 B12 P . -9.11 19.94 18.45
C25 B12 P . -10.17 19.21 19.26
C26 B12 P . -7.84 18.99 18.38
C27 B12 P . -6.53 19.51 17.74
O28 B12 P . -6.37 19.46 16.53
N29 B12 P . -5.60 20.01 18.55
C3 B12 P . -8.69 21.32 19.09
C30 B12 P . -9.77 22.09 19.97
C31 B12 P . -9.47 22.04 21.43
C32 B12 P . -10.56 22.67 22.24
O34 B12 P . -10.82 23.86 22.20
N33 B12 P . -11.21 21.83 22.98
C4 B12 P . -8.28 22.18 17.85
C5 B12 P . -7.44 23.36 17.91
C35 B12 P . -6.95 23.73 19.31
C6 B12 P . -7.12 24.10 16.79
C7 B12 P . -6.25 25.43 16.69
C36 B12 P . -6.63 26.55 17.70
C37 B12 P . -4.71 25.15 16.67
C38 B12 P . -3.69 26.28 16.40
O39 B12 P . -4.00 27.45 16.42
N40 B12 P . -2.43 25.87 16.13
C8 B12 P . -6.60 25.92 15.24
C41 B12 P . -7.86 26.88 15.12
C42 B12 P . -8.08 27.52 13.72
C43 B12 P . -9.30 28.34 13.53
O44 B12 P . -10.40 27.75 13.48
N45 B12 P . -9.21 29.64 13.41
C9 B12 P . -7.05 24.63 14.60
C10 B12 P . -6.96 24.46 13.25
C11 B12 P . -7.41 23.44 12.50
C12 B12 P . -7.19 23.29 10.97
C46 B12 P . -5.82 22.56 10.75
C47 B12 P . -7.05 24.60 10.21
C13 B12 P . -8.29 22.30 10.61
C48 B12 P . -9.62 22.99 10.08
C49 B12 P . -10.28 24.16 10.95
C50 B12 P . -11.09 25.15 10.20
O51 B12 P . -11.51 24.97 9.04
N52 B12 P . -11.35 26.28 10.87
C14 B12 P . -8.61 21.58 11.99
C15 B12 P . -9.27 20.34 12.11
C53 B12 P . -9.66 19.63 10.83
C16 B12 P . -9.50 19.78 13.45
C17 B12 P . -10.15 18.37 13.77
C54 B12 P . -8.98 17.34 13.66
C55 B12 P . -11.33 17.83 12.95
C56 B12 P . -12.65 18.61 12.84
C57 B12 P . -13.53 18.06 11.76
O58 B12 P . -12.98 17.78 10.64
N59 B12 P . -14.81 17.89 12.00
C18 B12 P . -10.58 18.58 15.27
C60 B12 P . -10.59 17.30 16.14
C61 B12 P . -11.97 16.92 16.65
O63 B12 P . -13.00 17.22 15.98
N62 B12 P . -12.06 16.26 17.79
C19 B12 P . -9.50 19.56 15.75
C1P B12 P . -15.71 17.34 10.99
C2P B12 P . -16.41 18.42 10.17
C3P B12 P . -17.31 17.84 9.13
O3 B12 P . -17.21 19.12 11.17
O4 B12 P . -18.12 21.02 12.41
O5 B12 P . -17.39 21.38 10.00
P B12 P . -17.19 20.69 11.30
O2 B12 P . -15.67 20.87 11.76
C3R B12 P . -15.13 22.18 11.95
C2R B12 P . -14.68 22.47 13.34
O7R B12 P . -14.00 21.37 13.87
C1R B12 P . -13.69 23.64 13.06
O6R B12 P . -13.18 23.47 11.76
C4R B12 P . -13.93 22.40 11.10
C5R B12 P . -14.13 22.74 9.63
O8R B12 P . -14.80 23.98 9.48
N1B B12 P . -12.57 23.73 14.00
C8B B12 P . -12.44 24.56 15.10
C2B B12 P . -11.42 22.99 13.94
N3B B12 P . -10.53 23.29 14.92
C9B B12 P . -11.17 24.27 15.65
C4B B12 P . -10.75 24.96 16.79
C5B B12 P . -11.54 25.94 17.39
C5M B12 P . -11.07 26.60 18.52
C6B B12 P . -12.84 26.24 16.83
C6M B12 P . -13.71 27.28 17.45
C7B B12 P . -13.27 25.54 15.67
P PO4 Q . -24.09 19.51 36.80
O1 PO4 Q . -24.54 18.10 36.82
O2 PO4 Q . -24.16 20.04 35.41
O3 PO4 Q . -24.96 20.33 37.69
O4 PO4 Q . -22.68 19.60 37.27
P PO4 R . 10.76 29.83 40.90
O1 PO4 R . 9.86 31.00 41.01
O2 PO4 R . 10.73 29.31 39.51
O3 PO4 R . 12.15 30.24 41.25
O4 PO4 R . 10.32 28.76 41.84
#